data_5YK4
#
_entry.id   5YK4
#
_cell.length_a   89.940
_cell.length_b   102.400
_cell.length_c   236.170
_cell.angle_alpha   90.00
_cell.angle_beta   90.00
_cell.angle_gamma   90.00
#
_symmetry.space_group_name_H-M   'P 21 2 21'
#
loop_
_entity.id
_entity.type
_entity.pdbx_description
1 polymer 'DNA mismatch repair protein MutS'
2 non-polymer "ADENOSINE-5'-DIPHOSPHATE"
3 water water
#
_entity_poly.entity_id   1
_entity_poly.type   'polypeptide(L)'
_entity_poly.pdbx_seq_one_letter_code
;GPLGSMSKSAVSPMMQQYLGIKAQHTDKLVFYRMGDFYELFLDDAVEAAKLLDITLTTRGQMDGVPIKMAGVPFHAAEQY
LARLVKLGKSVAICEQVGEVGAGKGPVERKVVRIVTPGTLTDSALLEDKETNRIVAVSPDKKYIGLAWASLQSGEFKTKL
TTADKLNDELARLQAAEILLPDSKNAPQLQTASGVTRLNAWQFAADAGEKLLTEYFGCQDLRGFGLDSKEHAVSIGAAGA
LLNYIRLTQNLMPQHLDGLSLETDSQYIGMDAATRRNLEITQTLSGKKTPTLFSILDGCATHMGSRLLALWLHHPLRNRA
HIRARQEAVTALESQYEPLQCHLKSIADIERIAARIAVGNARPRDLASLRDSLFELAQIDLSATGSSLLETLKAVFPETL
PVAETLKAAVMPEPSVWLKDGNVINHGFHPELDELRRIQNHGDEFLLDLEAKERERTGLSTLKVEFNRVHGFYIELSKTQ
AEQAPADYQRRQTLKNAERFITPELKAFEDKVLTAQDQALALEKQLFDGVLKNLRTALPQLQKAAKAAAALDVLSTFSAL
AKERNFVRPEFADYPVVHIENGRHPVVEQQVRHFTANHTDLDHKHRLMLLTGPNMGGKSTYMRQVALIVLLAHTGCFVPA
DAATIGPVDQIFTRIGASDDLASNRSTFMVEMSETAYILHHATEQSIVLMDEVGRGTSTFDGLALAHAIAEHLLQKNKSF
SLFATHYFELTYLPEAHAAAVNMHLSALEQGRDIVFLHQIQPGPAGKSYGIAVAKLAGLPVRALKAAQKHLNGLENQAAA
NRPQLDIFSTMPSEKGDEP
;
_entity_poly.pdbx_strand_id   A,B
#
# COMPACT_ATOMS: atom_id res chain seq x y z
N GLY A 4 -44.54 30.38 7.75
CA GLY A 4 -44.25 29.01 8.28
C GLY A 4 -45.07 28.72 9.55
N SER A 5 -46.30 28.23 9.39
CA SER A 5 -47.07 27.63 10.48
C SER A 5 -46.67 26.15 10.60
N MET A 6 -46.65 25.63 11.83
CA MET A 6 -46.12 24.29 12.07
C MET A 6 -46.86 23.47 13.11
N SER A 7 -46.08 22.78 13.95
CA SER A 7 -46.59 21.92 15.02
C SER A 7 -47.22 22.69 16.18
N LYS A 8 -47.09 22.17 17.40
CA LYS A 8 -46.29 21.00 17.67
C LYS A 8 -47.10 19.73 17.97
N SER A 9 -48.19 19.51 17.24
CA SER A 9 -48.81 18.20 17.20
C SER A 9 -48.27 17.32 16.07
N ALA A 10 -47.48 17.91 15.17
CA ALA A 10 -46.78 17.20 14.11
C ALA A 10 -45.33 16.82 14.48
N VAL A 11 -44.79 17.44 15.54
CA VAL A 11 -43.46 17.09 16.05
C VAL A 11 -43.60 16.73 17.51
N SER A 12 -42.87 15.70 17.92
CA SER A 12 -42.87 15.26 19.32
C SER A 12 -42.09 16.23 20.17
N PRO A 13 -42.40 16.29 21.48
CA PRO A 13 -41.64 17.19 22.35
C PRO A 13 -40.14 16.94 22.36
N MET A 14 -39.74 15.66 22.33
CA MET A 14 -38.32 15.35 22.27
C MET A 14 -37.68 15.89 21.00
N MET A 15 -38.41 15.72 19.90
CA MET A 15 -37.92 16.24 18.63
C MET A 15 -37.83 17.76 18.65
N GLN A 16 -38.77 18.42 19.32
CA GLN A 16 -38.72 19.87 19.46
C GLN A 16 -37.50 20.30 20.26
N GLN A 17 -37.14 19.52 21.28
CA GLN A 17 -35.90 19.77 22.00
C GLN A 17 -34.69 19.68 21.07
N TYR A 18 -34.62 18.59 20.30
CA TYR A 18 -33.51 18.41 19.38
C TYR A 18 -33.40 19.57 18.41
N LEU A 19 -34.53 20.00 17.83
CA LEU A 19 -34.52 21.15 16.96
C LEU A 19 -34.07 22.40 17.69
N GLY A 20 -34.38 22.47 18.99
CA GLY A 20 -33.91 23.58 19.81
C GLY A 20 -32.39 23.66 19.87
N ILE A 21 -31.74 22.50 20.00
CA ILE A 21 -30.29 22.51 20.00
C ILE A 21 -29.73 22.65 18.56
N LYS A 22 -30.39 22.03 17.59
CA LYS A 22 -29.87 21.98 16.23
C LYS A 22 -29.93 23.32 15.54
N ALA A 23 -30.91 24.15 15.89
CA ALA A 23 -31.00 25.49 15.30
C ALA A 23 -29.78 26.36 15.68
N GLN A 24 -29.09 26.03 16.78
CA GLN A 24 -27.88 26.73 17.17
C GLN A 24 -26.61 26.21 16.45
N HIS A 25 -26.72 25.08 15.72
CA HIS A 25 -25.57 24.44 15.10
C HIS A 25 -25.96 23.87 13.74
N THR A 26 -26.33 24.76 12.82
CA THR A 26 -26.76 24.37 11.48
C THR A 26 -25.59 24.02 10.58
N ASP A 27 -24.36 24.37 10.98
CA ASP A 27 -23.17 24.08 10.18
C ASP A 27 -22.38 22.87 10.65
N LYS A 28 -22.68 22.34 11.84
CA LYS A 28 -21.96 21.20 12.41
C LYS A 28 -22.89 20.00 12.52
N LEU A 29 -22.27 18.82 12.62
CA LEU A 29 -23.01 17.65 13.04
C LEU A 29 -23.31 17.75 14.54
N VAL A 30 -24.45 17.19 14.96
CA VAL A 30 -24.84 17.23 16.37
C VAL A 30 -25.04 15.80 16.85
N PHE A 31 -24.19 15.38 17.79
CA PHE A 31 -24.33 14.11 18.48
C PHE A 31 -25.33 14.30 19.61
N TYR A 32 -26.55 13.81 19.42
CA TYR A 32 -27.59 13.95 20.41
C TYR A 32 -27.60 12.72 21.31
N ARG A 33 -27.31 12.88 22.58
CA ARG A 33 -27.29 11.73 23.49
C ARG A 33 -28.69 11.11 23.60
N MET A 34 -28.81 9.85 23.20
CA MET A 34 -30.07 9.12 23.24
C MET A 34 -29.81 7.77 23.93
N GLY A 35 -30.03 7.75 25.25
CA GLY A 35 -29.79 6.53 26.03
C GLY A 35 -28.34 6.14 25.99
N ASP A 36 -28.05 4.96 25.46
CA ASP A 36 -26.68 4.45 25.37
C ASP A 36 -26.00 4.83 24.05
N PHE A 37 -26.67 5.67 23.25
CA PHE A 37 -26.18 5.99 21.93
C PHE A 37 -26.04 7.50 21.79
N TYR A 38 -25.32 7.89 20.74
CA TYR A 38 -25.40 9.24 20.21
C TYR A 38 -26.08 9.13 18.84
N GLU A 39 -27.17 9.85 18.67
CA GLU A 39 -27.93 9.81 17.45
C GLU A 39 -27.89 11.15 16.74
N LEU A 40 -27.91 11.08 15.41
CA LEU A 40 -28.08 12.26 14.55
C LEU A 40 -29.36 12.09 13.74
N PHE A 41 -30.03 13.21 13.44
CA PHE A 41 -31.31 13.19 12.74
C PHE A 41 -31.27 14.05 11.49
N LEU A 42 -32.16 13.72 10.55
CA LEU A 42 -32.30 14.47 9.30
C LEU A 42 -31.00 14.46 8.47
N ASP A 43 -30.63 15.64 7.95
CA ASP A 43 -29.46 15.74 7.12
C ASP A 43 -28.19 15.34 7.83
N ASP A 44 -28.14 15.55 9.14
CA ASP A 44 -27.01 15.05 9.93
C ASP A 44 -26.98 13.53 9.89
N ALA A 45 -28.17 12.90 9.97
CA ALA A 45 -28.23 11.45 9.89
C ALA A 45 -27.74 10.95 8.52
N VAL A 46 -28.14 11.63 7.44
CA VAL A 46 -27.73 11.21 6.11
C VAL A 46 -26.23 11.38 5.93
N GLU A 47 -25.71 12.56 6.29
CA GLU A 47 -24.28 12.83 6.18
C GLU A 47 -23.44 11.83 6.99
N ALA A 48 -23.82 11.61 8.24
CA ALA A 48 -23.09 10.65 9.06
C ALA A 48 -23.20 9.24 8.51
N ALA A 49 -24.35 8.91 7.93
CA ALA A 49 -24.52 7.59 7.31
C ALA A 49 -23.55 7.41 6.14
N LYS A 50 -23.32 8.46 5.36
CA LYS A 50 -22.34 8.39 4.29
C LYS A 50 -20.92 8.29 4.87
N LEU A 51 -20.57 9.20 5.78
CA LEU A 51 -19.21 9.37 6.20
C LEU A 51 -18.70 8.19 7.04
N LEU A 52 -19.54 7.70 7.94
CA LEU A 52 -19.08 6.74 8.94
C LEU A 52 -19.44 5.29 8.62
N ASP A 53 -20.12 5.06 7.50
CA ASP A 53 -20.53 3.72 7.09
C ASP A 53 -21.37 3.04 8.18
N ILE A 54 -22.23 3.82 8.82
CA ILE A 54 -23.22 3.30 9.75
C ILE A 54 -24.55 3.25 9.02
N THR A 55 -25.43 2.33 9.45
CA THR A 55 -26.68 2.17 8.72
C THR A 55 -27.64 3.31 9.04
N LEU A 56 -28.25 3.87 7.99
CA LEU A 56 -29.24 4.93 8.11
C LEU A 56 -30.63 4.34 8.27
N THR A 57 -31.39 4.84 9.23
CA THR A 57 -32.69 4.28 9.55
C THR A 57 -33.69 5.43 9.75
N THR A 58 -34.76 5.15 10.47
CA THR A 58 -35.86 6.09 10.68
C THR A 58 -36.41 5.92 12.09
N ARG A 59 -36.67 7.06 12.75
CA ARG A 59 -37.31 7.06 14.06
C ARG A 59 -38.38 8.15 14.10
N GLY A 60 -39.62 7.76 14.27
CA GLY A 60 -40.71 8.72 14.40
C GLY A 60 -40.99 9.46 13.11
N GLN A 61 -41.85 10.47 13.22
CA GLN A 61 -42.26 11.28 12.08
C GLN A 61 -42.26 12.76 12.45
N MET A 62 -41.98 13.60 11.45
CA MET A 62 -42.01 15.05 11.59
C MET A 62 -42.75 15.64 10.42
N ASP A 63 -43.85 16.35 10.70
CA ASP A 63 -44.72 16.95 9.67
C ASP A 63 -45.21 15.89 8.69
N GLY A 64 -45.43 14.68 9.20
CA GLY A 64 -45.90 13.57 8.38
C GLY A 64 -44.81 12.70 7.80
N VAL A 65 -43.63 13.27 7.59
CA VAL A 65 -42.53 12.56 6.96
C VAL A 65 -41.70 11.82 8.01
N PRO A 66 -41.33 10.55 7.76
CA PRO A 66 -40.47 9.85 8.70
C PRO A 66 -39.14 10.55 8.92
N ILE A 67 -38.67 10.51 10.16
CA ILE A 67 -37.44 11.18 10.56
C ILE A 67 -36.25 10.28 10.34
N LYS A 68 -35.34 10.70 9.46
CA LYS A 68 -34.14 9.92 9.22
C LYS A 68 -33.18 10.05 10.41
N MET A 69 -32.61 8.92 10.82
CA MET A 69 -31.80 8.84 12.03
C MET A 69 -30.64 7.91 11.81
N ALA A 70 -29.53 8.17 12.51
CA ALA A 70 -28.37 7.26 12.51
C ALA A 70 -27.64 7.41 13.82
N GLY A 71 -27.21 6.30 14.40
CA GLY A 71 -26.63 6.33 15.74
C GLY A 71 -25.31 5.61 15.85
N VAL A 72 -24.58 5.92 16.91
CA VAL A 72 -23.35 5.22 17.26
C VAL A 72 -23.39 4.89 18.75
N PRO A 73 -22.86 3.72 19.15
CA PRO A 73 -22.87 3.39 20.57
C PRO A 73 -21.91 4.27 21.36
N PHE A 74 -22.22 4.50 22.62
CA PHE A 74 -21.46 5.40 23.46
C PHE A 74 -20.00 4.97 23.53
N HIS A 75 -19.76 3.70 23.82
CA HIS A 75 -18.39 3.19 23.99
C HIS A 75 -17.51 3.38 22.76
N ALA A 76 -18.12 3.62 21.61
CA ALA A 76 -17.39 3.80 20.36
C ALA A 76 -17.37 5.22 19.87
N ALA A 77 -18.07 6.12 20.56
CA ALA A 77 -18.25 7.49 20.07
C ALA A 77 -16.91 8.13 19.69
N GLU A 78 -15.94 8.11 20.61
CA GLU A 78 -14.63 8.68 20.35
C GLU A 78 -14.08 8.22 18.99
N GLN A 79 -14.10 6.92 18.75
CA GLN A 79 -13.60 6.38 17.49
C GLN A 79 -14.21 7.13 16.30
N TYR A 80 -15.54 7.20 16.26
CA TYR A 80 -16.19 7.89 15.15
C TYR A 80 -15.81 9.36 15.13
N LEU A 81 -15.74 9.99 16.31
CA LEU A 81 -15.26 11.36 16.37
C LEU A 81 -13.86 11.46 15.72
N ALA A 82 -12.99 10.50 16.04
CA ALA A 82 -11.66 10.47 15.46
C ALA A 82 -11.74 10.52 13.92
N ARG A 83 -12.69 9.77 13.34
CA ARG A 83 -12.86 9.80 11.91
C ARG A 83 -13.36 11.18 11.44
N LEU A 84 -14.35 11.71 12.16
CA LEU A 84 -15.01 12.92 11.69
C LEU A 84 -14.05 14.12 11.64
N VAL A 85 -13.20 14.25 12.64
CA VAL A 85 -12.22 15.33 12.62
C VAL A 85 -11.10 15.06 11.58
N LYS A 86 -10.87 13.80 11.25
CA LYS A 86 -9.95 13.50 10.16
C LYS A 86 -10.53 13.86 8.79
N LEU A 87 -11.83 14.07 8.74
CA LEU A 87 -12.52 14.59 7.55
C LEU A 87 -12.84 16.08 7.68
N GLY A 88 -12.27 16.74 8.69
CA GLY A 88 -12.47 18.17 8.89
C GLY A 88 -13.82 18.57 9.45
N LYS A 89 -14.58 17.61 9.99
CA LYS A 89 -15.92 17.88 10.48
C LYS A 89 -15.90 18.28 11.95
N SER A 90 -16.80 19.19 12.31
CA SER A 90 -17.00 19.59 13.70
C SER A 90 -18.30 18.99 14.22
N VAL A 91 -18.31 18.59 15.48
CA VAL A 91 -19.45 17.91 16.07
C VAL A 91 -19.77 18.51 17.44
N ALA A 92 -20.97 19.06 17.59
CA ALA A 92 -21.45 19.45 18.90
C ALA A 92 -21.91 18.22 19.67
N ILE A 93 -21.69 18.20 20.97
CA ILE A 93 -21.98 17.03 21.79
C ILE A 93 -23.11 17.35 22.75
N CYS A 94 -24.34 17.13 22.31
CA CYS A 94 -25.51 17.42 23.13
C CYS A 94 -25.73 16.34 24.18
N GLU A 95 -25.56 16.73 25.44
CA GLU A 95 -25.94 15.90 26.59
C GLU A 95 -27.10 16.54 27.33
N GLN A 96 -27.54 15.90 28.40
CA GLN A 96 -28.55 16.50 29.28
C GLN A 96 -27.94 16.73 30.65
N VAL A 97 -28.00 17.97 31.13
CA VAL A 97 -27.38 18.36 32.38
C VAL A 97 -28.42 18.91 33.33
N GLY A 98 -28.08 18.93 34.61
CA GLY A 98 -28.97 19.50 35.59
C GLY A 98 -28.44 19.60 37.01
N GLU A 99 -29.22 19.08 37.94
CA GLU A 99 -28.94 19.21 39.37
C GLU A 99 -27.70 18.43 39.79
N PRO A 106 -35.03 19.44 36.74
CA PRO A 106 -33.81 18.70 36.94
C PRO A 106 -32.97 18.43 35.72
N VAL A 107 -33.50 18.67 34.51
CA VAL A 107 -32.70 18.39 33.31
C VAL A 107 -33.01 19.37 32.18
N GLU A 108 -31.95 19.84 31.54
CA GLU A 108 -32.03 20.65 30.31
C GLU A 108 -31.06 20.09 29.30
N ARG A 109 -31.34 20.30 28.03
CA ARG A 109 -30.49 19.84 26.94
C ARG A 109 -29.39 20.87 26.67
N LYS A 110 -28.14 20.42 26.68
CA LYS A 110 -26.98 21.30 26.53
C LYS A 110 -25.99 20.75 25.51
N VAL A 111 -25.01 21.58 25.12
CA VAL A 111 -24.04 21.23 24.09
C VAL A 111 -22.70 20.85 24.71
N VAL A 112 -22.42 21.41 25.88
CA VAL A 112 -21.31 20.96 26.75
C VAL A 112 -19.91 20.96 26.11
N ARG A 113 -19.85 20.71 24.82
CA ARG A 113 -18.57 20.50 24.15
C ARG A 113 -18.74 20.49 22.65
N ILE A 114 -17.82 21.14 21.93
CA ILE A 114 -17.80 21.11 20.47
C ILE A 114 -16.44 20.61 20.02
N VAL A 115 -16.43 19.51 19.27
CA VAL A 115 -15.18 18.89 18.85
C VAL A 115 -14.84 19.41 17.45
N THR A 116 -13.68 20.02 17.32
CA THR A 116 -13.22 20.62 16.09
C THR A 116 -11.80 20.13 15.78
N PRO A 117 -11.40 20.14 14.51
CA PRO A 117 -10.10 19.57 14.15
C PRO A 117 -8.90 20.25 14.80
N GLY A 118 -9.05 21.50 15.22
CA GLY A 118 -7.93 22.26 15.77
C GLY A 118 -7.95 22.57 17.26
N THR A 119 -8.91 22.01 17.99
CA THR A 119 -8.99 22.25 19.43
C THR A 119 -8.95 20.94 20.20
N LEU A 120 -8.23 19.96 19.67
CA LEU A 120 -8.20 18.62 20.24
C LEU A 120 -7.26 18.56 21.45
N THR A 121 -7.74 17.96 22.53
CA THR A 121 -6.89 17.65 23.68
C THR A 121 -7.05 16.20 24.15
N ASP A 122 -8.00 15.45 23.60
CA ASP A 122 -8.21 14.06 23.97
C ASP A 122 -7.25 13.15 23.25
N SER A 123 -6.61 12.26 23.99
CA SER A 123 -5.64 11.34 23.38
C SER A 123 -6.31 10.40 22.37
N ALA A 124 -7.61 10.18 22.52
CA ALA A 124 -8.36 9.37 21.57
C ALA A 124 -8.42 10.00 20.18
N LEU A 125 -8.28 11.32 20.10
CA LEU A 125 -8.44 12.05 18.86
C LEU A 125 -7.13 12.59 18.32
N LEU A 126 -6.02 12.30 19.00
CA LEU A 126 -4.69 12.80 18.62
C LEU A 126 -3.68 11.68 18.60
N GLU A 127 -2.83 11.69 17.57
CA GLU A 127 -1.69 10.80 17.56
C GLU A 127 -0.67 11.25 18.64
N ASP A 128 0.27 10.37 18.97
CA ASP A 128 1.23 10.63 20.03
C ASP A 128 2.16 11.79 19.68
N LYS A 129 2.66 11.82 18.45
CA LYS A 129 3.58 12.87 18.02
C LYS A 129 2.90 13.93 17.16
N GLU A 130 1.60 14.16 17.39
CA GLU A 130 0.80 15.05 16.57
C GLU A 130 0.72 16.44 17.21
N THR A 131 1.04 17.47 16.43
CA THR A 131 0.81 18.85 16.85
C THR A 131 -0.58 19.30 16.36
N ASN A 132 -1.35 19.92 17.25
CA ASN A 132 -2.70 20.33 16.95
C ASN A 132 -2.83 21.84 17.11
N ARG A 133 -2.85 22.55 15.98
CA ARG A 133 -2.85 24.00 15.96
C ARG A 133 -4.08 24.52 15.28
N ILE A 134 -4.61 25.62 15.83
CA ILE A 134 -5.69 26.38 15.18
C ILE A 134 -5.11 27.77 14.91
N VAL A 135 -5.26 28.23 13.68
CA VAL A 135 -4.74 29.55 13.29
C VAL A 135 -5.88 30.38 12.72
N ALA A 136 -6.01 31.60 13.23
CA ALA A 136 -6.98 32.57 12.76
C ALA A 136 -6.23 33.66 12.00
N VAL A 137 -6.74 34.02 10.83
CA VAL A 137 -6.14 35.06 10.02
C VAL A 137 -7.15 36.20 9.90
N SER A 138 -6.69 37.42 10.20
CA SER A 138 -7.49 38.61 10.09
C SER A 138 -6.87 39.48 9.04
N PRO A 139 -7.55 39.65 7.88
CA PRO A 139 -6.91 40.36 6.78
C PRO A 139 -7.29 41.83 6.72
N ASP A 140 -6.30 42.69 6.63
CA ASP A 140 -6.50 44.11 6.39
C ASP A 140 -6.29 44.49 4.91
N LYS A 141 -5.49 43.66 4.23
CA LYS A 141 -5.02 43.80 2.84
C LYS A 141 -3.62 44.40 2.79
N LYS A 142 -3.41 45.50 3.52
CA LYS A 142 -2.07 46.06 3.66
C LYS A 142 -1.17 45.09 4.43
N TYR A 143 -1.66 44.60 5.57
CA TYR A 143 -1.04 43.51 6.30
C TYR A 143 -2.11 42.47 6.61
N ILE A 144 -1.67 41.31 7.07
CA ILE A 144 -2.57 40.26 7.53
C ILE A 144 -2.11 39.81 8.92
N GLY A 145 -3.00 39.90 9.90
CA GLY A 145 -2.69 39.44 11.24
C GLY A 145 -2.90 37.95 11.35
N LEU A 146 -1.92 37.26 11.93
CA LEU A 146 -2.01 35.83 12.21
C LEU A 146 -1.97 35.59 13.70
N ALA A 147 -2.85 34.73 14.20
CA ALA A 147 -2.79 34.31 15.59
C ALA A 147 -3.04 32.82 15.63
N TRP A 148 -2.11 32.06 16.20
CA TRP A 148 -2.29 30.62 16.32
C TRP A 148 -2.18 30.17 17.76
N ALA A 149 -2.89 29.11 18.10
CA ALA A 149 -2.88 28.52 19.44
C ALA A 149 -2.93 27.02 19.35
N SER A 150 -2.31 26.36 20.33
CA SER A 150 -2.39 24.90 20.46
C SER A 150 -2.83 24.64 21.88
N LEU A 151 -4.04 24.07 22.00
CA LEU A 151 -4.59 23.77 23.32
C LEU A 151 -3.82 22.68 24.04
N GLN A 152 -3.25 21.73 23.29
CA GLN A 152 -2.53 20.64 23.90
C GLN A 152 -1.14 21.01 24.40
N SER A 153 -0.72 22.26 24.18
CA SER A 153 0.58 22.72 24.63
C SER A 153 0.53 24.11 25.25
N GLY A 154 -0.65 24.73 25.27
CA GLY A 154 -0.76 26.11 25.72
C GLY A 154 -0.15 27.13 24.78
N GLU A 155 0.21 26.73 23.56
CA GLU A 155 0.84 27.63 22.63
C GLU A 155 -0.11 28.76 22.23
N PHE A 156 0.40 29.99 22.24
CA PHE A 156 -0.41 31.15 21.91
C PHE A 156 0.52 32.21 21.36
N LYS A 157 0.49 32.41 20.05
CA LYS A 157 1.40 33.36 19.42
C LYS A 157 0.69 34.15 18.33
N THR A 158 1.10 35.40 18.19
CA THR A 158 0.58 36.27 17.15
C THR A 158 1.73 36.76 16.27
N LYS A 159 1.39 37.25 15.10
CA LYS A 159 2.38 37.69 14.13
C LYS A 159 1.71 38.60 13.09
N LEU A 160 2.48 39.54 12.56
CA LEU A 160 2.03 40.40 11.48
C LEU A 160 2.72 39.97 10.19
N THR A 161 1.94 39.58 9.19
CA THR A 161 2.51 39.13 7.92
C THR A 161 1.84 39.88 6.75
N THR A 162 2.02 39.38 5.53
CA THR A 162 1.41 39.98 4.36
C THR A 162 0.65 38.93 3.56
N ALA A 163 -0.13 39.37 2.60
CA ALA A 163 -0.90 38.46 1.77
C ALA A 163 0.01 37.56 0.90
N ASP A 164 1.13 38.09 0.42
CA ASP A 164 2.03 37.28 -0.39
C ASP A 164 2.88 36.32 0.42
N LYS A 165 3.14 36.65 1.68
CA LYS A 165 3.89 35.78 2.57
C LYS A 165 2.99 34.94 3.47
N LEU A 166 1.72 34.79 3.10
CA LEU A 166 0.74 34.15 3.98
C LEU A 166 0.83 32.63 3.94
N ASN A 167 0.74 32.06 2.75
CA ASN A 167 0.77 30.61 2.59
C ASN A 167 2.06 29.99 3.09
N ASP A 168 3.16 30.73 3.09
CA ASP A 168 4.38 30.25 3.71
C ASP A 168 4.20 30.06 5.21
N GLU A 169 3.55 31.01 5.85
CA GLU A 169 3.24 30.87 7.27
C GLU A 169 2.27 29.71 7.52
N LEU A 170 1.25 29.60 6.67
CA LEU A 170 0.29 28.52 6.78
C LEU A 170 0.96 27.16 6.67
N ALA A 171 1.92 27.06 5.76
CA ALA A 171 2.65 25.80 5.61
C ALA A 171 3.64 25.59 6.75
N ARG A 172 4.12 26.66 7.37
CA ARG A 172 4.98 26.52 8.53
C ARG A 172 4.22 25.98 9.74
N LEU A 173 2.98 26.45 9.92
CA LEU A 173 2.21 26.14 11.10
C LEU A 173 1.47 24.81 11.03
N GLN A 174 1.21 24.32 9.82
CA GLN A 174 0.55 23.04 9.60
C GLN A 174 -0.75 22.94 10.40
N ALA A 175 -1.49 24.04 10.46
CA ALA A 175 -2.68 24.09 11.31
C ALA A 175 -3.74 23.10 10.87
N ALA A 176 -4.40 22.47 11.85
CA ALA A 176 -5.51 21.57 11.56
C ALA A 176 -6.83 22.31 11.32
N GLU A 177 -6.87 23.61 11.62
CA GLU A 177 -8.09 24.38 11.46
C GLU A 177 -7.73 25.87 11.33
N ILE A 178 -8.43 26.57 10.42
CA ILE A 178 -8.16 27.96 10.13
C ILE A 178 -9.44 28.78 10.33
N LEU A 179 -9.42 29.76 11.23
CA LEU A 179 -10.52 30.68 11.40
C LEU A 179 -10.34 31.90 10.48
N LEU A 180 -11.35 32.13 9.62
CA LEU A 180 -11.39 33.26 8.70
C LEU A 180 -12.58 34.15 9.01
N PRO A 181 -12.49 35.44 8.66
CA PRO A 181 -13.69 36.28 8.73
C PRO A 181 -14.69 35.91 7.63
N ASP A 182 -15.93 36.34 7.82
CA ASP A 182 -17.02 36.04 6.89
C ASP A 182 -17.11 37.03 5.73
N SER A 183 -16.30 38.09 5.75
CA SER A 183 -16.38 39.15 4.76
C SER A 183 -16.10 38.63 3.35
N LYS A 184 -16.68 39.31 2.37
CA LYS A 184 -16.37 39.00 0.97
C LYS A 184 -14.93 39.38 0.60
N ASN A 185 -14.32 40.25 1.40
CA ASN A 185 -12.92 40.63 1.25
C ASN A 185 -11.98 39.70 2.02
N ALA A 186 -12.47 38.53 2.44
CA ALA A 186 -11.62 37.53 3.08
C ALA A 186 -10.56 37.05 2.08
N PRO A 187 -9.41 36.57 2.58
CA PRO A 187 -8.35 36.17 1.65
C PRO A 187 -8.63 34.81 1.03
N GLN A 188 -8.78 34.79 -0.29
CA GLN A 188 -8.96 33.54 -1.02
C GLN A 188 -7.72 32.67 -0.86
N LEU A 189 -7.93 31.40 -0.60
CA LEU A 189 -6.83 30.48 -0.36
C LEU A 189 -7.30 29.06 -0.58
N GLN A 190 -6.35 28.12 -0.59
CA GLN A 190 -6.68 26.71 -0.72
C GLN A 190 -7.43 26.22 0.51
N THR A 191 -8.11 25.10 0.35
CA THR A 191 -8.90 24.54 1.46
C THR A 191 -8.92 23.01 1.41
N ALA A 192 -7.93 22.24 1.91
CA ALA A 192 -6.72 22.48 2.77
C ALA A 192 -6.96 21.72 4.07
N SER A 193 -7.15 22.47 5.15
CA SER A 193 -7.68 21.94 6.38
C SER A 193 -9.11 22.47 6.57
N GLY A 194 -9.67 22.25 7.75
CA GLY A 194 -11.01 22.75 8.04
C GLY A 194 -10.98 24.27 8.13
N VAL A 195 -11.71 24.92 7.23
CA VAL A 195 -11.82 26.37 7.23
C VAL A 195 -13.13 26.75 7.91
N THR A 196 -13.02 27.44 9.04
CA THR A 196 -14.18 27.86 9.82
C THR A 196 -14.33 29.36 9.71
N ARG A 197 -15.50 29.80 9.23
CA ARG A 197 -15.77 31.21 9.03
C ARG A 197 -16.53 31.76 10.22
N LEU A 198 -16.15 32.97 10.65
CA LEU A 198 -16.66 33.55 11.89
C LEU A 198 -17.29 34.89 11.64
N ASN A 199 -18.33 35.19 12.42
CA ASN A 199 -18.99 36.49 12.40
C ASN A 199 -17.95 37.61 12.52
N ALA A 200 -17.60 38.19 11.37
CA ALA A 200 -16.53 39.19 11.21
C ALA A 200 -16.24 40.05 12.43
N TRP A 201 -17.30 40.44 13.14
CA TRP A 201 -17.16 41.28 14.32
C TRP A 201 -16.24 40.66 15.37
N GLN A 202 -16.04 39.35 15.34
CA GLN A 202 -15.17 38.68 16.31
C GLN A 202 -13.70 38.93 16.06
N PHE A 203 -13.35 39.51 14.92
CA PHE A 203 -11.97 39.91 14.65
C PHE A 203 -11.71 41.39 14.96
N ALA A 204 -12.63 42.04 15.68
CA ALA A 204 -12.44 43.44 16.04
C ALA A 204 -11.21 43.64 16.92
N ALA A 205 -10.47 44.70 16.66
CA ALA A 205 -9.22 44.95 17.37
C ALA A 205 -9.46 45.35 18.83
N ASP A 206 -10.41 46.26 19.06
CA ASP A 206 -10.68 46.74 20.41
C ASP A 206 -11.28 45.65 21.29
N ALA A 207 -12.29 44.95 20.78
CA ALA A 207 -12.88 43.83 21.50
C ALA A 207 -11.84 42.73 21.79
N GLY A 208 -10.98 42.47 20.81
CA GLY A 208 -9.92 41.51 20.99
C GLY A 208 -8.94 41.94 22.09
N GLU A 209 -8.67 43.25 22.14
CA GLU A 209 -7.80 43.76 23.19
C GLU A 209 -8.44 43.61 24.59
N LYS A 210 -9.73 43.86 24.67
CA LYS A 210 -10.45 43.64 25.93
C LYS A 210 -10.39 42.16 26.34
N LEU A 211 -10.62 41.26 25.39
CA LEU A 211 -10.59 39.84 25.69
C LEU A 211 -9.20 39.40 26.16
N LEU A 212 -8.15 39.89 25.49
CA LEU A 212 -6.80 39.50 25.87
C LEU A 212 -6.43 40.04 27.26
N THR A 213 -6.58 41.35 27.45
CA THR A 213 -6.25 41.94 28.74
C THR A 213 -7.07 41.33 29.88
N GLU A 214 -8.30 40.92 29.59
CA GLU A 214 -9.10 40.19 30.57
C GLU A 214 -8.49 38.82 30.87
N TYR A 215 -8.23 38.05 29.82
CA TYR A 215 -7.73 36.69 29.99
C TYR A 215 -6.40 36.66 30.76
N PHE A 216 -5.53 37.64 30.53
CA PHE A 216 -4.21 37.62 31.15
C PHE A 216 -4.11 38.44 32.43
N GLY A 217 -5.14 39.23 32.73
CA GLY A 217 -5.12 40.07 33.93
C GLY A 217 -4.01 41.11 33.90
N CYS A 218 -4.07 42.00 32.92
CA CYS A 218 -3.09 43.08 32.79
C CYS A 218 -3.82 44.33 32.29
N GLN A 219 -3.10 45.44 32.24
CA GLN A 219 -3.72 46.70 31.84
C GLN A 219 -3.70 46.88 30.31
N ASP A 220 -2.62 46.47 29.67
CA ASP A 220 -2.47 46.65 28.24
C ASP A 220 -1.71 45.46 27.66
N LEU A 221 -1.49 45.49 26.35
CA LEU A 221 -0.74 44.46 25.66
C LEU A 221 0.70 44.88 25.36
N ARG A 222 1.21 45.86 26.09
CA ARG A 222 2.55 46.38 25.81
C ARG A 222 3.64 45.35 26.11
N GLY A 223 3.58 44.74 27.28
CA GLY A 223 4.58 43.74 27.67
C GLY A 223 4.76 42.63 26.67
N PHE A 224 3.69 42.30 25.96
CA PHE A 224 3.76 41.31 24.90
C PHE A 224 4.34 41.87 23.62
N GLY A 225 4.33 43.20 23.48
CA GLY A 225 4.94 43.87 22.33
C GLY A 225 3.94 44.18 21.24
N LEU A 226 2.77 44.68 21.62
CA LEU A 226 1.71 44.90 20.65
C LEU A 226 1.21 46.34 20.62
N ASP A 227 0.20 46.62 21.44
CA ASP A 227 -0.50 47.91 21.47
C ASP A 227 -1.27 48.19 20.18
N SER A 228 -2.36 48.95 20.30
CA SER A 228 -3.45 48.89 19.32
C SER A 228 -3.15 49.55 17.98
N LYS A 229 -2.03 50.24 17.85
CA LYS A 229 -1.81 51.03 16.65
C LYS A 229 -1.56 50.16 15.41
N GLU A 230 -0.38 49.54 15.33
CA GLU A 230 0.00 48.82 14.10
C GLU A 230 -0.27 47.32 14.16
N HIS A 231 -0.40 46.78 15.37
CA HIS A 231 -0.68 45.35 15.55
C HIS A 231 -2.15 45.06 15.75
N ALA A 232 -3.02 46.00 15.38
CA ALA A 232 -4.45 45.89 15.70
C ALA A 232 -5.07 44.66 15.06
N VAL A 233 -4.71 44.38 13.81
CA VAL A 233 -5.33 43.31 13.06
C VAL A 233 -4.97 41.92 13.66
N SER A 234 -3.74 41.79 14.14
CA SER A 234 -3.32 40.56 14.79
C SER A 234 -3.94 40.44 16.21
N ILE A 235 -4.13 41.57 16.89
CA ILE A 235 -4.87 41.56 18.14
C ILE A 235 -6.30 41.04 17.91
N GLY A 236 -6.92 41.50 16.82
CA GLY A 236 -8.23 40.98 16.45
C GLY A 236 -8.20 39.49 16.16
N ALA A 237 -7.16 39.02 15.47
CA ALA A 237 -6.99 37.60 15.22
C ALA A 237 -6.92 36.82 16.53
N ALA A 238 -6.12 37.31 17.48
CA ALA A 238 -6.01 36.63 18.78
C ALA A 238 -7.36 36.65 19.52
N GLY A 239 -8.10 37.75 19.41
CA GLY A 239 -9.42 37.82 20.03
C GLY A 239 -10.37 36.79 19.45
N ALA A 240 -10.37 36.65 18.12
CA ALA A 240 -11.18 35.61 17.48
C ALA A 240 -10.77 34.23 17.99
N LEU A 241 -9.47 34.01 18.15
CA LEU A 241 -8.99 32.72 18.61
C LEU A 241 -9.48 32.40 20.01
N LEU A 242 -9.34 33.37 20.91
CA LEU A 242 -9.81 33.21 22.29
C LEU A 242 -11.32 32.95 22.33
N ASN A 243 -12.09 33.68 21.52
CA ASN A 243 -13.52 33.51 21.49
C ASN A 243 -13.90 32.11 21.02
N TYR A 244 -13.20 31.63 19.98
CA TYR A 244 -13.49 30.29 19.47
C TYR A 244 -13.16 29.22 20.53
N ILE A 245 -12.01 29.37 21.20
CA ILE A 245 -11.65 28.45 22.27
C ILE A 245 -12.74 28.45 23.35
N ARG A 246 -13.28 29.63 23.65
CA ARG A 246 -14.33 29.72 24.66
C ARG A 246 -15.62 29.05 24.19
N LEU A 247 -15.93 29.17 22.91
CA LEU A 247 -17.14 28.55 22.39
C LEU A 247 -17.06 27.01 22.37
N THR A 248 -15.89 26.48 22.06
CA THR A 248 -15.78 25.05 21.77
C THR A 248 -15.48 24.17 22.98
N GLN A 249 -14.85 24.73 24.00
CA GLN A 249 -14.43 23.91 25.15
C GLN A 249 -15.45 23.99 26.28
N ASN A 250 -15.51 22.92 27.05
CA ASN A 250 -16.38 22.85 28.22
C ASN A 250 -16.00 23.96 29.23
N LEU A 251 -14.77 23.92 29.72
CA LEU A 251 -14.24 24.94 30.61
C LEU A 251 -13.29 25.83 29.83
N MET A 252 -13.19 27.09 30.22
CA MET A 252 -12.27 28.01 29.53
C MET A 252 -10.85 27.75 30.04
N PRO A 253 -9.93 27.32 29.16
CA PRO A 253 -8.60 26.97 29.63
C PRO A 253 -7.81 28.18 30.05
N GLN A 254 -7.13 28.07 31.19
CA GLN A 254 -6.27 29.12 31.71
C GLN A 254 -4.79 28.76 31.58
N HIS A 255 -4.46 27.88 30.63
CA HIS A 255 -3.09 27.39 30.52
C HIS A 255 -2.35 27.92 29.29
N LEU A 256 -2.97 28.83 28.53
CA LEU A 256 -2.31 29.40 27.37
C LEU A 256 -1.15 30.26 27.81
N ASP A 257 0.06 29.85 27.46
CA ASP A 257 1.24 30.60 27.89
C ASP A 257 1.30 31.93 27.18
N GLY A 258 1.70 32.96 27.93
CA GLY A 258 1.93 34.33 27.43
C GLY A 258 1.20 34.72 26.16
N LEU A 259 1.93 35.43 25.29
CA LEU A 259 1.48 35.79 23.95
C LEU A 259 2.57 36.63 23.31
N SER A 260 3.44 35.97 22.56
CA SER A 260 4.59 36.62 21.97
C SER A 260 4.27 37.01 20.53
N LEU A 261 4.63 38.23 20.18
CA LEU A 261 4.64 38.65 18.79
C LEU A 261 5.87 38.08 18.09
N GLU A 262 5.64 37.33 17.03
CA GLU A 262 6.74 36.73 16.28
C GLU A 262 7.27 37.69 15.22
N THR A 263 8.57 37.94 15.27
CA THR A 263 9.25 38.73 14.26
C THR A 263 9.88 37.82 13.20
N ASP A 264 10.11 38.38 12.03
CA ASP A 264 10.77 37.63 10.95
C ASP A 264 12.26 37.39 11.22
N SER A 265 12.79 37.94 12.30
CA SER A 265 14.23 37.94 12.54
C SER A 265 14.70 36.95 13.59
N GLN A 266 13.79 36.17 14.16
CA GLN A 266 14.18 35.24 15.21
C GLN A 266 14.39 33.80 14.78
N TYR A 267 13.84 33.42 13.63
CA TYR A 267 14.00 32.06 13.10
C TYR A 267 14.54 32.14 11.68
N ILE A 268 15.33 31.14 11.32
CA ILE A 268 15.80 31.01 9.95
C ILE A 268 14.60 30.75 9.03
N GLY A 269 14.34 31.69 8.14
CA GLY A 269 13.16 31.61 7.31
C GLY A 269 13.28 30.54 6.25
N MET A 270 12.19 29.80 6.06
CA MET A 270 12.10 28.79 5.01
C MET A 270 10.67 28.84 4.48
N ASP A 271 10.54 28.72 3.17
CA ASP A 271 9.23 28.76 2.53
C ASP A 271 8.59 27.37 2.54
N ALA A 272 7.36 27.30 2.05
CA ALA A 272 6.65 26.01 1.97
C ALA A 272 7.44 25.01 1.12
N ALA A 273 7.83 25.43 -0.08
CA ALA A 273 8.57 24.56 -0.97
C ALA A 273 9.85 24.06 -0.32
N THR A 274 10.54 24.94 0.41
CA THR A 274 11.78 24.53 1.05
C THR A 274 11.53 23.50 2.14
N ARG A 275 10.49 23.69 2.94
CA ARG A 275 10.14 22.71 3.98
C ARG A 275 9.81 21.37 3.36
N ARG A 276 9.04 21.38 2.27
CA ARG A 276 8.68 20.12 1.62
C ARG A 276 9.90 19.44 1.05
N ASN A 277 10.74 20.20 0.34
CA ASN A 277 11.85 19.60 -0.38
C ASN A 277 12.91 19.07 0.58
N LEU A 278 13.15 19.77 1.68
CA LEU A 278 14.13 19.30 2.64
C LEU A 278 13.64 18.10 3.46
N GLU A 279 12.34 17.79 3.36
CA GLU A 279 11.72 16.63 4.01
C GLU A 279 11.98 16.63 5.52
N ILE A 280 11.60 17.73 6.16
CA ILE A 280 11.87 17.88 7.59
C ILE A 280 10.97 16.95 8.40
N THR A 281 9.65 17.16 8.29
CA THR A 281 8.68 16.30 8.97
C THR A 281 7.73 15.60 8.02
N GLN A 282 8.10 15.47 6.75
CA GLN A 282 7.20 14.98 5.73
C GLN A 282 7.98 14.75 4.44
N THR A 283 7.70 13.64 3.77
CA THR A 283 8.39 13.32 2.54
C THR A 283 7.81 14.08 1.35
N LEU A 284 8.44 13.94 0.19
CA LEU A 284 7.88 14.47 -1.04
C LEU A 284 6.67 13.67 -1.52
N SER A 285 6.60 12.40 -1.14
CA SER A 285 5.39 11.60 -1.29
C SER A 285 4.46 11.69 -0.08
N GLY A 286 4.80 12.52 0.90
CA GLY A 286 3.93 12.82 2.04
C GLY A 286 3.76 11.70 3.06
N LYS A 287 4.88 11.22 3.61
CA LYS A 287 4.86 10.11 4.57
C LYS A 287 5.83 10.39 5.71
N LYS A 288 6.13 9.36 6.49
CA LYS A 288 7.24 9.39 7.44
C LYS A 288 8.41 8.50 6.99
N THR A 289 8.39 8.10 5.72
CA THR A 289 9.51 7.39 5.10
C THR A 289 10.78 8.24 5.21
N PRO A 290 11.85 7.70 5.83
CA PRO A 290 12.99 8.49 6.31
C PRO A 290 12.98 10.00 6.06
N THR A 291 12.52 10.76 7.05
CA THR A 291 12.60 12.21 7.02
C THR A 291 13.67 12.68 8.02
N LEU A 292 13.90 13.99 8.08
CA LEU A 292 14.83 14.53 9.06
C LEU A 292 14.33 14.25 10.48
N PHE A 293 13.03 14.47 10.70
CA PHE A 293 12.44 14.24 12.00
C PHE A 293 12.52 12.77 12.42
N SER A 294 12.16 11.87 11.52
CA SER A 294 12.13 10.44 11.85
C SER A 294 13.54 9.93 12.12
N ILE A 295 14.52 10.40 11.35
CA ILE A 295 15.90 10.00 11.57
C ILE A 295 16.41 10.55 12.91
N LEU A 296 15.96 11.75 13.29
CA LEU A 296 16.44 12.36 14.52
C LEU A 296 15.55 12.10 15.72
N ASP A 297 14.39 11.47 15.52
CA ASP A 297 13.43 11.28 16.62
C ASP A 297 13.85 10.12 17.50
N GLY A 298 14.63 10.42 18.52
CA GLY A 298 15.02 9.42 19.49
C GLY A 298 14.53 9.81 20.85
N CYS A 299 13.51 10.67 20.87
CA CYS A 299 12.96 11.16 22.13
C CYS A 299 12.30 10.04 22.92
N ALA A 300 12.36 10.18 24.25
CA ALA A 300 11.77 9.20 25.14
C ALA A 300 10.32 9.49 25.44
N THR A 301 9.89 10.73 25.22
CA THR A 301 8.51 11.14 25.48
C THR A 301 7.84 11.65 24.21
N HIS A 302 6.51 11.59 24.17
CA HIS A 302 5.77 12.13 23.03
C HIS A 302 5.94 13.65 22.95
N MET A 303 5.79 14.34 24.08
CA MET A 303 6.02 15.79 24.14
C MET A 303 7.44 16.15 23.66
N GLY A 304 8.41 15.30 23.95
CA GLY A 304 9.75 15.53 23.44
C GLY A 304 9.81 15.46 21.93
N SER A 305 9.15 14.47 21.35
CA SER A 305 9.13 14.37 19.89
C SER A 305 8.44 15.59 19.25
N ARG A 306 7.30 15.99 19.80
CA ARG A 306 6.62 17.17 19.30
C ARG A 306 7.52 18.41 19.38
N LEU A 307 8.22 18.56 20.50
CA LEU A 307 9.16 19.66 20.64
C LEU A 307 10.28 19.57 19.61
N LEU A 308 10.75 18.35 19.33
CA LEU A 308 11.79 18.17 18.33
C LEU A 308 11.32 18.65 16.94
N ALA A 309 10.10 18.29 16.57
CA ALA A 309 9.53 18.77 15.32
C ALA A 309 9.46 20.31 15.30
N LEU A 310 9.00 20.89 16.41
CA LEU A 310 8.92 22.34 16.52
C LEU A 310 10.30 22.99 16.33
N TRP A 311 11.35 22.37 16.89
CA TRP A 311 12.68 22.93 16.78
C TRP A 311 13.24 22.79 15.38
N LEU A 312 13.01 21.63 14.77
CA LEU A 312 13.51 21.41 13.40
C LEU A 312 12.85 22.38 12.42
N HIS A 313 11.62 22.80 12.70
CA HIS A 313 10.99 23.78 11.83
C HIS A 313 11.33 25.22 12.18
N HIS A 314 11.96 25.44 13.34
CA HIS A 314 12.29 26.78 13.82
C HIS A 314 13.75 26.83 14.27
N PRO A 315 14.68 26.97 13.32
CA PRO A 315 16.07 27.18 13.70
C PRO A 315 16.28 28.59 14.17
N LEU A 316 17.06 28.74 15.24
CA LEU A 316 17.22 30.04 15.88
C LEU A 316 18.20 30.93 15.16
N ARG A 317 17.92 32.23 15.15
CA ARG A 317 18.88 33.25 14.68
C ARG A 317 19.76 33.74 15.83
N ASN A 318 19.17 33.94 17.01
CA ASN A 318 19.92 34.34 18.18
C ASN A 318 20.95 33.26 18.57
N ARG A 319 22.22 33.53 18.33
CA ARG A 319 23.26 32.54 18.57
C ARG A 319 23.48 32.25 20.05
N ALA A 320 23.07 33.15 20.93
CA ALA A 320 23.25 32.93 22.36
C ALA A 320 22.37 31.79 22.86
N HIS A 321 21.10 31.79 22.44
CA HIS A 321 20.21 30.69 22.79
C HIS A 321 20.71 29.35 22.24
N ILE A 322 21.12 29.37 20.96
CA ILE A 322 21.69 28.18 20.34
C ILE A 322 22.84 27.65 21.19
N ARG A 323 23.72 28.55 21.61
CA ARG A 323 24.88 28.13 22.36
C ARG A 323 24.48 27.63 23.75
N ALA A 324 23.39 28.14 24.31
CA ALA A 324 22.88 27.62 25.57
C ALA A 324 22.45 26.17 25.41
N ARG A 325 21.67 25.90 24.36
CA ARG A 325 21.29 24.53 24.05
C ARG A 325 22.52 23.64 23.89
N GLN A 326 23.48 24.08 23.07
CA GLN A 326 24.67 23.27 22.80
C GLN A 326 25.43 22.95 24.08
N GLU A 327 25.58 23.96 24.95
CA GLU A 327 26.16 23.72 26.27
C GLU A 327 25.40 22.63 27.00
N ALA A 328 24.07 22.66 26.89
CA ALA A 328 23.25 21.66 27.57
C ALA A 328 23.58 20.26 27.05
N VAL A 329 23.67 20.09 25.74
CA VAL A 329 23.90 18.75 25.22
C VAL A 329 25.31 18.27 25.54
N THR A 330 26.29 19.15 25.40
CA THR A 330 27.66 18.81 25.81
C THR A 330 27.67 18.33 27.26
N ALA A 331 26.98 19.03 28.15
CA ALA A 331 26.91 18.61 29.54
C ALA A 331 26.17 17.29 29.71
N LEU A 332 25.22 17.02 28.81
CA LEU A 332 24.46 15.78 28.86
C LEU A 332 25.15 14.60 28.20
N GLU A 333 26.35 14.80 27.65
CA GLU A 333 27.06 13.72 26.96
C GLU A 333 27.28 12.53 27.88
N SER A 334 27.67 12.78 29.13
CA SER A 334 28.10 11.71 30.04
C SER A 334 26.98 11.19 30.94
N GLN A 335 25.73 11.61 30.71
CA GLN A 335 24.67 11.27 31.65
C GLN A 335 23.29 11.12 31.01
N TYR A 336 23.22 10.85 29.71
CA TYR A 336 21.93 10.80 29.04
C TYR A 336 21.24 9.45 29.12
N GLU A 337 21.97 8.39 29.43
CA GLU A 337 21.35 7.07 29.54
C GLU A 337 20.33 6.96 30.70
N PRO A 338 20.74 7.29 31.96
CA PRO A 338 19.74 7.21 33.02
C PRO A 338 18.66 8.27 32.89
N LEU A 339 18.99 9.42 32.29
CA LEU A 339 18.00 10.45 32.01
C LEU A 339 16.92 9.92 31.08
N GLN A 340 17.33 9.32 29.96
CA GLN A 340 16.36 8.74 29.03
C GLN A 340 15.56 7.63 29.69
N CYS A 341 16.18 6.88 30.59
CA CYS A 341 15.44 5.86 31.33
C CYS A 341 14.36 6.46 32.22
N HIS A 342 14.69 7.55 32.90
CA HIS A 342 13.70 8.23 33.76
C HIS A 342 12.57 8.84 32.94
N LEU A 343 12.92 9.67 31.95
CA LEU A 343 11.92 10.31 31.10
C LEU A 343 11.08 9.30 30.32
N LYS A 344 11.61 8.12 30.07
CA LYS A 344 10.89 7.12 29.30
C LYS A 344 9.67 6.57 30.04
N SER A 345 9.62 6.76 31.36
CA SER A 345 8.54 6.23 32.18
C SER A 345 7.58 7.32 32.65
N ILE A 346 7.63 8.49 32.03
CA ILE A 346 6.69 9.55 32.33
C ILE A 346 5.61 9.58 31.26
N ALA A 347 4.44 10.09 31.62
CA ALA A 347 3.32 10.16 30.68
C ALA A 347 3.22 11.59 30.11
N ASP A 348 2.23 11.79 29.24
CA ASP A 348 2.08 13.04 28.51
C ASP A 348 1.47 14.08 29.41
N ILE A 349 2.24 14.55 30.37
CA ILE A 349 1.75 15.53 31.35
C ILE A 349 1.37 16.86 30.69
N GLU A 350 1.87 17.12 29.48
CA GLU A 350 1.45 18.30 28.75
C GLU A 350 -0.02 18.21 28.35
N ARG A 351 -0.38 17.11 27.68
CA ARG A 351 -1.78 16.88 27.34
C ARG A 351 -2.62 16.70 28.60
N ILE A 352 -2.04 16.13 29.67
CA ILE A 352 -2.76 16.02 30.92
C ILE A 352 -3.14 17.43 31.41
N ALA A 353 -2.17 18.35 31.45
CA ALA A 353 -2.43 19.72 31.85
C ALA A 353 -3.45 20.38 30.93
N ALA A 354 -3.44 20.03 29.65
CA ALA A 354 -4.40 20.58 28.71
C ALA A 354 -5.81 20.12 29.07
N ARG A 355 -5.99 18.82 29.29
CA ARG A 355 -7.31 18.30 29.64
C ARG A 355 -7.79 18.83 30.99
N ILE A 356 -6.87 19.03 31.92
CA ILE A 356 -7.21 19.69 33.17
C ILE A 356 -7.70 21.12 32.90
N ALA A 357 -7.05 21.80 31.96
CA ALA A 357 -7.37 23.19 31.68
C ALA A 357 -8.76 23.34 31.05
N VAL A 358 -9.07 22.46 30.10
CA VAL A 358 -10.33 22.58 29.36
C VAL A 358 -11.45 21.84 30.08
N GLY A 359 -11.17 21.39 31.30
CA GLY A 359 -12.14 20.67 32.09
C GLY A 359 -12.56 19.34 31.47
N ASN A 360 -11.58 18.54 31.08
CA ASN A 360 -11.85 17.26 30.47
C ASN A 360 -10.95 16.15 31.03
N ALA A 361 -10.37 16.37 32.21
CA ALA A 361 -9.47 15.37 32.79
C ALA A 361 -10.26 14.33 33.53
N ARG A 362 -9.82 13.07 33.41
CA ARG A 362 -10.46 11.94 34.06
C ARG A 362 -9.57 11.44 35.21
N PRO A 363 -10.14 10.69 36.17
CA PRO A 363 -9.37 10.29 37.35
C PRO A 363 -8.02 9.64 37.07
N ARG A 364 -7.95 8.76 36.08
CA ARG A 364 -6.68 8.10 35.80
C ARG A 364 -5.66 9.02 35.17
N ASP A 365 -6.12 10.14 34.59
CA ASP A 365 -5.19 11.17 34.12
C ASP A 365 -4.42 11.77 35.30
N LEU A 366 -5.13 12.11 36.38
CA LEU A 366 -4.45 12.53 37.60
C LEU A 366 -3.57 11.42 38.14
N ALA A 367 -4.06 10.18 38.06
CA ALA A 367 -3.28 9.02 38.50
C ALA A 367 -1.99 8.85 37.68
N SER A 368 -1.92 9.44 36.47
CA SER A 368 -0.66 9.47 35.73
C SER A 368 0.15 10.72 36.01
N LEU A 369 -0.54 11.84 36.25
CA LEU A 369 0.14 13.11 36.49
C LEU A 369 0.96 13.07 37.79
N ARG A 370 0.37 12.61 38.89
CA ARG A 370 1.09 12.52 40.15
C ARG A 370 2.31 11.61 40.07
N ASP A 371 2.12 10.46 39.45
CA ASP A 371 3.19 9.47 39.35
C ASP A 371 4.34 9.98 38.49
N SER A 372 4.03 10.53 37.33
CA SER A 372 5.08 11.07 36.48
C SER A 372 5.73 12.31 37.08
N LEU A 373 5.00 13.04 37.93
CA LEU A 373 5.59 14.18 38.62
C LEU A 373 6.60 13.73 39.68
N PHE A 374 6.29 12.62 40.37
CA PHE A 374 7.25 12.04 41.28
C PHE A 374 8.47 11.51 40.52
N GLU A 375 8.23 10.81 39.40
CA GLU A 375 9.33 10.29 38.60
C GLU A 375 10.20 11.41 38.04
N LEU A 376 9.61 12.56 37.79
CA LEU A 376 10.41 13.73 37.42
C LEU A 376 11.16 14.29 38.62
N ALA A 377 10.56 14.20 39.81
CA ALA A 377 11.25 14.64 41.01
C ALA A 377 12.46 13.77 41.34
N GLN A 378 12.49 12.55 40.81
CA GLN A 378 13.63 11.65 41.00
C GLN A 378 14.81 11.97 40.09
N ILE A 379 14.65 12.95 39.20
CA ILE A 379 15.75 13.35 38.31
C ILE A 379 16.71 14.33 38.99
N ASP A 380 16.35 14.81 40.19
CA ASP A 380 17.19 15.79 40.88
C ASP A 380 18.64 15.30 41.03
N LEU A 381 18.81 13.99 41.22
CA LEU A 381 20.13 13.36 41.06
C LEU A 381 20.38 13.27 39.55
N SER A 382 20.34 12.05 39.00
CA SER A 382 20.39 11.81 37.56
C SER A 382 21.44 12.62 36.80
N ALA A 383 21.31 13.95 36.83
CA ALA A 383 22.18 14.84 36.06
C ALA A 383 22.61 16.05 36.88
N THR A 384 23.76 16.60 36.52
CA THR A 384 24.24 17.87 37.08
C THR A 384 24.73 18.76 35.94
N GLY A 385 25.85 19.44 36.13
CA GLY A 385 26.45 20.19 35.02
C GLY A 385 26.44 21.70 35.22
N SER A 386 26.19 22.43 34.14
CA SER A 386 26.27 23.91 34.16
C SER A 386 25.77 24.54 32.85
N SER A 387 24.49 24.95 32.82
CA SER A 387 23.94 25.68 31.69
C SER A 387 22.50 26.14 31.95
N LEU A 388 21.71 26.22 30.89
CA LEU A 388 20.25 26.25 30.99
C LEU A 388 19.72 24.96 31.65
N LEU A 389 20.52 23.89 31.59
CA LEU A 389 20.24 22.69 32.35
C LEU A 389 19.85 23.02 33.80
N GLU A 390 20.62 23.90 34.45
CA GLU A 390 20.39 24.19 35.86
C GLU A 390 19.00 24.75 36.13
N THR A 391 18.50 25.57 35.21
CA THR A 391 17.11 26.02 35.30
C THR A 391 16.16 24.84 35.12
N LEU A 392 16.42 24.01 34.12
CA LEU A 392 15.58 22.83 33.88
C LEU A 392 15.48 21.92 35.11
N LYS A 393 16.62 21.66 35.75
CA LYS A 393 16.63 20.85 36.95
C LYS A 393 15.95 21.56 38.11
N ALA A 394 16.13 22.88 38.20
CA ALA A 394 15.47 23.66 39.23
C ALA A 394 13.95 23.61 39.12
N VAL A 395 13.43 23.34 37.92
CA VAL A 395 11.98 23.28 37.74
C VAL A 395 11.37 22.08 38.46
N PHE A 396 12.01 20.92 38.40
CA PHE A 396 11.35 19.68 38.78
C PHE A 396 10.97 19.60 40.26
N PRO A 397 11.92 19.85 41.19
CA PRO A 397 11.52 19.77 42.62
C PRO A 397 10.50 20.83 43.03
N GLU A 398 10.33 21.87 42.22
CA GLU A 398 9.36 22.92 42.52
C GLU A 398 7.91 22.44 42.41
N THR A 399 7.69 21.37 41.64
CA THR A 399 6.35 20.88 41.40
C THR A 399 6.00 19.67 42.30
N LEU A 400 6.84 19.36 43.27
CA LEU A 400 6.54 18.27 44.20
C LEU A 400 5.25 18.44 45.02
N PRO A 401 4.95 19.66 45.53
CA PRO A 401 3.71 19.81 46.31
C PRO A 401 2.45 19.34 45.57
N VAL A 402 2.35 19.61 44.28
CA VAL A 402 1.23 19.11 43.49
C VAL A 402 1.19 17.58 43.53
N ALA A 403 2.35 16.95 43.40
CA ALA A 403 2.42 15.50 43.47
C ALA A 403 2.02 14.97 44.85
N GLU A 404 2.26 15.76 45.88
CA GLU A 404 1.89 15.35 47.23
C GLU A 404 0.38 15.44 47.43
N THR A 405 -0.20 16.57 47.05
CA THR A 405 -1.65 16.74 47.15
C THR A 405 -2.39 15.69 46.31
N LEU A 406 -1.82 15.35 45.17
CA LEU A 406 -2.42 14.31 44.34
C LEU A 406 -2.22 12.91 44.95
N LYS A 407 -1.09 12.71 45.64
CA LYS A 407 -0.87 11.44 46.33
C LYS A 407 -1.84 11.27 47.49
N ALA A 408 -2.26 12.38 48.10
CA ALA A 408 -3.20 12.33 49.21
C ALA A 408 -4.66 12.29 48.76
N ALA A 409 -4.97 12.85 47.59
CA ALA A 409 -6.37 13.05 47.20
C ALA A 409 -6.96 11.90 46.38
N VAL A 410 -6.16 11.26 45.52
CA VAL A 410 -6.68 10.24 44.62
C VAL A 410 -6.05 8.90 44.92
N MET A 411 -6.79 7.84 44.59
CA MET A 411 -6.33 6.46 44.82
C MET A 411 -5.07 6.19 44.02
N PRO A 412 -4.27 5.19 44.46
CA PRO A 412 -3.16 4.74 43.61
C PRO A 412 -3.66 4.25 42.23
N GLU A 413 -4.82 3.61 42.19
CA GLU A 413 -5.50 3.32 40.92
C GLU A 413 -6.98 3.61 41.08
N PRO A 414 -7.39 4.83 40.74
CA PRO A 414 -8.82 5.16 40.82
C PRO A 414 -9.63 4.50 39.72
N SER A 415 -10.95 4.53 39.88
CA SER A 415 -11.86 4.01 38.87
C SER A 415 -11.80 4.87 37.60
N VAL A 416 -12.30 4.32 36.50
CA VAL A 416 -12.29 5.05 35.24
C VAL A 416 -13.22 6.27 35.30
N TRP A 417 -14.43 6.07 35.82
CA TRP A 417 -15.43 7.12 35.86
C TRP A 417 -15.60 7.63 37.29
N LEU A 418 -15.62 8.95 37.45
CA LEU A 418 -15.82 9.55 38.76
C LEU A 418 -17.21 9.22 39.31
N LYS A 419 -18.18 8.99 38.42
CA LYS A 419 -19.54 8.67 38.84
C LYS A 419 -19.64 7.32 39.60
N ASP A 420 -18.56 6.51 39.54
CA ASP A 420 -18.54 5.21 40.18
C ASP A 420 -17.85 5.18 41.52
N GLY A 421 -17.41 6.34 42.02
CA GLY A 421 -16.70 6.36 43.28
C GLY A 421 -15.35 5.65 43.22
N ASN A 422 -14.76 5.48 44.39
CA ASN A 422 -13.41 4.89 44.50
C ASN A 422 -12.37 5.67 43.70
N VAL A 423 -12.54 6.98 43.67
CA VAL A 423 -11.54 7.86 43.06
C VAL A 423 -10.75 8.60 44.15
N ILE A 424 -11.47 9.17 45.13
CA ILE A 424 -10.83 9.83 46.24
C ILE A 424 -10.14 8.81 47.16
N ASN A 425 -8.92 9.13 47.58
CA ASN A 425 -8.10 8.20 48.34
C ASN A 425 -8.66 7.96 49.74
N HIS A 426 -8.20 6.87 50.34
CA HIS A 426 -8.54 6.53 51.72
C HIS A 426 -7.80 7.44 52.69
N GLY A 427 -8.49 7.86 53.73
CA GLY A 427 -7.91 8.75 54.73
C GLY A 427 -7.88 10.22 54.35
N PHE A 428 -8.33 10.54 53.14
CA PHE A 428 -8.31 11.93 52.69
C PHE A 428 -9.44 12.74 53.33
N HIS A 429 -10.61 12.11 53.49
CA HIS A 429 -11.76 12.77 54.10
C HIS A 429 -12.38 11.76 55.07
N PRO A 430 -12.52 12.15 56.36
CA PRO A 430 -13.03 11.16 57.33
C PRO A 430 -14.50 10.80 57.11
N GLU A 431 -15.32 11.77 56.72
CA GLU A 431 -16.73 11.49 56.43
C GLU A 431 -16.86 10.52 55.26
N LEU A 432 -16.01 10.66 54.25
CA LEU A 432 -15.99 9.70 53.15
C LEU A 432 -15.52 8.32 53.60
N ASP A 433 -14.58 8.28 54.55
CA ASP A 433 -14.13 7.00 55.06
C ASP A 433 -15.24 6.31 55.86
N GLU A 434 -16.05 7.10 56.56
CA GLU A 434 -17.15 6.52 57.33
C GLU A 434 -18.30 6.08 56.43
N LEU A 435 -18.64 6.91 55.45
CA LEU A 435 -19.66 6.53 54.47
C LEU A 435 -19.24 5.29 53.70
N ARG A 436 -17.96 5.22 53.33
CA ARG A 436 -17.41 4.06 52.65
C ARG A 436 -17.28 2.87 53.60
N ARG A 437 -17.28 3.12 54.91
CA ARG A 437 -17.12 2.04 55.89
C ARG A 437 -18.37 1.19 55.99
N ILE A 438 -19.53 1.79 55.78
CA ILE A 438 -20.79 1.03 55.69
C ILE A 438 -20.71 0.13 54.45
N GLN A 439 -19.98 -0.97 54.59
CA GLN A 439 -19.82 -1.94 53.50
C GLN A 439 -19.67 -3.35 54.07
N ASN A 440 -18.90 -3.49 55.14
CA ASN A 440 -18.98 -4.73 55.93
C ASN A 440 -20.37 -4.89 56.53
N HIS A 441 -20.99 -3.76 56.89
CA HIS A 441 -22.40 -3.73 57.30
C HIS A 441 -23.35 -4.08 56.15
N GLY A 442 -22.83 -4.27 54.95
CA GLY A 442 -23.66 -4.70 53.83
C GLY A 442 -23.75 -6.21 53.78
N ASP A 443 -22.71 -6.82 53.23
CA ASP A 443 -22.68 -8.29 53.12
C ASP A 443 -22.77 -8.96 54.48
N GLU A 444 -22.14 -8.37 55.49
CA GLU A 444 -22.17 -8.97 56.82
C GLU A 444 -23.56 -8.95 57.42
N PHE A 445 -24.23 -7.80 57.35
CA PHE A 445 -25.60 -7.72 57.86
C PHE A 445 -26.52 -8.66 57.08
N LEU A 446 -26.27 -8.80 55.78
CA LEU A 446 -27.10 -9.69 54.97
C LEU A 446 -26.84 -11.17 55.32
N LEU A 447 -25.63 -11.51 55.75
CA LEU A 447 -25.39 -12.85 56.28
C LEU A 447 -26.09 -13.03 57.64
N ASP A 448 -25.88 -12.06 58.54
CA ASP A 448 -26.51 -12.04 59.86
C ASP A 448 -28.02 -11.86 59.76
N LEU A 449 -28.54 -11.80 58.54
CA LEU A 449 -29.97 -11.78 58.30
C LEU A 449 -30.45 -13.08 57.66
N GLU A 450 -29.85 -13.46 56.53
CA GLU A 450 -30.17 -14.73 55.88
C GLU A 450 -30.09 -15.90 56.87
N ALA A 451 -28.96 -16.04 57.55
CA ALA A 451 -28.80 -17.11 58.54
C ALA A 451 -29.88 -17.05 59.61
N LYS A 452 -30.31 -15.84 59.97
CA LYS A 452 -31.40 -15.66 60.90
C LYS A 452 -32.77 -15.76 60.26
N GLU A 453 -32.83 -16.13 58.98
CA GLU A 453 -34.09 -16.43 58.31
C GLU A 453 -34.23 -17.89 57.88
N ARG A 454 -33.11 -18.59 57.68
CA ARG A 454 -33.16 -20.02 57.32
C ARG A 454 -33.79 -20.83 58.44
N GLU A 455 -33.21 -20.75 59.64
CA GLU A 455 -33.70 -21.45 60.80
C GLU A 455 -35.07 -20.93 61.25
N ARG A 456 -35.44 -19.74 60.78
CA ARG A 456 -36.69 -19.11 61.15
C ARG A 456 -37.84 -19.46 60.19
N THR A 457 -37.50 -19.91 58.99
CA THR A 457 -38.52 -20.33 58.02
C THR A 457 -38.35 -21.79 57.58
N GLY A 458 -37.28 -22.45 58.03
CA GLY A 458 -37.00 -23.82 57.60
C GLY A 458 -36.67 -23.92 56.12
N LEU A 459 -36.09 -22.86 55.55
CA LEU A 459 -35.82 -22.80 54.12
C LEU A 459 -34.39 -22.39 53.88
N SER A 460 -33.56 -23.33 53.41
CA SER A 460 -32.27 -23.00 52.83
C SER A 460 -32.40 -22.52 51.39
N THR A 461 -33.65 -22.30 50.96
CA THR A 461 -33.95 -21.87 49.59
C THR A 461 -34.31 -20.37 49.52
N LEU A 462 -33.74 -19.57 50.43
CA LEU A 462 -33.94 -18.13 50.40
C LEU A 462 -32.63 -17.40 50.59
N LYS A 463 -32.43 -16.36 49.78
CA LYS A 463 -31.28 -15.47 49.90
C LYS A 463 -31.77 -14.05 49.67
N VAL A 464 -31.08 -13.09 50.29
CA VAL A 464 -31.43 -11.69 50.08
C VAL A 464 -30.93 -11.27 48.69
N GLU A 465 -31.85 -10.81 47.86
CA GLU A 465 -31.52 -10.41 46.49
C GLU A 465 -31.80 -8.93 46.28
N PHE A 466 -31.37 -8.43 45.13
CA PHE A 466 -31.46 -6.99 44.84
C PHE A 466 -31.68 -6.77 43.36
N ASN A 467 -32.48 -5.75 43.04
CA ASN A 467 -32.50 -5.23 41.68
C ASN A 467 -32.73 -3.72 41.75
N ARG A 468 -32.45 -3.02 40.65
CA ARG A 468 -32.53 -1.58 40.67
C ARG A 468 -33.96 -1.06 40.79
N VAL A 469 -34.95 -1.90 40.49
CA VAL A 469 -36.33 -1.46 40.50
C VAL A 469 -36.98 -1.62 41.88
N HIS A 470 -36.80 -2.79 42.50
CA HIS A 470 -37.44 -3.10 43.77
C HIS A 470 -36.54 -2.92 44.98
N GLY A 471 -35.22 -2.89 44.78
CA GLY A 471 -34.27 -2.77 45.87
C GLY A 471 -33.86 -4.13 46.40
N PHE A 472 -33.66 -4.20 47.72
CA PHE A 472 -33.43 -5.48 48.38
C PHE A 472 -34.76 -6.16 48.62
N TYR A 473 -34.74 -7.49 48.65
CA TYR A 473 -35.93 -8.26 48.92
C TYR A 473 -35.54 -9.69 49.25
N ILE A 474 -36.53 -10.45 49.74
CA ILE A 474 -36.43 -11.89 49.91
C ILE A 474 -37.58 -12.51 49.12
N GLU A 475 -37.25 -13.44 48.22
CA GLU A 475 -38.26 -14.07 47.38
C GLU A 475 -38.49 -15.51 47.83
N LEU A 476 -39.74 -15.95 47.73
CA LEU A 476 -40.13 -17.31 48.09
C LEU A 476 -41.09 -17.83 47.03
N SER A 477 -41.02 -19.12 46.76
CA SER A 477 -41.93 -19.75 45.81
C SER A 477 -43.37 -19.65 46.30
N LYS A 478 -44.32 -19.64 45.36
CA LYS A 478 -45.73 -19.54 45.71
C LYS A 478 -46.17 -20.65 46.67
N THR A 479 -45.49 -21.79 46.62
CA THR A 479 -45.69 -22.82 47.62
C THR A 479 -45.31 -22.28 49.01
N GLN A 480 -44.08 -21.77 49.13
CA GLN A 480 -43.61 -21.20 50.40
C GLN A 480 -44.19 -19.82 50.68
N ALA A 481 -44.70 -19.14 49.66
CA ALA A 481 -45.21 -17.77 49.85
C ALA A 481 -46.40 -17.73 50.78
N GLU A 482 -47.25 -18.75 50.72
CA GLU A 482 -48.42 -18.82 51.60
C GLU A 482 -48.04 -19.06 53.06
N GLN A 483 -46.83 -19.55 53.30
CA GLN A 483 -46.35 -19.82 54.66
C GLN A 483 -45.48 -18.70 55.22
N ALA A 484 -45.32 -17.61 54.46
CA ALA A 484 -44.50 -16.49 54.93
C ALA A 484 -45.21 -15.73 56.03
N PRO A 485 -44.44 -15.12 56.96
CA PRO A 485 -45.09 -14.34 58.01
C PRO A 485 -45.71 -13.06 57.48
N ALA A 486 -46.53 -12.40 58.29
CA ALA A 486 -46.92 -11.02 57.99
C ALA A 486 -45.83 -10.03 58.41
N ASP A 487 -44.77 -10.55 59.05
CA ASP A 487 -43.53 -9.78 59.23
C ASP A 487 -42.95 -9.39 57.87
N TYR A 488 -43.23 -10.19 56.84
CA TYR A 488 -42.92 -9.85 55.46
C TYR A 488 -44.01 -8.94 54.90
N GLN A 489 -43.69 -8.22 53.83
CA GLN A 489 -44.56 -7.16 53.34
C GLN A 489 -45.06 -7.33 51.90
N ARG A 490 -44.30 -8.04 51.07
CA ARG A 490 -44.74 -8.48 49.73
C ARG A 490 -44.86 -7.36 48.70
N ARG A 491 -44.44 -7.64 47.47
CA ARG A 491 -44.56 -6.68 46.36
C ARG A 491 -44.81 -7.39 45.04
N GLN A 492 -43.74 -7.61 44.28
CA GLN A 492 -43.87 -8.11 42.91
C GLN A 492 -44.50 -9.49 42.86
N THR A 493 -45.45 -9.66 41.95
CA THR A 493 -46.11 -10.94 41.75
C THR A 493 -45.52 -11.61 40.51
N LEU A 494 -44.82 -12.72 40.70
CA LEU A 494 -44.17 -13.42 39.60
C LEU A 494 -45.04 -14.58 39.12
N LYS A 495 -44.39 -15.66 38.72
CA LYS A 495 -45.07 -16.90 38.32
C LYS A 495 -44.72 -18.06 39.24
N ASN A 496 -43.43 -18.23 39.53
CA ASN A 496 -42.97 -19.27 40.45
C ASN A 496 -42.78 -18.76 41.87
N ALA A 497 -42.25 -17.54 42.02
CA ALA A 497 -41.87 -17.01 43.30
C ALA A 497 -42.67 -15.75 43.64
N GLU A 498 -42.23 -15.04 44.68
CA GLU A 498 -42.88 -13.83 45.17
C GLU A 498 -41.90 -13.07 46.06
N ARG A 499 -41.72 -11.77 45.81
CA ARG A 499 -40.69 -10.99 46.48
C ARG A 499 -41.25 -10.25 47.69
N PHE A 500 -40.44 -10.18 48.75
CA PHE A 500 -40.84 -9.56 50.01
C PHE A 500 -39.71 -8.70 50.55
N ILE A 501 -40.04 -7.48 50.98
CA ILE A 501 -39.14 -6.71 51.82
C ILE A 501 -39.62 -6.82 53.27
N THR A 502 -38.84 -6.32 54.20
CA THR A 502 -39.25 -6.28 55.58
C THR A 502 -38.54 -5.12 56.26
N PRO A 503 -39.26 -4.31 57.05
CA PRO A 503 -38.71 -3.04 57.55
C PRO A 503 -37.34 -3.12 58.23
N GLU A 504 -36.95 -4.28 58.75
CA GLU A 504 -35.61 -4.39 59.31
C GLU A 504 -34.52 -4.46 58.23
N LEU A 505 -34.89 -4.73 56.98
CA LEU A 505 -34.00 -4.50 55.85
C LEU A 505 -34.45 -3.33 54.98
N LYS A 506 -35.53 -2.65 55.35
CA LYS A 506 -35.81 -1.35 54.75
C LYS A 506 -35.02 -0.25 55.44
N ALA A 507 -34.85 -0.38 56.76
CA ALA A 507 -33.89 0.46 57.47
C ALA A 507 -32.49 0.23 56.92
N PHE A 508 -32.15 -1.03 56.65
CA PHE A 508 -30.87 -1.37 56.05
C PHE A 508 -30.77 -0.81 54.63
N GLU A 509 -31.80 -1.01 53.83
CA GLU A 509 -31.80 -0.55 52.45
C GLU A 509 -31.60 0.95 52.38
N ASP A 510 -32.42 1.71 53.09
CA ASP A 510 -32.29 3.16 53.09
C ASP A 510 -30.95 3.60 53.67
N LYS A 511 -30.46 2.86 54.66
CA LYS A 511 -29.18 3.18 55.28
C LYS A 511 -28.02 3.09 54.26
N VAL A 512 -27.89 1.93 53.63
CA VAL A 512 -26.75 1.69 52.74
C VAL A 512 -26.87 2.45 51.42
N LEU A 513 -28.09 2.58 50.90
CA LEU A 513 -28.27 3.34 49.65
C LEU A 513 -28.08 4.83 49.88
N THR A 514 -28.58 5.33 51.00
CA THR A 514 -28.33 6.71 51.37
C THR A 514 -26.81 6.96 51.51
N ALA A 515 -26.12 6.03 52.19
CA ALA A 515 -24.69 6.15 52.33
C ALA A 515 -23.98 6.12 50.97
N GLN A 516 -24.50 5.33 50.03
CA GLN A 516 -23.94 5.27 48.70
C GLN A 516 -24.09 6.61 47.96
N ASP A 517 -25.28 7.20 48.01
CA ASP A 517 -25.50 8.48 47.35
C ASP A 517 -24.65 9.59 47.96
N GLN A 518 -24.65 9.69 49.28
CA GLN A 518 -23.84 10.70 49.96
C GLN A 518 -22.36 10.52 49.63
N ALA A 519 -21.91 9.27 49.56
CA ALA A 519 -20.51 8.99 49.23
C ALA A 519 -20.19 9.44 47.80
N LEU A 520 -21.09 9.16 46.87
CA LEU A 520 -20.87 9.52 45.48
C LEU A 520 -20.82 11.04 45.29
N ALA A 521 -21.79 11.74 45.87
CA ALA A 521 -21.78 13.19 45.80
C ALA A 521 -20.52 13.76 46.47
N LEU A 522 -20.13 13.17 47.60
CA LEU A 522 -18.95 13.65 48.30
C LEU A 522 -17.69 13.50 47.46
N GLU A 523 -17.50 12.34 46.84
CA GLU A 523 -16.38 12.15 45.94
C GLU A 523 -16.43 13.13 44.76
N LYS A 524 -17.64 13.42 44.27
CA LYS A 524 -17.79 14.39 43.20
C LYS A 524 -17.24 15.76 43.64
N GLN A 525 -17.66 16.23 44.81
CA GLN A 525 -17.25 17.57 45.23
C GLN A 525 -15.78 17.64 45.63
N LEU A 526 -15.24 16.56 46.17
CA LEU A 526 -13.82 16.58 46.54
C LEU A 526 -12.93 16.51 45.31
N PHE A 527 -13.28 15.64 44.36
CA PHE A 527 -12.54 15.56 43.09
C PHE A 527 -12.62 16.88 42.34
N ASP A 528 -13.79 17.51 42.35
CA ASP A 528 -13.90 18.86 41.78
C ASP A 528 -12.96 19.82 42.51
N GLY A 529 -12.93 19.77 43.84
CA GLY A 529 -12.03 20.62 44.60
C GLY A 529 -10.58 20.49 44.19
N VAL A 530 -10.09 19.26 44.12
CA VAL A 530 -8.71 19.07 43.72
C VAL A 530 -8.49 19.45 42.26
N LEU A 531 -9.55 19.41 41.45
CA LEU A 531 -9.44 19.90 40.08
C LEU A 531 -9.26 21.42 40.05
N LYS A 532 -10.02 22.15 40.87
CA LYS A 532 -9.84 23.59 40.96
C LYS A 532 -8.42 23.93 41.44
N ASN A 533 -7.94 23.19 42.43
CA ASN A 533 -6.60 23.42 42.93
C ASN A 533 -5.54 23.17 41.86
N LEU A 534 -5.72 22.08 41.11
CA LEU A 534 -4.81 21.81 40.00
C LEU A 534 -4.81 22.94 38.98
N ARG A 535 -6.01 23.40 38.61
CA ARG A 535 -6.13 24.46 37.62
C ARG A 535 -5.50 25.77 38.09
N THR A 536 -5.49 25.98 39.40
CA THR A 536 -4.70 27.09 39.93
C THR A 536 -3.20 26.80 39.80
N ALA A 537 -2.81 25.54 39.97
CA ALA A 537 -1.41 25.13 39.82
C ALA A 537 -1.02 24.88 38.36
N LEU A 538 -1.83 25.33 37.42
CA LEU A 538 -1.54 25.13 36.01
C LEU A 538 -0.20 25.71 35.52
N PRO A 539 0.19 26.94 35.94
CA PRO A 539 1.51 27.44 35.48
C PRO A 539 2.68 26.52 35.83
N GLN A 540 2.74 26.04 37.06
CA GLN A 540 3.82 25.14 37.46
C GLN A 540 3.77 23.82 36.68
N LEU A 541 2.56 23.37 36.37
CA LEU A 541 2.41 22.17 35.56
C LEU A 541 2.95 22.38 34.15
N GLN A 542 2.63 23.52 33.56
CA GLN A 542 3.17 23.84 32.23
C GLN A 542 4.68 23.95 32.26
N LYS A 543 5.23 24.55 33.32
CA LYS A 543 6.69 24.61 33.46
C LYS A 543 7.29 23.22 33.56
N ALA A 544 6.62 22.32 34.26
CA ALA A 544 7.11 20.96 34.38
C ALA A 544 7.11 20.26 33.03
N ALA A 545 6.02 20.41 32.28
CA ALA A 545 5.92 19.77 31.00
C ALA A 545 6.99 20.30 30.04
N LYS A 546 7.11 21.63 29.95
CA LYS A 546 8.10 22.21 29.06
C LYS A 546 9.53 21.79 29.46
N ALA A 547 9.83 21.77 30.75
CA ALA A 547 11.16 21.37 31.21
C ALA A 547 11.46 19.92 30.86
N ALA A 548 10.48 19.05 31.06
CA ALA A 548 10.65 17.64 30.71
C ALA A 548 10.89 17.47 29.20
N ALA A 549 10.08 18.14 28.39
CA ALA A 549 10.21 18.00 26.94
C ALA A 549 11.58 18.51 26.47
N ALA A 550 11.97 19.69 26.95
CA ALA A 550 13.25 20.26 26.57
C ALA A 550 14.41 19.34 26.97
N LEU A 551 14.39 18.86 28.22
CA LEU A 551 15.41 17.96 28.68
C LEU A 551 15.44 16.68 27.84
N ASP A 552 14.29 16.22 27.38
CA ASP A 552 14.24 15.02 26.57
C ASP A 552 14.86 15.26 25.18
N VAL A 553 14.57 16.41 24.58
CA VAL A 553 15.14 16.74 23.27
C VAL A 553 16.66 16.90 23.38
N LEU A 554 17.13 17.58 24.41
CA LEU A 554 18.56 17.78 24.57
C LEU A 554 19.27 16.45 24.84
N SER A 555 18.64 15.60 25.65
CA SER A 555 19.16 14.24 25.85
C SER A 555 19.25 13.50 24.51
N THR A 556 18.24 13.69 23.66
CA THR A 556 18.24 13.04 22.36
C THR A 556 19.38 13.53 21.49
N PHE A 557 19.62 14.84 21.49
CA PHE A 557 20.73 15.40 20.74
C PHE A 557 22.07 14.84 21.24
N SER A 558 22.24 14.81 22.55
CA SER A 558 23.46 14.25 23.14
C SER A 558 23.67 12.79 22.72
N ALA A 559 22.60 12.00 22.77
CA ALA A 559 22.69 10.60 22.34
C ALA A 559 23.06 10.47 20.88
N LEU A 560 22.45 11.31 20.03
CA LEU A 560 22.77 11.28 18.60
C LEU A 560 24.25 11.62 18.37
N ALA A 561 24.78 12.58 19.12
CA ALA A 561 26.16 12.97 18.95
C ALA A 561 27.09 11.86 19.43
N LYS A 562 26.74 11.19 20.51
CA LYS A 562 27.57 10.12 21.04
C LYS A 562 27.60 8.91 20.11
N GLU A 563 26.44 8.56 19.53
CA GLU A 563 26.28 7.30 18.81
C GLU A 563 26.43 7.42 17.29
N ARG A 564 26.39 8.64 16.76
CA ARG A 564 26.47 8.84 15.30
C ARG A 564 27.62 9.78 14.91
N ASN A 565 28.51 10.09 15.85
CA ASN A 565 29.71 10.90 15.58
C ASN A 565 29.34 12.28 15.04
N PHE A 566 28.56 13.01 15.83
CA PHE A 566 28.23 14.39 15.53
C PHE A 566 29.17 15.31 16.31
N VAL A 567 29.41 16.50 15.76
CA VAL A 567 30.29 17.47 16.37
C VAL A 567 29.55 18.77 16.56
N ARG A 568 29.96 19.53 17.58
CA ARG A 568 29.34 20.81 17.87
C ARG A 568 29.82 21.84 16.84
N PRO A 569 28.90 22.40 16.03
CA PRO A 569 29.32 23.40 15.06
C PRO A 569 29.74 24.71 15.72
N GLU A 570 30.55 25.48 14.98
CA GLU A 570 31.03 26.77 15.44
C GLU A 570 30.29 27.88 14.71
N PHE A 571 30.22 29.04 15.35
CA PHE A 571 29.52 30.20 14.79
C PHE A 571 30.46 31.37 14.63
N ALA A 572 30.42 32.00 13.45
CA ALA A 572 31.32 33.07 13.08
C ALA A 572 30.55 34.35 12.80
N ASP A 573 31.27 35.46 12.77
CA ASP A 573 30.68 36.77 12.54
C ASP A 573 30.73 37.21 11.08
N TYR A 574 31.52 36.51 10.26
CA TYR A 574 31.68 36.79 8.85
C TYR A 574 30.94 35.74 8.01
N PRO A 575 30.50 36.10 6.80
CA PRO A 575 29.87 35.14 5.91
C PRO A 575 30.79 33.98 5.56
N VAL A 576 30.43 32.78 6.03
CA VAL A 576 31.26 31.60 5.87
C VAL A 576 30.40 30.35 5.99
N VAL A 577 30.75 29.32 5.22
CA VAL A 577 30.21 27.97 5.37
C VAL A 577 31.37 27.00 5.22
N HIS A 578 31.88 26.52 6.35
CA HIS A 578 33.01 25.60 6.37
C HIS A 578 32.58 24.30 7.02
N ILE A 579 32.58 23.23 6.24
CA ILE A 579 32.20 21.91 6.72
C ILE A 579 33.30 20.94 6.36
N GLU A 580 34.06 20.50 7.35
CA GLU A 580 35.11 19.53 7.13
C GLU A 580 34.44 18.16 6.99
N ASN A 581 34.54 17.60 5.78
CA ASN A 581 33.75 16.43 5.33
C ASN A 581 32.48 16.16 6.12
N GLY A 582 31.41 16.87 5.78
CA GLY A 582 30.11 16.63 6.38
C GLY A 582 29.36 15.52 5.68
N ARG A 583 28.23 15.12 6.27
CA ARG A 583 27.47 13.99 5.78
C ARG A 583 25.99 14.33 5.77
N HIS A 584 25.24 13.66 4.89
CA HIS A 584 23.80 13.82 4.84
C HIS A 584 23.16 12.99 5.97
N PRO A 585 22.43 13.64 6.89
CA PRO A 585 21.99 12.94 8.08
C PRO A 585 20.98 11.81 7.86
N VAL A 586 20.21 11.88 6.78
CA VAL A 586 19.20 10.87 6.51
C VAL A 586 19.74 9.78 5.57
N VAL A 587 20.42 10.18 4.50
CA VAL A 587 20.95 9.21 3.54
C VAL A 587 22.04 8.34 4.19
N GLU A 588 22.74 8.87 5.18
CA GLU A 588 23.85 8.16 5.80
C GLU A 588 23.41 6.86 6.46
N GLN A 589 22.17 6.81 6.96
CA GLN A 589 21.63 5.58 7.52
C GLN A 589 20.89 4.73 6.48
N GLN A 590 21.29 4.81 5.22
CA GLN A 590 20.66 4.04 4.17
C GLN A 590 21.60 3.42 3.15
N VAL A 591 22.91 3.56 3.34
CA VAL A 591 23.87 3.18 2.30
C VAL A 591 24.99 2.27 2.80
N ARG A 592 24.99 1.96 4.11
CA ARG A 592 26.04 1.15 4.72
C ARG A 592 27.40 1.84 4.68
N HIS A 593 27.76 2.39 3.52
CA HIS A 593 28.94 3.25 3.39
C HIS A 593 28.54 4.56 2.73
N PHE A 594 28.80 5.68 3.40
CA PHE A 594 28.51 7.01 2.87
C PHE A 594 29.80 7.83 2.80
N THR A 595 30.06 8.42 1.64
CA THR A 595 31.29 9.19 1.43
C THR A 595 31.08 10.64 1.88
N ALA A 596 31.84 11.07 2.89
CA ALA A 596 31.75 12.44 3.38
C ALA A 596 32.43 13.41 2.42
N ASN A 597 32.04 14.68 2.49
CA ASN A 597 32.53 15.68 1.55
C ASN A 597 32.60 17.05 2.19
N HIS A 598 33.62 17.82 1.81
CA HIS A 598 33.88 19.12 2.40
C HIS A 598 33.00 20.20 1.79
N THR A 599 33.05 21.39 2.40
CA THR A 599 32.39 22.56 1.88
C THR A 599 33.14 23.80 2.38
N ASP A 600 33.73 24.56 1.47
CA ASP A 600 34.48 25.76 1.83
C ASP A 600 33.93 26.97 1.08
N LEU A 601 33.19 27.82 1.78
CA LEU A 601 32.61 29.03 1.19
C LEU A 601 32.87 30.23 2.08
N ASP A 602 33.24 31.35 1.46
CA ASP A 602 33.47 32.61 2.16
C ASP A 602 32.91 33.74 1.32
N HIS A 603 33.27 34.97 1.65
CA HIS A 603 32.83 36.11 0.86
C HIS A 603 33.45 36.09 -0.54
N LYS A 604 34.64 35.52 -0.68
CA LYS A 604 35.28 35.41 -1.97
C LYS A 604 34.80 34.19 -2.76
N HIS A 605 34.27 33.18 -2.06
CA HIS A 605 33.75 31.97 -2.71
C HIS A 605 32.30 31.81 -2.27
N ARG A 606 31.40 32.41 -3.05
CA ARG A 606 29.99 32.48 -2.66
C ARG A 606 29.09 31.57 -3.45
N LEU A 607 29.48 31.15 -4.65
CA LEU A 607 28.60 30.36 -5.50
C LEU A 607 29.36 29.18 -6.04
N MET A 608 28.86 27.98 -5.74
CA MET A 608 29.45 26.74 -6.21
C MET A 608 28.62 26.24 -7.38
N LEU A 609 29.27 26.00 -8.52
CA LEU A 609 28.59 25.59 -9.74
C LEU A 609 28.81 24.10 -9.96
N LEU A 610 27.84 23.27 -9.53
CA LEU A 610 28.01 21.84 -9.47
C LEU A 610 27.61 21.20 -10.79
N THR A 611 28.47 20.30 -11.28
CA THR A 611 28.26 19.65 -12.58
C THR A 611 28.61 18.17 -12.46
N GLY A 612 28.14 17.38 -13.41
CA GLY A 612 28.49 15.98 -13.46
C GLY A 612 27.39 15.05 -13.91
N PRO A 613 27.68 13.73 -13.88
CA PRO A 613 26.71 12.74 -14.32
C PRO A 613 25.49 12.63 -13.37
N ASN A 614 24.61 11.68 -13.68
CA ASN A 614 23.33 11.58 -13.02
C ASN A 614 23.32 10.86 -11.68
N MET A 615 24.36 10.09 -11.39
CA MET A 615 24.41 9.35 -10.12
C MET A 615 25.58 9.78 -9.24
N GLY A 616 26.28 10.86 -9.61
CA GLY A 616 27.24 11.48 -8.71
C GLY A 616 26.48 12.33 -7.72
N GLY A 617 26.74 12.12 -6.43
CA GLY A 617 25.92 12.70 -5.38
C GLY A 617 25.83 14.22 -5.36
N LYS A 618 25.19 14.80 -6.39
CA LYS A 618 25.04 16.26 -6.45
C LYS A 618 23.92 16.73 -5.52
N SER A 619 22.70 16.31 -5.83
CA SER A 619 21.54 16.68 -5.04
C SER A 619 21.73 16.30 -3.57
N THR A 620 22.31 15.13 -3.33
CA THR A 620 22.57 14.70 -1.95
C THR A 620 23.58 15.63 -1.27
N TYR A 621 24.56 16.13 -2.04
CA TYR A 621 25.53 17.05 -1.47
C TYR A 621 24.88 18.36 -1.09
N MET A 622 24.11 18.95 -2.01
CA MET A 622 23.41 20.20 -1.73
C MET A 622 22.50 20.04 -0.50
N ARG A 623 21.62 19.05 -0.54
CA ARG A 623 20.74 18.80 0.59
C ARG A 623 21.55 18.59 1.88
N GLN A 624 22.75 18.00 1.76
CA GLN A 624 23.60 17.81 2.94
C GLN A 624 24.02 19.16 3.52
N VAL A 625 24.45 20.08 2.66
CA VAL A 625 24.86 21.40 3.12
C VAL A 625 23.68 22.12 3.78
N ALA A 626 22.54 22.15 3.09
CA ALA A 626 21.36 22.81 3.65
C ALA A 626 20.93 22.20 4.99
N LEU A 627 21.01 20.88 5.09
CA LEU A 627 20.57 20.21 6.31
C LEU A 627 21.55 20.43 7.47
N ILE A 628 22.85 20.53 7.16
CA ILE A 628 23.81 20.81 8.22
C ILE A 628 23.64 22.26 8.71
N VAL A 629 23.35 23.18 7.80
CA VAL A 629 23.09 24.55 8.22
C VAL A 629 21.81 24.63 9.05
N LEU A 630 20.78 23.91 8.64
CA LEU A 630 19.53 23.88 9.39
C LEU A 630 19.76 23.30 10.79
N LEU A 631 20.40 22.14 10.87
CA LEU A 631 20.67 21.52 12.15
C LEU A 631 21.55 22.40 13.04
N ALA A 632 22.44 23.17 12.44
CA ALA A 632 23.39 23.97 13.20
C ALA A 632 22.68 24.95 14.13
N HIS A 633 21.56 25.51 13.67
CA HIS A 633 20.86 26.54 14.42
C HIS A 633 19.73 26.00 15.28
N THR A 634 19.76 24.71 15.59
CA THR A 634 18.75 24.10 16.44
C THR A 634 19.31 23.66 17.80
N GLY A 635 20.62 23.66 17.96
CA GLY A 635 21.26 23.11 19.14
C GLY A 635 21.77 21.71 18.97
N CYS A 636 21.22 20.96 18.01
CA CYS A 636 21.70 19.62 17.73
C CYS A 636 23.06 19.68 17.05
N PHE A 637 23.91 18.71 17.36
CA PHE A 637 25.24 18.66 16.76
C PHE A 637 25.15 18.13 15.34
N VAL A 638 26.09 18.56 14.51
CA VAL A 638 26.00 18.33 13.06
C VAL A 638 26.84 17.12 12.65
N PRO A 639 26.44 16.43 11.58
CA PRO A 639 27.21 15.27 11.14
C PRO A 639 28.46 15.63 10.33
N ALA A 640 29.57 15.85 11.03
CA ALA A 640 30.83 16.18 10.37
C ALA A 640 31.96 16.00 11.38
N ASP A 641 33.18 16.34 10.97
CA ASP A 641 34.31 16.40 11.91
C ASP A 641 34.43 17.76 12.58
N ALA A 642 33.97 18.80 11.88
CA ALA A 642 33.94 20.18 12.38
C ALA A 642 33.17 21.03 11.38
N ALA A 643 32.49 22.06 11.89
CA ALA A 643 31.69 22.95 11.04
C ALA A 643 31.69 24.35 11.60
N THR A 644 31.48 25.32 10.73
CA THR A 644 31.54 26.73 11.09
C THR A 644 30.68 27.51 10.10
N ILE A 645 29.59 28.09 10.58
CA ILE A 645 28.62 28.75 9.73
C ILE A 645 28.50 30.20 10.17
N GLY A 646 28.42 31.10 9.19
CA GLY A 646 28.23 32.50 9.45
C GLY A 646 26.77 32.85 9.67
N PRO A 647 26.48 34.14 9.82
CA PRO A 647 25.10 34.58 9.99
C PRO A 647 24.23 34.24 8.79
N VAL A 648 23.18 33.48 9.03
CA VAL A 648 22.23 33.06 8.00
C VAL A 648 20.83 33.52 8.38
N ASP A 649 20.06 33.97 7.39
CA ASP A 649 18.72 34.47 7.61
C ASP A 649 17.64 33.58 7.00
N GLN A 650 17.91 33.00 5.84
CA GLN A 650 16.93 32.17 5.14
C GLN A 650 17.61 31.00 4.46
N ILE A 651 16.84 29.96 4.17
CA ILE A 651 17.32 28.81 3.39
C ILE A 651 16.37 28.54 2.24
N PHE A 652 16.79 28.83 1.01
CA PHE A 652 15.96 28.59 -0.17
C PHE A 652 16.46 27.33 -0.86
N THR A 653 15.52 26.56 -1.40
CA THR A 653 15.87 25.34 -2.12
C THR A 653 14.91 25.09 -3.28
N ARG A 654 15.42 24.46 -4.34
CA ARG A 654 14.60 23.63 -5.21
C ARG A 654 15.42 22.44 -5.69
N ILE A 655 15.13 21.27 -5.13
CA ILE A 655 15.80 20.04 -5.52
C ILE A 655 14.77 18.97 -5.80
N SER A 666 6.01 20.32 -10.62
CA SER A 666 6.76 19.64 -11.66
C SER A 666 7.47 20.63 -12.57
N THR A 667 6.69 21.31 -13.40
CA THR A 667 7.22 22.25 -14.40
C THR A 667 6.04 23.02 -14.97
N PHE A 668 6.28 24.20 -15.53
CA PHE A 668 7.58 24.88 -15.55
C PHE A 668 7.38 26.23 -14.87
N MET A 669 6.13 26.67 -14.81
CA MET A 669 5.79 27.91 -14.12
C MET A 669 5.95 27.77 -12.61
N VAL A 670 6.03 26.54 -12.10
CA VAL A 670 6.31 26.33 -10.69
C VAL A 670 7.79 26.58 -10.41
N GLU A 671 8.67 26.21 -11.33
CA GLU A 671 10.07 26.58 -11.24
C GLU A 671 10.24 28.09 -11.32
N MET A 672 9.59 28.71 -12.31
CA MET A 672 9.63 30.16 -12.45
C MET A 672 9.03 30.85 -11.23
N SER A 673 8.10 30.18 -10.54
CA SER A 673 7.51 30.76 -9.34
C SER A 673 8.48 30.69 -8.16
N GLU A 674 9.13 29.54 -7.97
CA GLU A 674 10.03 29.38 -6.83
C GLU A 674 11.28 30.23 -7.00
N THR A 675 11.88 30.20 -8.20
CA THR A 675 12.96 31.13 -8.51
C THR A 675 12.49 32.57 -8.39
N ALA A 676 11.27 32.84 -8.85
CA ALA A 676 10.65 34.16 -8.69
C ALA A 676 10.57 34.56 -7.22
N TYR A 677 10.53 33.58 -6.32
CA TYR A 677 10.61 33.89 -4.89
C TYR A 677 12.07 34.07 -4.45
N ILE A 678 12.99 33.30 -5.03
CA ILE A 678 14.36 33.26 -4.50
C ILE A 678 15.15 34.52 -4.87
N LEU A 679 15.08 34.94 -6.13
CA LEU A 679 15.92 36.04 -6.59
C LEU A 679 15.64 37.36 -5.84
N HIS A 680 14.36 37.67 -5.64
CA HIS A 680 14.06 38.91 -4.93
C HIS A 680 13.57 38.68 -3.51
N HIS A 681 14.26 37.81 -2.78
CA HIS A 681 14.06 37.63 -1.35
C HIS A 681 15.35 37.20 -0.67
N ALA A 682 16.21 36.49 -1.41
CA ALA A 682 17.50 36.05 -0.87
C ALA A 682 18.42 37.25 -0.65
N THR A 683 19.27 37.16 0.36
CA THR A 683 20.16 38.26 0.71
C THR A 683 21.59 37.77 0.88
N GLU A 684 22.44 38.62 1.47
CA GLU A 684 23.83 38.28 1.71
C GLU A 684 23.97 37.11 2.68
N GLN A 685 22.97 36.93 3.54
CA GLN A 685 23.01 35.88 4.56
C GLN A 685 22.24 34.63 4.16
N SER A 686 21.55 34.66 3.03
CA SER A 686 20.76 33.52 2.58
C SER A 686 21.63 32.41 2.02
N ILE A 687 21.15 31.19 2.15
CA ILE A 687 21.76 30.02 1.53
C ILE A 687 20.79 29.45 0.51
N VAL A 688 21.18 29.49 -0.76
CA VAL A 688 20.28 29.16 -1.87
C VAL A 688 20.75 27.86 -2.51
N LEU A 689 19.80 27.00 -2.83
CA LEU A 689 20.09 25.72 -3.47
C LEU A 689 19.27 25.59 -4.75
N MET A 690 19.95 25.37 -5.87
CA MET A 690 19.32 25.23 -7.17
C MET A 690 19.74 23.90 -7.78
N ASP A 691 18.76 23.07 -8.13
CA ASP A 691 19.04 21.76 -8.69
C ASP A 691 18.51 21.71 -10.13
N GLU A 692 19.41 21.86 -11.09
CA GLU A 692 19.11 21.68 -12.51
C GLU A 692 17.94 22.55 -12.95
N VAL A 693 18.09 23.85 -12.76
CA VAL A 693 17.08 24.80 -13.23
C VAL A 693 17.26 25.02 -14.72
N GLY A 694 16.17 24.83 -15.46
CA GLY A 694 16.23 24.90 -16.91
C GLY A 694 15.61 23.68 -17.57
N ARG A 695 15.42 22.61 -16.81
CA ARG A 695 14.75 21.42 -17.30
C ARG A 695 13.33 21.76 -17.75
N GLY A 696 13.09 21.66 -19.05
CA GLY A 696 11.84 22.12 -19.64
C GLY A 696 12.10 23.06 -20.81
N THR A 697 11.02 23.35 -21.53
CA THR A 697 11.06 24.22 -22.71
C THR A 697 12.09 23.75 -23.73
N SER A 698 13.31 24.29 -23.64
CA SER A 698 14.36 23.97 -24.60
C SER A 698 15.71 24.08 -23.89
N THR A 699 16.77 24.10 -24.69
CA THR A 699 18.11 24.30 -24.18
C THR A 699 18.69 25.66 -24.57
N PHE A 700 17.95 26.44 -25.37
CA PHE A 700 18.30 27.82 -25.64
C PHE A 700 17.74 28.73 -24.55
N ASP A 701 16.41 28.79 -24.47
CA ASP A 701 15.75 29.62 -23.48
C ASP A 701 16.07 29.17 -22.05
N GLY A 702 16.10 27.86 -21.82
CA GLY A 702 16.44 27.35 -20.50
C GLY A 702 17.85 27.71 -20.08
N LEU A 703 18.79 27.72 -21.03
CA LEU A 703 20.15 28.12 -20.75
C LEU A 703 20.25 29.63 -20.57
N ALA A 704 19.39 30.38 -21.27
CA ALA A 704 19.32 31.83 -21.06
C ALA A 704 18.87 32.14 -19.63
N LEU A 705 17.79 31.49 -19.19
CA LEU A 705 17.27 31.70 -17.84
C LEU A 705 18.26 31.22 -16.80
N ALA A 706 18.88 30.07 -17.02
CA ALA A 706 19.87 29.57 -16.08
C ALA A 706 21.06 30.53 -15.98
N HIS A 707 21.46 31.08 -17.12
CA HIS A 707 22.53 32.08 -17.16
C HIS A 707 22.17 33.29 -16.30
N ALA A 708 21.00 33.88 -16.58
CA ALA A 708 20.57 35.08 -15.88
C ALA A 708 20.38 34.83 -14.38
N ILE A 709 19.69 33.74 -14.04
CA ILE A 709 19.46 33.39 -12.65
C ILE A 709 20.79 33.21 -11.92
N ALA A 710 21.73 32.52 -12.54
CA ALA A 710 23.06 32.37 -11.95
C ALA A 710 23.70 33.74 -11.70
N GLU A 711 23.66 34.63 -12.70
CA GLU A 711 24.19 35.98 -12.51
C GLU A 711 23.13 36.86 -11.85
N HIS A 712 22.82 36.49 -10.62
CA HIS A 712 21.92 37.25 -9.78
C HIS A 712 22.28 36.91 -8.33
N LEU A 713 22.71 35.68 -8.11
CA LEU A 713 23.13 35.27 -6.77
C LEU A 713 24.52 35.80 -6.41
N LEU A 714 25.40 35.93 -7.41
CA LEU A 714 26.71 36.53 -7.17
C LEU A 714 26.62 38.05 -7.13
N GLN A 715 25.66 38.63 -7.84
CA GLN A 715 25.58 40.07 -8.01
C GLN A 715 24.53 40.75 -7.12
N LYS A 716 23.26 40.66 -7.54
CA LYS A 716 22.21 41.45 -6.93
C LYS A 716 21.56 40.82 -5.70
N ASN A 717 22.11 39.71 -5.20
CA ASN A 717 21.81 39.24 -3.84
C ASN A 717 22.88 38.27 -3.39
N LYS A 718 24.01 38.81 -2.93
CA LYS A 718 25.22 38.02 -2.67
C LYS A 718 24.99 36.85 -1.72
N SER A 719 24.20 35.87 -2.16
CA SER A 719 23.85 34.73 -1.36
C SER A 719 24.80 33.57 -1.58
N PHE A 720 25.12 32.85 -0.52
CA PHE A 720 25.87 31.59 -0.61
C PHE A 720 25.00 30.55 -1.31
N SER A 721 25.34 30.25 -2.55
CA SER A 721 24.48 29.43 -3.42
C SER A 721 25.22 28.20 -3.91
N LEU A 722 24.52 27.07 -3.90
CA LEU A 722 24.99 25.87 -4.59
C LEU A 722 24.10 25.63 -5.82
N PHE A 723 24.72 25.64 -7.00
CA PHE A 723 24.01 25.72 -8.26
C PHE A 723 24.41 24.54 -9.13
N ALA A 724 23.59 23.50 -9.12
CA ALA A 724 23.82 22.32 -9.93
C ALA A 724 23.14 22.47 -11.29
N THR A 725 23.81 22.02 -12.33
CA THR A 725 23.30 22.17 -13.69
C THR A 725 24.02 21.23 -14.63
N HIS A 726 23.43 21.02 -15.79
CA HIS A 726 24.07 20.29 -16.87
C HIS A 726 24.43 21.17 -18.07
N TYR A 727 24.05 22.44 -18.01
CA TYR A 727 24.47 23.41 -19.01
C TYR A 727 25.96 23.65 -18.88
N PHE A 728 26.76 23.07 -19.76
CA PHE A 728 28.21 23.15 -19.62
C PHE A 728 28.74 24.56 -19.89
N GLU A 729 28.00 25.37 -20.66
CA GLU A 729 28.43 26.73 -20.93
C GLU A 729 28.45 27.61 -19.70
N LEU A 730 27.68 27.24 -18.67
CA LEU A 730 27.73 27.93 -17.38
C LEU A 730 29.01 27.59 -16.60
N THR A 731 29.84 26.71 -17.14
CA THR A 731 31.11 26.37 -16.51
C THR A 731 32.04 27.60 -16.43
N TYR A 732 32.01 28.44 -17.45
CA TYR A 732 32.88 29.60 -17.56
C TYR A 732 32.37 30.82 -16.79
N LEU A 733 32.00 30.60 -15.53
CA LEU A 733 31.62 31.70 -14.65
C LEU A 733 32.74 32.06 -13.66
N PRO A 734 33.48 31.07 -13.13
CA PRO A 734 34.68 31.44 -12.36
C PRO A 734 35.70 32.24 -13.18
N GLU A 735 35.60 32.20 -14.50
CA GLU A 735 36.39 33.08 -15.37
C GLU A 735 35.60 34.32 -15.79
N ALA A 736 34.84 34.88 -14.86
CA ALA A 736 34.02 36.06 -15.08
C ALA A 736 33.51 36.58 -13.72
N HIS A 737 33.71 35.77 -12.68
CA HIS A 737 33.29 36.12 -11.33
C HIS A 737 34.25 35.49 -10.34
N ALA A 738 34.78 36.32 -9.44
CA ALA A 738 35.65 35.81 -8.39
C ALA A 738 34.89 34.97 -7.38
N ALA A 739 33.58 35.22 -7.25
CA ALA A 739 32.76 34.51 -6.27
C ALA A 739 32.49 33.06 -6.70
N ALA A 740 32.38 32.81 -8.00
CA ALA A 740 32.06 31.49 -8.51
C ALA A 740 33.26 30.54 -8.48
N VAL A 741 32.97 29.26 -8.27
CA VAL A 741 33.96 28.19 -8.33
C VAL A 741 33.33 26.99 -9.01
N ASN A 742 34.17 26.15 -9.60
CA ASN A 742 33.73 24.94 -10.27
C ASN A 742 34.07 23.73 -9.41
N MET A 743 33.05 22.91 -9.14
CA MET A 743 33.23 21.60 -8.52
C MET A 743 32.38 20.58 -9.27
N HIS A 744 32.83 19.34 -9.28
CA HIS A 744 32.08 18.24 -9.84
C HIS A 744 32.20 17.04 -8.92
N LEU A 745 31.40 16.02 -9.19
CA LEU A 745 31.44 14.79 -8.41
C LEU A 745 32.04 13.64 -9.20
N SER A 746 32.63 12.70 -8.47
CA SER A 746 33.50 11.69 -9.05
C SER A 746 32.74 10.62 -9.83
N ALA A 747 33.38 10.15 -10.90
CA ALA A 747 32.95 8.98 -11.64
C ALA A 747 34.21 8.28 -12.14
N LEU A 748 34.30 6.97 -11.93
CA LEU A 748 35.52 6.20 -12.19
C LEU A 748 35.20 4.96 -13.02
N GLU A 749 36.11 4.63 -13.94
CA GLU A 749 36.04 3.38 -14.71
C GLU A 749 37.05 2.39 -14.16
N GLN A 750 36.56 1.29 -13.61
CA GLN A 750 37.40 0.30 -12.96
C GLN A 750 37.38 -1.08 -13.63
N GLY A 751 36.42 -1.33 -14.52
CA GLY A 751 36.35 -2.61 -15.23
C GLY A 751 35.20 -2.67 -16.22
N ARG A 752 35.28 -1.86 -17.27
CA ARG A 752 34.21 -1.66 -18.25
C ARG A 752 32.90 -1.22 -17.59
N ASP A 753 32.94 -0.83 -16.32
CA ASP A 753 31.75 -0.57 -15.52
C ASP A 753 31.91 0.78 -14.83
N ILE A 754 30.89 1.61 -14.91
CA ILE A 754 30.93 2.92 -14.28
C ILE A 754 30.66 2.78 -12.79
N VAL A 755 31.38 3.56 -11.99
CA VAL A 755 31.13 3.65 -10.56
C VAL A 755 31.11 5.11 -10.15
N PHE A 756 30.42 5.39 -9.06
CA PHE A 756 30.36 6.74 -8.51
C PHE A 756 30.81 6.67 -7.06
N LEU A 757 32.02 7.18 -6.79
CA LEU A 757 32.56 7.18 -5.44
C LEU A 757 32.06 8.37 -4.61
N HIS A 758 31.37 9.33 -5.26
CA HIS A 758 30.72 10.44 -4.58
C HIS A 758 31.72 11.27 -3.77
N GLN A 759 32.59 11.95 -4.50
CA GLN A 759 33.62 12.78 -3.92
C GLN A 759 33.70 14.10 -4.69
N ILE A 760 33.66 15.20 -3.95
CA ILE A 760 33.77 16.51 -4.57
C ILE A 760 35.21 16.72 -5.05
N GLN A 761 35.33 17.22 -6.27
CA GLN A 761 36.62 17.53 -6.86
C GLN A 761 36.51 18.89 -7.54
N PRO A 762 37.54 19.74 -7.40
CA PRO A 762 37.50 21.03 -8.09
C PRO A 762 37.55 20.83 -9.61
N GLY A 763 36.78 21.64 -10.33
CA GLY A 763 36.72 21.51 -11.77
C GLY A 763 35.39 20.96 -12.26
N PRO A 764 35.18 20.99 -13.58
CA PRO A 764 33.90 20.61 -14.12
C PRO A 764 33.86 19.27 -14.88
N ALA A 765 34.50 18.24 -14.33
CA ALA A 765 34.29 16.84 -14.75
C ALA A 765 34.71 16.52 -16.20
N GLY A 766 34.96 17.55 -17.00
CA GLY A 766 35.32 17.37 -18.39
C GLY A 766 34.20 16.74 -19.21
N LYS A 767 34.58 16.21 -20.37
CA LYS A 767 33.63 15.56 -21.27
C LYS A 767 33.86 14.05 -21.28
N SER A 768 32.80 13.30 -21.00
CA SER A 768 32.89 11.86 -20.91
C SER A 768 31.59 11.15 -21.24
N TYR A 769 30.62 11.84 -21.85
CA TYR A 769 29.42 11.18 -22.33
C TYR A 769 29.73 10.30 -23.56
N GLY A 770 30.59 10.80 -24.44
CA GLY A 770 31.12 9.96 -25.51
C GLY A 770 31.92 8.80 -24.96
N ILE A 771 32.71 9.08 -23.91
CA ILE A 771 33.46 8.04 -23.23
C ILE A 771 32.57 6.91 -22.72
N ALA A 772 31.26 7.13 -22.63
CA ALA A 772 30.32 6.04 -22.34
C ALA A 772 30.15 5.12 -23.55
N VAL A 773 31.18 5.05 -24.39
CA VAL A 773 31.27 4.08 -25.50
C VAL A 773 31.54 2.65 -25.02
N ALA A 774 31.52 2.44 -23.70
CA ALA A 774 31.76 1.13 -23.11
C ALA A 774 30.75 0.09 -23.59
N LYS A 775 29.60 0.54 -24.08
CA LYS A 775 28.63 -0.36 -24.73
C LYS A 775 27.96 0.45 -25.83
N LEU A 776 28.58 0.45 -27.00
CA LEU A 776 28.20 1.40 -28.06
C LEU A 776 28.80 0.95 -29.37
N ALA A 777 28.21 1.42 -30.48
CA ALA A 777 28.65 0.99 -31.80
C ALA A 777 28.51 2.13 -32.80
N GLY A 778 29.64 2.68 -33.25
CA GLY A 778 29.64 3.71 -34.29
C GLY A 778 31.01 3.76 -34.95
N LEU A 779 31.36 4.76 -35.79
CA LEU A 779 30.54 5.92 -36.20
C LEU A 779 30.10 6.82 -35.04
N PRO A 780 30.75 6.66 -33.89
CA PRO A 780 30.61 7.58 -32.76
C PRO A 780 31.43 8.86 -32.96
N VAL A 781 32.08 9.01 -34.12
CA VAL A 781 32.88 10.18 -34.43
C VAL A 781 32.03 11.36 -34.87
N ARG A 782 30.85 11.09 -35.43
CA ARG A 782 29.91 12.16 -35.77
C ARG A 782 29.56 12.99 -34.54
N ALA A 783 29.47 12.33 -33.37
CA ALA A 783 29.35 13.05 -32.11
C ALA A 783 30.69 13.66 -31.73
N LEU A 784 31.78 12.89 -31.85
CA LEU A 784 33.12 13.39 -31.59
C LEU A 784 33.54 14.48 -32.57
N LYS A 785 32.76 14.69 -33.63
CA LYS A 785 32.97 15.83 -34.54
C LYS A 785 32.09 17.02 -34.18
N ALA A 786 31.01 16.78 -33.43
CA ALA A 786 30.21 17.89 -32.89
C ALA A 786 30.91 18.53 -31.69
N ALA A 787 31.50 17.70 -30.83
CA ALA A 787 32.49 18.14 -29.85
C ALA A 787 33.75 17.34 -30.12
N GLN A 788 34.87 17.99 -30.46
CA GLN A 788 35.12 19.41 -30.21
C GLN A 788 34.41 20.43 -31.10
N LYS A 789 33.89 21.46 -30.43
CA LYS A 789 33.43 22.70 -31.04
C LYS A 789 33.33 23.71 -29.89
N HIS A 790 34.16 24.75 -29.93
CA HIS A 790 34.28 25.69 -28.82
C HIS A 790 33.54 26.99 -29.11
N SER B 9 19.24 -48.51 13.49
CA SER B 9 20.14 -48.38 14.66
C SER B 9 19.82 -47.12 15.46
N ALA B 10 20.38 -45.99 15.02
CA ALA B 10 20.14 -44.71 15.67
C ALA B 10 19.16 -43.85 14.87
N VAL B 11 18.28 -44.50 14.11
CA VAL B 11 17.32 -43.81 13.26
C VAL B 11 16.00 -44.55 13.30
N SER B 12 14.90 -43.81 13.44
CA SER B 12 13.58 -44.40 13.39
C SER B 12 13.29 -44.91 11.98
N PRO B 13 12.61 -46.06 11.86
CA PRO B 13 12.30 -46.57 10.52
C PRO B 13 11.49 -45.56 9.69
N MET B 14 10.53 -44.91 10.32
CA MET B 14 9.74 -43.86 9.70
C MET B 14 10.59 -42.68 9.24
N MET B 15 11.83 -42.59 9.73
CA MET B 15 12.81 -41.65 9.18
C MET B 15 13.67 -42.32 8.10
N GLN B 16 13.87 -43.62 8.19
CA GLN B 16 14.65 -44.34 7.18
C GLN B 16 13.98 -44.28 5.82
N GLN B 17 12.67 -44.53 5.78
CA GLN B 17 11.97 -44.44 4.50
C GLN B 17 11.94 -43.00 3.98
N TYR B 18 11.80 -42.04 4.88
CA TYR B 18 11.86 -40.65 4.48
C TYR B 18 13.20 -40.33 3.81
N LEU B 19 14.29 -40.77 4.41
CA LEU B 19 15.60 -40.57 3.82
C LEU B 19 15.71 -41.30 2.48
N GLY B 20 15.02 -42.45 2.36
CA GLY B 20 14.96 -43.14 1.09
C GLY B 20 14.30 -42.32 0.00
N ILE B 21 13.34 -41.46 0.38
CA ILE B 21 12.70 -40.59 -0.58
C ILE B 21 13.53 -39.33 -0.83
N LYS B 22 14.01 -38.70 0.24
CA LYS B 22 14.76 -37.45 0.14
C LYS B 22 16.07 -37.63 -0.60
N ALA B 23 16.64 -38.83 -0.55
CA ALA B 23 17.89 -39.10 -1.25
C ALA B 23 17.76 -38.85 -2.76
N GLN B 24 16.61 -39.20 -3.33
CA GLN B 24 16.36 -38.97 -4.75
C GLN B 24 16.08 -37.51 -5.08
N HIS B 25 15.87 -36.68 -4.06
CA HIS B 25 15.51 -35.28 -4.27
C HIS B 25 16.25 -34.41 -3.26
N THR B 26 17.48 -34.05 -3.59
CA THR B 26 18.24 -33.08 -2.81
C THR B 26 18.20 -31.69 -3.43
N ASP B 27 17.45 -31.51 -4.52
CA ASP B 27 17.44 -30.27 -5.27
C ASP B 27 16.08 -29.56 -5.24
N LYS B 28 15.22 -29.98 -4.30
CA LYS B 28 13.89 -29.40 -4.16
C LYS B 28 13.34 -29.82 -2.81
N LEU B 29 12.41 -29.04 -2.27
CA LEU B 29 11.78 -29.38 -1.01
C LEU B 29 10.91 -30.63 -1.15
N VAL B 30 10.67 -31.31 -0.05
CA VAL B 30 9.88 -32.54 -0.04
C VAL B 30 8.79 -32.44 1.01
N PHE B 31 7.55 -32.27 0.56
CA PHE B 31 6.39 -32.36 1.45
C PHE B 31 6.16 -33.84 1.79
N TYR B 32 6.27 -34.15 3.08
CA TYR B 32 6.10 -35.52 3.55
C TYR B 32 4.78 -35.64 4.28
N ARG B 33 3.91 -36.52 3.77
CA ARG B 33 2.59 -36.70 4.35
C ARG B 33 2.71 -37.36 5.73
N MET B 34 2.25 -36.66 6.76
CA MET B 34 2.28 -37.17 8.13
C MET B 34 0.94 -36.87 8.79
N GLY B 35 0.10 -37.90 8.87
CA GLY B 35 -1.25 -37.73 9.41
C GLY B 35 -2.06 -36.79 8.54
N ASP B 36 -2.66 -35.79 9.16
CA ASP B 36 -3.39 -34.75 8.44
C ASP B 36 -2.52 -33.54 8.10
N PHE B 37 -1.21 -33.75 8.00
CA PHE B 37 -0.26 -32.66 7.80
C PHE B 37 0.77 -33.05 6.75
N TYR B 38 1.40 -32.03 6.17
CA TYR B 38 2.61 -32.19 5.38
C TYR B 38 3.76 -31.59 6.15
N GLU B 39 4.83 -32.37 6.34
CA GLU B 39 5.96 -31.94 7.15
C GLU B 39 7.27 -32.06 6.38
N LEU B 40 8.19 -31.18 6.70
CA LEU B 40 9.55 -31.23 6.16
C LEU B 40 10.55 -31.37 7.30
N PHE B 41 11.65 -32.05 7.02
CA PHE B 41 12.65 -32.33 8.04
C PHE B 41 14.02 -31.79 7.64
N LEU B 42 14.81 -31.45 8.64
CA LEU B 42 16.24 -31.18 8.48
C LEU B 42 16.43 -29.87 7.69
N ASP B 43 17.30 -29.84 6.69
CA ASP B 43 17.51 -28.64 5.91
C ASP B 43 16.24 -28.19 5.21
N ASP B 44 15.40 -29.15 4.79
CA ASP B 44 14.08 -28.79 4.28
C ASP B 44 13.24 -28.11 5.34
N ALA B 45 13.39 -28.52 6.60
CA ALA B 45 12.64 -27.91 7.69
C ALA B 45 13.09 -26.47 7.94
N VAL B 46 14.39 -26.24 7.98
CA VAL B 46 14.90 -24.90 8.22
C VAL B 46 14.56 -23.98 7.03
N GLU B 47 14.81 -24.48 5.82
CA GLU B 47 14.54 -23.70 4.62
C GLU B 47 13.06 -23.39 4.45
N ALA B 48 12.20 -24.35 4.76
CA ALA B 48 10.76 -24.14 4.67
C ALA B 48 10.26 -23.21 5.76
N ALA B 49 10.83 -23.33 6.95
CA ALA B 49 10.51 -22.41 8.03
C ALA B 49 11.08 -21.01 7.81
N LYS B 50 11.99 -20.86 6.84
CA LYS B 50 12.56 -19.56 6.51
C LYS B 50 11.82 -18.89 5.36
N LEU B 51 11.67 -19.59 4.24
CA LEU B 51 10.96 -19.04 3.09
C LEU B 51 9.54 -18.63 3.46
N LEU B 52 8.84 -19.49 4.19
CA LEU B 52 7.58 -19.13 4.81
C LEU B 52 7.86 -18.68 6.25
N ASP B 53 6.82 -18.20 6.92
CA ASP B 53 6.94 -17.89 8.36
C ASP B 53 6.23 -18.99 9.14
N ILE B 54 6.90 -20.13 9.21
CA ILE B 54 6.36 -21.34 9.82
C ILE B 54 7.18 -21.68 11.05
N THR B 55 6.50 -22.11 12.10
CA THR B 55 7.14 -22.50 13.34
C THR B 55 8.08 -23.68 13.11
N LEU B 56 9.34 -23.52 13.49
CA LEU B 56 10.33 -24.61 13.41
C LEU B 56 10.42 -25.29 14.76
N THR B 57 10.38 -26.61 14.76
CA THR B 57 10.40 -27.38 15.99
C THR B 57 11.24 -28.65 15.79
N THR B 58 11.09 -29.60 16.70
CA THR B 58 11.90 -30.82 16.70
C THR B 58 11.02 -32.02 17.02
N ARG B 59 11.20 -33.11 16.28
CA ARG B 59 10.51 -34.37 16.57
C ARG B 59 11.44 -35.53 16.26
N GLY B 60 12.09 -36.07 17.29
CA GLY B 60 12.92 -37.26 17.15
C GLY B 60 14.39 -36.97 17.23
N GLN B 61 15.18 -38.03 17.23
CA GLN B 61 16.64 -37.94 17.26
C GLN B 61 17.26 -38.88 16.24
N MET B 62 18.24 -38.39 15.49
CA MET B 62 18.99 -39.19 14.53
C MET B 62 20.46 -39.11 14.88
N ASP B 63 21.05 -40.25 15.23
CA ASP B 63 22.42 -40.33 15.75
C ASP B 63 22.59 -39.46 17.00
N GLY B 64 21.55 -39.38 17.82
CA GLY B 64 21.60 -38.56 19.01
C GLY B 64 21.52 -37.05 18.76
N VAL B 65 20.97 -36.66 17.60
CA VAL B 65 20.82 -35.26 17.25
C VAL B 65 19.33 -34.98 17.06
N PRO B 66 18.76 -34.03 17.82
CA PRO B 66 17.33 -33.72 17.67
C PRO B 66 17.01 -33.21 16.26
N ILE B 67 16.30 -34.01 15.47
CA ILE B 67 15.99 -33.65 14.09
C ILE B 67 14.90 -32.58 14.05
N LYS B 68 15.13 -31.54 13.24
CA LYS B 68 14.21 -30.43 13.13
C LYS B 68 13.09 -30.75 12.15
N MET B 69 11.95 -30.08 12.31
CA MET B 69 10.78 -30.36 11.49
C MET B 69 9.84 -29.17 11.49
N ALA B 70 9.25 -28.90 10.32
CA ALA B 70 8.22 -27.87 10.15
C ALA B 70 7.02 -28.51 9.44
N GLY B 71 5.84 -27.97 9.71
CA GLY B 71 4.63 -28.59 9.20
C GLY B 71 3.58 -27.60 8.74
N VAL B 72 2.70 -28.07 7.87
CA VAL B 72 1.55 -27.30 7.39
C VAL B 72 0.33 -28.21 7.36
N PRO B 73 -0.86 -27.63 7.54
CA PRO B 73 -2.07 -28.44 7.46
C PRO B 73 -2.42 -28.85 6.03
N PHE B 74 -3.11 -29.96 5.90
CA PHE B 74 -3.49 -30.48 4.60
C PHE B 74 -4.47 -29.56 3.87
N HIS B 75 -5.41 -28.96 4.61
CA HIS B 75 -6.41 -28.11 3.99
C HIS B 75 -5.78 -26.85 3.38
N ALA B 76 -4.74 -26.33 4.02
CA ALA B 76 -4.04 -25.15 3.51
C ALA B 76 -2.70 -25.52 2.88
N ALA B 77 -2.63 -26.68 2.23
CA ALA B 77 -1.37 -27.12 1.63
C ALA B 77 -1.12 -26.45 0.29
N GLU B 78 -2.12 -26.45 -0.58
CA GLU B 78 -1.96 -25.87 -1.91
C GLU B 78 -1.70 -24.37 -1.86
N GLN B 79 -2.23 -23.68 -0.85
CA GLN B 79 -1.92 -22.27 -0.67
C GLN B 79 -0.43 -22.08 -0.37
N TYR B 80 0.09 -22.84 0.59
CA TYR B 80 1.47 -22.68 1.01
C TYR B 80 2.45 -23.08 -0.10
N LEU B 81 2.21 -24.21 -0.76
CA LEU B 81 3.10 -24.62 -1.84
C LEU B 81 2.92 -23.72 -3.07
N ALA B 82 1.75 -23.10 -3.21
CA ALA B 82 1.58 -22.06 -4.23
C ALA B 82 2.49 -20.87 -3.92
N ARG B 83 2.55 -20.47 -2.65
CA ARG B 83 3.51 -19.46 -2.23
C ARG B 83 4.95 -19.96 -2.45
N LEU B 84 5.17 -21.26 -2.41
CA LEU B 84 6.50 -21.81 -2.62
C LEU B 84 6.91 -21.73 -4.09
N VAL B 85 5.98 -21.94 -5.00
CA VAL B 85 6.31 -21.83 -6.42
C VAL B 85 6.32 -20.36 -6.89
N LYS B 86 5.62 -19.48 -6.19
CA LYS B 86 5.78 -18.05 -6.45
C LYS B 86 7.22 -17.60 -6.13
N LEU B 87 7.82 -18.21 -5.10
CA LEU B 87 9.21 -17.96 -4.75
C LEU B 87 10.20 -18.63 -5.70
N GLY B 88 9.72 -19.51 -6.57
CA GLY B 88 10.60 -20.22 -7.49
C GLY B 88 11.29 -21.44 -6.91
N LYS B 89 10.61 -22.18 -6.04
CA LYS B 89 11.13 -23.42 -5.48
C LYS B 89 10.29 -24.61 -5.91
N SER B 90 10.94 -25.76 -6.06
CA SER B 90 10.26 -27.00 -6.43
C SER B 90 9.98 -27.86 -5.21
N VAL B 91 8.86 -28.57 -5.23
CA VAL B 91 8.43 -29.38 -4.11
C VAL B 91 7.97 -30.74 -4.61
N ALA B 92 8.62 -31.80 -4.14
CA ALA B 92 8.14 -33.16 -4.34
C ALA B 92 7.16 -33.52 -3.24
N ILE B 93 6.03 -34.10 -3.63
CA ILE B 93 4.97 -34.46 -2.70
C ILE B 93 4.97 -35.96 -2.50
N CYS B 94 5.17 -36.39 -1.26
CA CYS B 94 5.34 -37.79 -0.93
C CYS B 94 4.15 -38.30 -0.12
N GLU B 95 3.35 -39.15 -0.74
CA GLU B 95 2.22 -39.79 -0.08
C GLU B 95 2.49 -41.28 0.09
N GLN B 96 1.62 -41.94 0.85
CA GLN B 96 1.62 -43.39 0.96
C GLN B 96 0.63 -43.97 -0.03
N VAL B 97 1.14 -44.74 -0.99
CA VAL B 97 0.31 -45.31 -2.06
C VAL B 97 0.33 -46.84 -1.98
N GLY B 98 -0.81 -47.45 -2.31
CA GLY B 98 -0.95 -48.88 -2.23
C GLY B 98 -1.54 -49.48 -3.48
N GLU B 99 -1.20 -50.74 -3.75
CA GLU B 99 -1.70 -51.43 -4.92
C GLU B 99 -3.18 -51.77 -4.79
N VAL B 100 -3.78 -52.19 -5.90
CA VAL B 100 -5.19 -52.56 -5.96
C VAL B 100 -6.07 -51.41 -5.48
N GLY B 101 -6.19 -51.27 -4.16
CA GLY B 101 -6.99 -50.20 -3.56
C GLY B 101 -6.98 -50.27 -2.05
N ALA B 102 -6.85 -49.11 -1.41
CA ALA B 102 -6.72 -48.99 0.06
C ALA B 102 -5.55 -49.82 0.60
N GLY B 103 -4.62 -50.19 -0.27
CA GLY B 103 -3.52 -51.06 0.10
C GLY B 103 -3.98 -52.42 0.57
N LYS B 104 -4.18 -53.36 -0.36
CA LYS B 104 -4.50 -54.74 0.00
C LYS B 104 -3.35 -55.32 0.82
N GLY B 105 -3.18 -54.79 2.02
CA GLY B 105 -2.03 -55.10 2.85
C GLY B 105 -1.06 -53.94 2.90
N PRO B 106 -0.01 -53.98 2.07
CA PRO B 106 1.10 -53.05 2.21
C PRO B 106 0.83 -51.67 1.64
N VAL B 107 1.76 -50.76 1.92
CA VAL B 107 1.74 -49.41 1.35
C VAL B 107 3.19 -48.99 1.11
N GLU B 108 3.39 -48.16 0.09
CA GLU B 108 4.73 -47.98 -0.50
C GLU B 108 5.43 -46.72 -0.07
N ARG B 109 4.72 -45.60 -0.03
CA ARG B 109 5.32 -44.28 0.22
C ARG B 109 6.25 -43.86 -0.92
N LYS B 110 5.73 -43.06 -1.84
CA LYS B 110 6.52 -42.59 -2.99
C LYS B 110 6.08 -41.20 -3.39
N VAL B 111 6.92 -40.54 -4.17
CA VAL B 111 6.62 -39.20 -4.67
C VAL B 111 5.58 -39.31 -5.77
N VAL B 112 4.37 -38.86 -5.49
CA VAL B 112 3.27 -39.01 -6.42
C VAL B 112 3.22 -37.87 -7.45
N ARG B 113 3.68 -36.68 -7.08
CA ARG B 113 3.82 -35.59 -8.06
C ARG B 113 4.88 -34.60 -7.61
N ILE B 114 5.49 -33.93 -8.58
CA ILE B 114 6.53 -32.95 -8.33
C ILE B 114 6.09 -31.60 -8.88
N VAL B 115 5.93 -30.63 -8.00
CA VAL B 115 5.44 -29.31 -8.38
C VAL B 115 6.61 -28.38 -8.66
N THR B 116 6.70 -27.91 -9.90
CA THR B 116 7.74 -26.96 -10.30
C THR B 116 7.09 -25.69 -10.84
N PRO B 117 7.74 -24.53 -10.65
CA PRO B 117 7.09 -23.26 -11.00
C PRO B 117 6.80 -23.07 -12.49
N GLY B 118 7.19 -24.01 -13.34
CA GLY B 118 6.97 -23.85 -14.76
C GLY B 118 6.19 -24.97 -15.41
N THR B 119 5.58 -25.83 -14.60
CA THR B 119 4.77 -26.95 -15.10
C THR B 119 3.47 -27.03 -14.30
N LEU B 120 2.72 -25.93 -14.31
CA LEU B 120 1.57 -25.77 -13.44
C LEU B 120 0.27 -25.94 -14.21
N THR B 121 -0.67 -26.68 -13.61
CA THR B 121 -1.95 -26.94 -14.25
C THR B 121 -3.15 -26.75 -13.31
N ASP B 122 -2.94 -26.80 -12.00
CA ASP B 122 -4.03 -26.64 -11.04
C ASP B 122 -4.44 -25.19 -10.90
N SER B 123 -5.74 -24.94 -10.81
CA SER B 123 -6.23 -23.57 -10.64
C SER B 123 -5.83 -22.99 -9.29
N ALA B 124 -5.56 -23.85 -8.31
CA ALA B 124 -5.16 -23.38 -6.98
C ALA B 124 -3.76 -22.77 -6.96
N LEU B 125 -2.92 -23.12 -7.94
CA LEU B 125 -1.54 -22.60 -8.00
C LEU B 125 -1.39 -21.44 -8.98
N LEU B 126 -2.24 -21.39 -10.01
CA LEU B 126 -2.14 -20.37 -11.04
C LEU B 126 -3.18 -19.28 -10.85
N GLU B 127 -2.78 -18.04 -11.15
CA GLU B 127 -3.77 -16.98 -11.31
C GLU B 127 -4.52 -17.20 -12.61
N ASP B 128 -5.80 -16.86 -12.62
CA ASP B 128 -6.65 -17.16 -13.77
C ASP B 128 -6.29 -16.37 -15.02
N LYS B 129 -5.24 -15.54 -14.96
CA LYS B 129 -4.69 -14.93 -16.16
C LYS B 129 -3.19 -15.21 -16.36
N GLU B 130 -2.61 -16.04 -15.50
CA GLU B 130 -1.21 -16.38 -15.61
C GLU B 130 -0.94 -17.23 -16.83
N THR B 131 0.15 -16.93 -17.53
CA THR B 131 0.67 -17.81 -18.57
C THR B 131 1.93 -18.47 -18.03
N ASN B 132 1.96 -19.80 -18.04
CA ASN B 132 3.03 -20.57 -17.39
C ASN B 132 3.83 -21.31 -18.45
N ARG B 133 5.05 -20.86 -18.69
CA ARG B 133 5.92 -21.45 -19.70
C ARG B 133 7.22 -21.92 -19.07
N ILE B 134 7.66 -23.11 -19.46
CA ILE B 134 8.96 -23.64 -19.12
C ILE B 134 9.78 -23.64 -20.41
N VAL B 135 10.92 -22.96 -20.37
CA VAL B 135 11.80 -22.86 -21.54
C VAL B 135 13.13 -23.55 -21.22
N ALA B 136 13.58 -24.40 -22.14
CA ALA B 136 14.88 -25.03 -22.07
C ALA B 136 15.84 -24.32 -23.03
N VAL B 137 17.06 -24.05 -22.56
CA VAL B 137 18.08 -23.41 -23.36
C VAL B 137 19.27 -24.36 -23.51
N SER B 138 19.77 -24.49 -24.72
CA SER B 138 20.93 -25.32 -25.02
C SER B 138 21.93 -24.45 -25.78
N PRO B 139 22.98 -24.01 -25.08
CA PRO B 139 23.96 -23.13 -25.74
C PRO B 139 25.16 -23.90 -26.28
N ASP B 140 25.83 -23.27 -27.24
CA ASP B 140 27.14 -23.71 -27.69
C ASP B 140 27.90 -22.52 -28.31
N LYS B 141 28.13 -22.57 -29.62
CA LYS B 141 28.88 -21.52 -30.31
C LYS B 141 28.04 -20.26 -30.49
N LYS B 142 27.85 -19.84 -31.74
CA LYS B 142 27.03 -18.66 -32.03
C LYS B 142 25.58 -18.92 -31.64
N TYR B 143 24.88 -19.68 -32.47
CA TYR B 143 23.48 -19.97 -32.25
C TYR B 143 23.28 -20.80 -30.98
N ILE B 144 22.10 -20.69 -30.39
CA ILE B 144 21.72 -21.45 -29.21
C ILE B 144 20.30 -21.98 -29.41
N GLY B 145 20.04 -23.16 -28.85
CA GLY B 145 18.76 -23.80 -28.99
C GLY B 145 17.74 -23.35 -27.97
N LEU B 146 16.60 -22.86 -28.45
CA LEU B 146 15.55 -22.33 -27.60
C LEU B 146 14.30 -23.16 -27.80
N ALA B 147 13.79 -23.74 -26.72
CA ALA B 147 12.57 -24.54 -26.77
C ALA B 147 11.73 -24.25 -25.52
N TRP B 148 10.46 -23.90 -25.73
CA TRP B 148 9.56 -23.60 -24.63
C TRP B 148 8.27 -24.37 -24.78
N ALA B 149 7.59 -24.58 -23.65
CA ALA B 149 6.33 -25.32 -23.65
C ALA B 149 5.49 -24.85 -22.51
N SER B 150 4.17 -24.87 -22.72
CA SER B 150 3.21 -24.51 -21.67
C SER B 150 2.26 -25.67 -21.50
N LEU B 151 2.25 -26.25 -20.31
CA LEU B 151 1.38 -27.39 -20.05
C LEU B 151 -0.10 -26.99 -20.11
N GLN B 152 -0.46 -25.84 -19.51
CA GLN B 152 -1.86 -25.46 -19.47
C GLN B 152 -2.46 -25.17 -20.85
N SER B 153 -1.63 -24.85 -21.83
CA SER B 153 -2.11 -24.51 -23.17
C SER B 153 -1.69 -25.52 -24.24
N GLY B 154 -0.82 -26.47 -23.89
CA GLY B 154 -0.29 -27.39 -24.88
C GLY B 154 0.74 -26.81 -25.83
N GLU B 155 1.05 -25.52 -25.69
CA GLU B 155 2.04 -24.86 -26.53
C GLU B 155 3.37 -25.60 -26.41
N PHE B 156 4.06 -25.73 -27.55
CA PHE B 156 5.30 -26.50 -27.62
C PHE B 156 6.04 -26.10 -28.89
N LYS B 157 6.89 -25.08 -28.76
CA LYS B 157 7.62 -24.53 -29.90
C LYS B 157 9.12 -24.57 -29.65
N THR B 158 9.85 -24.37 -30.74
CA THR B 158 11.30 -24.29 -30.70
C THR B 158 11.75 -23.11 -31.57
N LYS B 159 13.01 -22.71 -31.40
CA LYS B 159 13.54 -21.56 -32.11
C LYS B 159 15.06 -21.53 -32.01
N LEU B 160 15.70 -21.18 -33.13
CA LEU B 160 17.13 -20.88 -33.12
C LEU B 160 17.34 -19.39 -32.90
N THR B 161 18.26 -19.05 -32.01
CA THR B 161 18.59 -17.65 -31.75
C THR B 161 20.08 -17.51 -31.49
N THR B 162 20.54 -16.27 -31.36
CA THR B 162 21.96 -16.01 -31.15
C THR B 162 22.29 -15.94 -29.67
N ALA B 163 23.55 -16.26 -29.35
CA ALA B 163 24.03 -16.22 -27.97
C ALA B 163 23.93 -14.79 -27.43
N ASP B 164 22.99 -14.59 -26.51
CA ASP B 164 22.66 -13.27 -25.96
C ASP B 164 22.10 -12.35 -27.04
N LYS B 165 20.96 -11.75 -26.70
CA LYS B 165 19.80 -11.53 -27.59
C LYS B 165 18.78 -12.57 -27.11
N LEU B 166 19.31 -13.61 -26.47
CA LEU B 166 18.49 -14.57 -25.73
C LEU B 166 17.69 -13.89 -24.64
N ASN B 167 18.22 -12.83 -24.04
CA ASN B 167 17.52 -12.14 -22.96
C ASN B 167 16.20 -11.54 -23.44
N ASP B 168 16.19 -11.04 -24.67
CA ASP B 168 14.97 -10.46 -25.23
C ASP B 168 13.93 -11.53 -25.51
N GLU B 169 14.38 -12.67 -26.04
CA GLU B 169 13.49 -13.80 -26.23
C GLU B 169 12.94 -14.32 -24.90
N LEU B 170 13.75 -14.26 -23.86
CA LEU B 170 13.31 -14.70 -22.54
C LEU B 170 12.25 -13.76 -21.95
N ALA B 171 12.51 -12.46 -22.04
CA ALA B 171 11.52 -11.49 -21.57
C ALA B 171 10.27 -11.49 -22.44
N ARG B 172 10.37 -11.96 -23.68
CA ARG B 172 9.20 -12.11 -24.54
C ARG B 172 8.38 -13.35 -24.14
N LEU B 173 9.07 -14.44 -23.86
CA LEU B 173 8.38 -15.66 -23.41
C LEU B 173 7.80 -15.54 -22.01
N GLN B 174 8.36 -14.64 -21.20
CA GLN B 174 7.95 -14.46 -19.80
C GLN B 174 7.98 -15.79 -19.05
N ALA B 175 9.13 -16.46 -19.15
CA ALA B 175 9.25 -17.79 -18.59
C ALA B 175 9.09 -17.82 -17.08
N ALA B 176 8.54 -18.92 -16.57
CA ALA B 176 8.44 -19.16 -15.15
C ALA B 176 9.49 -20.14 -14.63
N GLU B 177 10.29 -20.70 -15.54
CA GLU B 177 11.36 -21.63 -15.18
C GLU B 177 12.25 -21.83 -16.40
N ILE B 178 13.55 -21.98 -16.16
CA ILE B 178 14.52 -22.20 -17.23
C ILE B 178 15.26 -23.51 -16.98
N LEU B 179 15.37 -24.34 -18.02
CA LEU B 179 16.18 -25.56 -17.97
C LEU B 179 17.53 -25.30 -18.59
N LEU B 180 18.60 -25.65 -17.87
CA LEU B 180 19.96 -25.36 -18.30
C LEU B 180 20.85 -26.58 -18.14
N PRO B 181 21.79 -26.78 -19.08
CA PRO B 181 22.77 -27.86 -18.92
C PRO B 181 23.93 -27.47 -18.00
N ASP B 182 25.11 -28.05 -18.24
CA ASP B 182 26.29 -27.78 -17.44
C ASP B 182 27.39 -27.15 -18.29
N SER B 183 28.45 -26.71 -17.61
CA SER B 183 29.64 -26.10 -18.22
C SER B 183 29.30 -24.77 -18.92
N LYS B 184 30.34 -24.01 -19.24
CA LYS B 184 30.24 -22.71 -19.91
C LYS B 184 29.04 -21.86 -19.47
N ASN B 185 28.46 -21.13 -20.43
CA ASN B 185 27.35 -20.21 -20.19
C ASN B 185 26.01 -20.97 -20.41
N ALA B 186 24.81 -20.37 -20.40
CA ALA B 186 24.48 -18.92 -20.44
C ALA B 186 24.46 -18.25 -19.07
N PRO B 187 24.62 -16.91 -19.04
CA PRO B 187 24.65 -16.19 -17.77
C PRO B 187 23.29 -15.67 -17.32
N GLN B 188 23.20 -14.35 -17.09
CA GLN B 188 21.97 -13.66 -16.70
C GLN B 188 21.50 -14.06 -15.29
N LEU B 189 21.28 -15.36 -15.07
CA LEU B 189 20.90 -15.88 -13.75
C LEU B 189 19.66 -15.19 -13.19
N GLN B 190 19.83 -13.98 -12.66
CA GLN B 190 18.74 -13.23 -12.07
C GLN B 190 17.98 -12.35 -13.06
N THR B 191 18.34 -12.41 -14.34
CA THR B 191 17.52 -11.79 -15.37
C THR B 191 16.39 -12.72 -15.82
N ALA B 192 16.47 -13.99 -15.43
CA ALA B 192 15.36 -14.93 -15.59
C ALA B 192 14.60 -15.02 -14.26
N SER B 193 13.96 -16.16 -13.99
CA SER B 193 13.29 -16.36 -12.72
C SER B 193 13.21 -17.85 -12.44
N GLY B 194 13.94 -18.30 -11.42
CA GLY B 194 13.94 -19.71 -11.04
C GLY B 194 14.50 -20.61 -12.14
N VAL B 195 15.78 -20.93 -12.00
CA VAL B 195 16.48 -21.76 -12.97
C VAL B 195 16.80 -23.11 -12.35
N THR B 196 16.35 -24.18 -12.99
CA THR B 196 16.71 -25.54 -12.60
C THR B 196 17.70 -26.10 -13.60
N ARG B 197 18.64 -26.90 -13.09
CA ARG B 197 19.79 -27.34 -13.85
C ARG B 197 19.71 -28.85 -14.10
N LEU B 198 19.83 -29.24 -15.37
CA LEU B 198 19.67 -30.63 -15.79
C LEU B 198 20.95 -31.17 -16.42
N ASN B 199 21.11 -32.48 -16.38
CA ASN B 199 22.25 -33.14 -16.98
C ASN B 199 22.41 -32.79 -18.45
N ALA B 200 23.65 -32.79 -18.93
CA ALA B 200 23.93 -32.39 -20.30
C ALA B 200 23.31 -33.35 -21.31
N TRP B 201 23.33 -34.66 -21.01
CA TRP B 201 22.79 -35.64 -21.94
C TRP B 201 21.29 -35.50 -22.16
N GLN B 202 20.61 -34.73 -21.32
CA GLN B 202 19.20 -34.43 -21.54
C GLN B 202 19.03 -33.54 -22.78
N PHE B 203 20.00 -32.65 -23.02
CA PHE B 203 19.91 -31.70 -24.12
C PHE B 203 20.49 -32.22 -25.43
N ALA B 204 20.72 -33.54 -25.52
CA ALA B 204 21.34 -34.11 -26.71
C ALA B 204 20.29 -34.30 -27.81
N ALA B 205 20.55 -33.72 -28.97
CA ALA B 205 19.83 -34.09 -30.18
C ALA B 205 19.94 -35.61 -30.42
N ASP B 206 21.12 -36.14 -30.10
CA ASP B 206 21.49 -37.55 -30.15
C ASP B 206 20.66 -38.40 -29.18
N ALA B 207 19.48 -37.89 -28.81
CA ALA B 207 18.53 -38.58 -27.94
C ALA B 207 17.22 -37.82 -28.04
N GLY B 208 17.32 -36.51 -28.18
CA GLY B 208 16.15 -35.67 -28.31
C GLY B 208 15.32 -35.99 -29.55
N GLU B 209 15.99 -36.17 -30.68
CA GLU B 209 15.24 -36.51 -31.90
C GLU B 209 14.48 -37.83 -31.74
N LYS B 210 15.12 -38.81 -31.10
CA LYS B 210 14.47 -40.09 -30.88
C LYS B 210 13.24 -39.94 -29.99
N LEU B 211 13.40 -39.22 -28.89
CA LEU B 211 12.30 -39.03 -27.95
C LEU B 211 11.14 -38.30 -28.59
N LEU B 212 11.43 -37.27 -29.38
CA LEU B 212 10.40 -36.50 -30.05
C LEU B 212 9.67 -37.34 -31.10
N THR B 213 10.44 -38.04 -31.94
CA THR B 213 9.85 -38.90 -32.96
C THR B 213 8.93 -39.94 -32.32
N GLU B 214 9.36 -40.51 -31.20
CA GLU B 214 8.50 -41.47 -30.50
C GLU B 214 7.25 -40.80 -29.93
N TYR B 215 7.40 -39.58 -29.44
CA TYR B 215 6.26 -38.89 -28.85
C TYR B 215 5.17 -38.57 -29.87
N PHE B 216 5.58 -38.06 -31.03
CA PHE B 216 4.61 -37.67 -32.05
C PHE B 216 4.25 -38.78 -33.05
N GLY B 217 4.94 -39.90 -32.97
CA GLY B 217 4.65 -41.03 -33.86
C GLY B 217 4.98 -40.76 -35.32
N CYS B 218 6.09 -40.08 -35.58
CA CYS B 218 6.54 -39.79 -36.92
C CYS B 218 7.99 -40.24 -37.09
N GLN B 219 8.40 -40.45 -38.34
CA GLN B 219 9.72 -41.00 -38.60
C GLN B 219 10.81 -39.95 -38.42
N ASP B 220 10.56 -38.73 -38.87
CA ASP B 220 11.53 -37.65 -38.78
C ASP B 220 10.86 -36.37 -38.31
N LEU B 221 11.66 -35.38 -37.93
CA LEU B 221 11.16 -34.08 -37.52
C LEU B 221 11.08 -33.07 -38.65
N ARG B 222 11.39 -33.48 -39.87
CA ARG B 222 11.36 -32.57 -41.01
C ARG B 222 9.95 -32.11 -41.36
N GLY B 223 8.94 -32.86 -40.93
CA GLY B 223 7.56 -32.41 -41.10
C GLY B 223 7.25 -31.18 -40.25
N PHE B 224 7.87 -31.10 -39.08
CA PHE B 224 7.74 -29.94 -38.21
C PHE B 224 8.69 -28.81 -38.59
N GLY B 225 9.46 -28.99 -39.65
CA GLY B 225 10.39 -27.96 -40.11
C GLY B 225 11.74 -27.97 -39.40
N LEU B 226 12.11 -29.10 -38.81
CA LEU B 226 13.35 -29.21 -38.06
C LEU B 226 14.27 -30.21 -38.75
N ASP B 227 15.36 -29.70 -39.32
CA ASP B 227 16.40 -30.55 -39.86
C ASP B 227 17.34 -30.99 -38.73
N SER B 228 18.21 -31.96 -39.02
CA SER B 228 19.08 -32.53 -38.00
C SER B 228 20.46 -31.91 -37.94
N LYS B 229 21.03 -31.49 -39.08
CA LYS B 229 22.32 -30.81 -39.06
C LYS B 229 22.22 -29.50 -38.29
N GLU B 230 21.49 -28.54 -38.85
CA GLU B 230 21.11 -27.37 -38.07
C GLU B 230 19.97 -27.77 -37.12
N HIS B 231 19.50 -26.83 -36.30
CA HIS B 231 18.39 -27.08 -35.39
C HIS B 231 18.69 -28.15 -34.33
N ALA B 232 19.78 -28.88 -34.51
CA ALA B 232 20.11 -29.99 -33.62
C ALA B 232 20.12 -29.56 -32.16
N VAL B 233 20.68 -28.38 -31.90
CA VAL B 233 20.74 -27.86 -30.55
C VAL B 233 19.34 -27.59 -30.02
N SER B 234 18.44 -27.16 -30.89
CA SER B 234 17.08 -26.84 -30.48
C SER B 234 16.22 -28.09 -30.33
N ILE B 235 16.43 -29.09 -31.20
CA ILE B 235 15.72 -30.35 -31.02
C ILE B 235 16.20 -31.03 -29.74
N GLY B 236 17.46 -30.79 -29.38
CA GLY B 236 17.96 -31.27 -28.10
C GLY B 236 17.29 -30.56 -26.93
N ALA B 237 17.15 -29.24 -27.03
CA ALA B 237 16.45 -28.48 -26.00
C ALA B 237 15.01 -28.99 -25.84
N ALA B 238 14.33 -29.23 -26.97
CA ALA B 238 12.97 -29.76 -26.93
C ALA B 238 12.94 -31.16 -26.28
N GLY B 239 13.93 -31.98 -26.59
CA GLY B 239 14.03 -33.29 -25.96
C GLY B 239 14.21 -33.19 -24.44
N ALA B 240 15.06 -32.27 -24.00
CA ALA B 240 15.24 -32.07 -22.57
C ALA B 240 13.95 -31.62 -21.92
N LEU B 241 13.22 -30.73 -22.59
CA LEU B 241 11.93 -30.26 -22.08
C LEU B 241 10.96 -31.44 -21.92
N LEU B 242 10.89 -32.28 -22.96
CA LEU B 242 10.02 -33.45 -22.91
C LEU B 242 10.37 -34.36 -21.74
N ASN B 243 11.68 -34.62 -21.54
CA ASN B 243 12.11 -35.45 -20.43
C ASN B 243 11.68 -34.86 -19.09
N TYR B 244 11.85 -33.55 -18.93
CA TYR B 244 11.49 -32.90 -17.68
C TYR B 244 9.99 -33.02 -17.41
N ILE B 245 9.18 -32.79 -18.44
CA ILE B 245 7.74 -32.91 -18.31
C ILE B 245 7.37 -34.34 -17.91
N ARG B 246 8.05 -35.33 -18.49
CA ARG B 246 7.78 -36.72 -18.13
C ARG B 246 8.16 -37.00 -16.68
N LEU B 247 9.28 -36.47 -16.22
CA LEU B 247 9.73 -36.72 -14.85
C LEU B 247 8.88 -36.01 -13.81
N THR B 248 8.18 -34.95 -14.21
CA THR B 248 7.42 -34.16 -13.25
C THR B 248 5.96 -34.59 -13.09
N GLN B 249 5.30 -34.94 -14.19
CA GLN B 249 3.87 -35.28 -14.13
C GLN B 249 3.65 -36.77 -13.99
N ASN B 250 2.45 -37.15 -13.54
CA ASN B 250 2.14 -38.55 -13.30
C ASN B 250 1.74 -39.31 -14.56
N LEU B 251 1.15 -38.60 -15.53
CA LEU B 251 0.97 -39.15 -16.89
C LEU B 251 1.76 -38.29 -17.86
N MET B 252 2.37 -38.92 -18.85
CA MET B 252 3.01 -38.18 -19.91
C MET B 252 1.94 -37.49 -20.76
N PRO B 253 1.88 -36.14 -20.74
CA PRO B 253 0.79 -35.47 -21.43
C PRO B 253 0.82 -35.70 -22.93
N GLN B 254 -0.33 -36.12 -23.48
CA GLN B 254 -0.46 -36.41 -24.90
C GLN B 254 -1.22 -35.32 -25.64
N HIS B 255 -1.18 -34.09 -25.13
CA HIS B 255 -1.95 -32.98 -25.68
C HIS B 255 -1.06 -31.87 -26.25
N LEU B 256 0.26 -32.03 -26.17
CA LEU B 256 1.16 -30.97 -26.62
C LEU B 256 0.92 -30.65 -28.09
N ASP B 257 0.98 -29.36 -28.42
CA ASP B 257 0.60 -28.89 -29.75
C ASP B 257 1.24 -29.69 -30.87
N GLY B 258 2.55 -29.59 -30.95
CA GLY B 258 3.25 -30.14 -32.10
C GLY B 258 4.37 -29.21 -32.44
N LEU B 259 5.58 -29.76 -32.55
CA LEU B 259 6.77 -28.95 -32.68
C LEU B 259 6.69 -28.05 -33.91
N SER B 260 7.21 -26.84 -33.77
CA SER B 260 7.29 -25.91 -34.87
C SER B 260 8.50 -25.01 -34.65
N LEU B 261 9.29 -24.82 -35.71
CA LEU B 261 10.41 -23.93 -35.67
C LEU B 261 9.92 -22.48 -35.85
N GLU B 262 10.01 -21.69 -34.80
CA GLU B 262 9.61 -20.30 -34.87
C GLU B 262 10.68 -19.47 -35.58
N THR B 263 10.31 -18.85 -36.70
CA THR B 263 11.24 -18.03 -37.47
C THR B 263 11.36 -16.65 -36.87
N ASP B 264 12.57 -16.10 -36.88
CA ASP B 264 12.80 -14.74 -36.44
C ASP B 264 12.46 -13.75 -37.55
N SER B 265 11.24 -13.85 -38.08
CA SER B 265 10.78 -12.97 -39.15
C SER B 265 9.27 -12.97 -39.25
N GLN B 266 8.60 -13.91 -38.60
CA GLN B 266 7.16 -14.01 -38.69
C GLN B 266 6.42 -13.10 -37.72
N TYR B 267 7.14 -12.51 -36.78
CA TYR B 267 6.58 -11.53 -35.85
C TYR B 267 7.43 -10.27 -35.85
N ILE B 268 6.84 -9.17 -35.41
CA ILE B 268 7.54 -7.91 -35.33
C ILE B 268 8.48 -7.93 -34.12
N GLY B 269 9.69 -7.42 -34.32
CA GLY B 269 10.71 -7.49 -33.28
C GLY B 269 10.54 -6.45 -32.20
N MET B 270 10.43 -6.92 -30.95
CA MET B 270 10.36 -6.05 -29.80
C MET B 270 11.27 -6.60 -28.72
N ASP B 271 12.28 -5.82 -28.35
CA ASP B 271 13.19 -6.21 -27.30
C ASP B 271 12.54 -6.11 -25.92
N ALA B 272 13.29 -6.49 -24.89
CA ALA B 272 12.76 -6.48 -23.53
C ALA B 272 12.38 -5.07 -23.07
N ALA B 273 13.30 -4.12 -23.27
CA ALA B 273 13.08 -2.75 -22.85
C ALA B 273 11.90 -2.11 -23.59
N THR B 274 11.67 -2.53 -24.84
CA THR B 274 10.54 -2.02 -25.58
C THR B 274 9.23 -2.60 -25.07
N ARG B 275 9.25 -3.88 -24.71
CA ARG B 275 8.05 -4.51 -24.13
C ARG B 275 7.72 -3.91 -22.77
N ARG B 276 8.73 -3.44 -22.04
CA ARG B 276 8.47 -2.78 -20.76
C ARG B 276 8.02 -1.33 -20.95
N ASN B 277 8.65 -0.61 -21.88
CA ASN B 277 8.34 0.79 -22.08
C ASN B 277 6.89 1.02 -22.47
N LEU B 278 6.40 0.23 -23.43
CA LEU B 278 5.04 0.40 -23.91
C LEU B 278 3.98 -0.12 -22.92
N GLU B 279 4.42 -0.78 -21.85
CA GLU B 279 3.52 -1.31 -20.84
C GLU B 279 2.47 -2.23 -21.46
N ILE B 280 2.96 -3.27 -22.13
CA ILE B 280 2.08 -4.18 -22.83
C ILE B 280 1.26 -5.02 -21.82
N THR B 281 1.95 -5.64 -20.87
CA THR B 281 1.27 -6.46 -19.87
C THR B 281 1.66 -6.16 -18.43
N GLN B 282 2.61 -5.25 -18.24
CA GLN B 282 2.98 -4.81 -16.88
C GLN B 282 3.48 -3.40 -16.92
N THR B 283 3.32 -2.70 -15.81
CA THR B 283 3.79 -1.32 -15.71
C THR B 283 5.28 -1.29 -15.44
N LEU B 284 5.86 -0.10 -15.59
CA LEU B 284 7.21 0.14 -15.11
C LEU B 284 7.28 0.16 -13.58
N SER B 285 6.13 0.35 -12.93
CA SER B 285 6.02 0.31 -11.48
C SER B 285 5.69 -1.08 -10.95
N GLY B 286 5.98 -2.12 -11.74
CA GLY B 286 5.83 -3.50 -11.30
C GLY B 286 4.39 -3.93 -11.00
N LYS B 287 3.41 -3.25 -11.60
CA LYS B 287 2.01 -3.63 -11.37
C LYS B 287 1.32 -3.96 -12.69
N LYS B 288 -0.02 -4.02 -12.67
CA LYS B 288 -0.82 -4.28 -13.87
C LYS B 288 -1.90 -3.21 -14.10
N THR B 289 -1.88 -2.13 -13.34
CA THR B 289 -2.76 -0.99 -13.55
C THR B 289 -2.41 -0.33 -14.91
N PRO B 290 -3.35 0.47 -15.50
CA PRO B 290 -3.21 0.91 -16.89
C PRO B 290 -2.10 0.33 -17.75
N THR B 291 -2.30 -0.91 -18.22
CA THR B 291 -1.46 -1.49 -19.26
C THR B 291 -2.28 -1.64 -20.53
N LEU B 292 -1.60 -1.83 -21.66
CA LEU B 292 -2.31 -2.05 -22.91
C LEU B 292 -3.17 -3.30 -22.84
N PHE B 293 -2.72 -4.30 -22.08
CA PHE B 293 -3.51 -5.52 -21.90
C PHE B 293 -4.73 -5.27 -21.02
N SER B 294 -4.59 -4.39 -20.02
CA SER B 294 -5.67 -4.17 -19.08
C SER B 294 -6.85 -3.43 -19.71
N ILE B 295 -6.57 -2.34 -20.42
CA ILE B 295 -7.64 -1.55 -21.04
C ILE B 295 -8.18 -2.18 -22.32
N LEU B 296 -7.62 -3.33 -22.71
CA LEU B 296 -8.19 -4.12 -23.80
C LEU B 296 -8.79 -5.43 -23.32
N ASP B 297 -8.56 -5.80 -22.06
CA ASP B 297 -8.97 -7.11 -21.56
C ASP B 297 -10.48 -7.18 -21.37
N GLY B 298 -11.21 -7.23 -22.47
CA GLY B 298 -12.66 -7.40 -22.42
C GLY B 298 -13.06 -8.80 -22.83
N CYS B 299 -12.24 -9.77 -22.47
CA CYS B 299 -12.49 -11.16 -22.83
C CYS B 299 -13.41 -11.82 -21.82
N ALA B 300 -14.43 -12.51 -22.33
CA ALA B 300 -15.38 -13.20 -21.45
C ALA B 300 -14.77 -14.44 -20.80
N THR B 301 -13.68 -14.95 -21.37
CA THR B 301 -13.04 -16.17 -20.86
C THR B 301 -11.59 -15.91 -20.51
N HIS B 302 -11.07 -16.69 -19.57
CA HIS B 302 -9.68 -16.57 -19.15
C HIS B 302 -8.71 -16.93 -20.27
N MET B 303 -8.99 -18.03 -20.97
CA MET B 303 -8.16 -18.44 -22.09
C MET B 303 -8.12 -17.36 -23.18
N GLY B 304 -9.24 -16.66 -23.38
CA GLY B 304 -9.26 -15.55 -24.32
C GLY B 304 -8.39 -14.39 -23.87
N SER B 305 -8.34 -14.16 -22.56
CA SER B 305 -7.47 -13.12 -22.03
C SER B 305 -6.00 -13.47 -22.25
N ARG B 306 -5.63 -14.70 -21.89
CA ARG B 306 -4.27 -15.13 -22.07
C ARG B 306 -3.86 -15.09 -23.55
N LEU B 307 -4.75 -15.54 -24.43
CA LEU B 307 -4.48 -15.46 -25.86
C LEU B 307 -4.34 -13.99 -26.29
N LEU B 308 -5.13 -13.11 -25.67
CA LEU B 308 -4.99 -11.68 -25.95
C LEU B 308 -3.59 -11.19 -25.60
N ALA B 309 -3.05 -11.64 -24.48
CA ALA B 309 -1.66 -11.31 -24.13
C ALA B 309 -0.69 -11.86 -25.18
N LEU B 310 -0.91 -13.10 -25.59
CA LEU B 310 -0.03 -13.72 -26.58
C LEU B 310 0.02 -12.91 -27.87
N TRP B 311 -1.16 -12.50 -28.35
CA TRP B 311 -1.21 -11.67 -29.56
C TRP B 311 -0.60 -10.31 -29.31
N LEU B 312 -0.78 -9.76 -28.11
CA LEU B 312 -0.24 -8.45 -27.78
C LEU B 312 1.29 -8.44 -27.82
N HIS B 313 1.91 -9.57 -27.49
CA HIS B 313 3.36 -9.66 -27.55
C HIS B 313 3.87 -10.19 -28.90
N HIS B 314 3.00 -10.76 -29.72
CA HIS B 314 3.42 -11.34 -31.01
C HIS B 314 2.57 -10.79 -32.17
N PRO B 315 2.80 -9.53 -32.56
CA PRO B 315 2.18 -9.04 -33.78
C PRO B 315 2.93 -9.56 -35.00
N LEU B 316 2.17 -10.04 -35.98
CA LEU B 316 2.75 -10.78 -37.10
C LEU B 316 3.14 -9.86 -38.25
N ARG B 317 4.21 -10.23 -38.95
CA ARG B 317 4.69 -9.50 -40.11
C ARG B 317 4.02 -9.92 -41.42
N ASN B 318 3.46 -11.13 -41.46
CA ASN B 318 2.92 -11.66 -42.69
C ASN B 318 1.68 -10.90 -43.13
N ARG B 319 1.70 -10.38 -44.36
CA ARG B 319 0.51 -9.74 -44.93
C ARG B 319 -0.50 -10.77 -45.47
N ALA B 320 -0.70 -11.86 -44.74
CA ALA B 320 -1.78 -12.82 -45.03
C ALA B 320 -2.46 -13.37 -43.78
N HIS B 321 -1.80 -13.32 -42.63
CA HIS B 321 -2.39 -13.81 -41.39
C HIS B 321 -3.23 -12.75 -40.66
N ILE B 322 -2.83 -11.48 -40.78
CA ILE B 322 -3.71 -10.38 -40.40
C ILE B 322 -4.69 -10.21 -41.57
N ARG B 323 -5.46 -9.13 -41.55
CA ARG B 323 -6.51 -8.86 -42.57
C ARG B 323 -7.48 -10.03 -42.75
N ALA B 324 -7.00 -11.26 -42.55
CA ALA B 324 -7.88 -12.34 -42.15
C ALA B 324 -8.54 -11.98 -40.81
N ARG B 325 -7.73 -11.59 -39.84
CA ARG B 325 -8.25 -11.15 -38.54
C ARG B 325 -9.15 -9.92 -38.70
N GLN B 326 -8.79 -9.01 -39.59
CA GLN B 326 -9.67 -7.91 -39.94
C GLN B 326 -10.97 -8.41 -40.56
N GLU B 327 -10.88 -9.44 -41.39
CA GLU B 327 -12.09 -10.04 -41.97
C GLU B 327 -12.94 -10.71 -40.92
N ALA B 328 -12.36 -11.04 -39.76
CA ALA B 328 -13.13 -11.57 -38.64
C ALA B 328 -13.82 -10.45 -37.87
N VAL B 329 -13.04 -9.50 -37.37
CA VAL B 329 -13.58 -8.45 -36.52
C VAL B 329 -14.60 -7.60 -37.30
N THR B 330 -14.30 -7.31 -38.56
CA THR B 330 -15.24 -6.56 -39.40
C THR B 330 -16.58 -7.29 -39.52
N ALA B 331 -16.52 -8.61 -39.71
CA ALA B 331 -17.73 -9.41 -39.82
C ALA B 331 -18.36 -9.76 -38.47
N LEU B 332 -17.75 -9.34 -37.38
CA LEU B 332 -18.29 -9.59 -36.05
C LEU B 332 -18.94 -8.37 -35.40
N GLU B 333 -18.79 -7.19 -36.01
CA GLU B 333 -19.28 -5.95 -35.41
C GLU B 333 -20.80 -5.89 -35.26
N SER B 334 -21.52 -6.77 -35.95
CA SER B 334 -22.96 -6.82 -35.85
C SER B 334 -23.46 -8.07 -35.13
N GLN B 335 -22.58 -8.78 -34.42
CA GLN B 335 -22.97 -10.04 -33.81
C GLN B 335 -22.16 -10.39 -32.56
N TYR B 336 -21.47 -9.42 -31.95
CA TYR B 336 -20.55 -9.73 -30.87
C TYR B 336 -21.22 -9.84 -29.50
N GLU B 337 -22.28 -9.09 -29.29
CA GLU B 337 -22.98 -9.11 -28.00
C GLU B 337 -23.53 -10.50 -27.63
N PRO B 338 -24.35 -11.13 -28.51
CA PRO B 338 -24.86 -12.45 -28.14
C PRO B 338 -23.79 -13.56 -28.14
N LEU B 339 -22.55 -13.22 -28.47
CA LEU B 339 -21.44 -14.16 -28.38
C LEU B 339 -20.79 -14.17 -27.00
N GLN B 340 -20.58 -12.99 -26.43
CA GLN B 340 -20.05 -12.89 -25.05
C GLN B 340 -21.15 -13.15 -24.03
N CYS B 341 -22.40 -12.78 -24.36
CA CYS B 341 -23.56 -13.15 -23.56
C CYS B 341 -23.84 -14.65 -23.72
N HIS B 342 -22.77 -15.44 -23.73
CA HIS B 342 -22.83 -16.87 -23.99
C HIS B 342 -21.47 -17.47 -23.66
N LEU B 343 -20.41 -16.73 -23.99
CA LEU B 343 -19.05 -17.11 -23.63
C LEU B 343 -18.73 -16.83 -22.17
N LYS B 344 -19.44 -15.88 -21.56
CA LYS B 344 -19.27 -15.62 -20.14
C LYS B 344 -19.61 -16.85 -19.27
N SER B 345 -20.41 -17.76 -19.83
CA SER B 345 -20.99 -18.85 -19.06
C SER B 345 -20.17 -20.14 -19.10
N ILE B 346 -18.95 -20.10 -19.62
CA ILE B 346 -18.11 -21.29 -19.69
C ILE B 346 -16.89 -21.14 -18.78
N ALA B 347 -16.19 -22.24 -18.53
CA ALA B 347 -15.05 -22.23 -17.64
C ALA B 347 -13.72 -22.36 -18.41
N ASP B 348 -12.64 -22.59 -17.68
CA ASP B 348 -11.30 -22.63 -18.26
C ASP B 348 -11.01 -24.04 -18.82
N ILE B 349 -11.68 -24.35 -19.91
CA ILE B 349 -11.55 -25.67 -20.52
C ILE B 349 -10.14 -25.94 -21.06
N GLU B 350 -9.35 -24.89 -21.25
CA GLU B 350 -7.95 -25.07 -21.63
C GLU B 350 -7.18 -25.77 -20.52
N ARG B 351 -7.23 -25.18 -19.32
CA ARG B 351 -6.59 -25.80 -18.16
C ARG B 351 -7.21 -27.15 -17.83
N ILE B 352 -8.49 -27.32 -18.10
CA ILE B 352 -9.15 -28.59 -17.85
C ILE B 352 -8.55 -29.68 -18.75
N ALA B 353 -8.48 -29.37 -20.06
CA ALA B 353 -7.83 -30.29 -21.00
C ALA B 353 -6.40 -30.61 -20.55
N ALA B 354 -5.69 -29.58 -20.09
CA ALA B 354 -4.36 -29.78 -19.56
C ALA B 354 -4.38 -30.83 -18.44
N ARG B 355 -5.18 -30.59 -17.39
CA ARG B 355 -5.22 -31.49 -16.24
C ARG B 355 -5.63 -32.91 -16.62
N ILE B 356 -6.48 -33.05 -17.64
CA ILE B 356 -6.80 -34.38 -18.14
C ILE B 356 -5.56 -35.01 -18.77
N ALA B 357 -4.74 -34.20 -19.43
CA ALA B 357 -3.55 -34.72 -20.08
C ALA B 357 -2.50 -35.17 -19.06
N VAL B 358 -2.19 -34.31 -18.09
CA VAL B 358 -1.21 -34.67 -17.09
C VAL B 358 -1.73 -35.76 -16.15
N GLY B 359 -3.02 -35.74 -15.88
CA GLY B 359 -3.62 -36.74 -14.99
C GLY B 359 -3.90 -36.25 -13.58
N ASN B 360 -4.00 -34.93 -13.39
CA ASN B 360 -4.36 -34.37 -12.09
C ASN B 360 -5.68 -33.62 -12.17
N ALA B 361 -6.70 -34.28 -12.70
CA ALA B 361 -8.02 -33.69 -12.86
C ALA B 361 -9.00 -34.33 -11.89
N ARG B 362 -9.79 -33.48 -11.22
CA ARG B 362 -10.79 -33.92 -10.25
C ARG B 362 -12.18 -33.82 -10.85
N PRO B 363 -13.16 -34.55 -10.28
CA PRO B 363 -14.47 -34.67 -10.94
C PRO B 363 -15.16 -33.35 -11.27
N ARG B 364 -15.00 -32.34 -10.42
CA ARG B 364 -15.57 -31.04 -10.68
C ARG B 364 -15.17 -30.50 -12.05
N ASP B 365 -13.94 -30.79 -12.47
CA ASP B 365 -13.47 -30.34 -13.78
C ASP B 365 -14.15 -31.12 -14.91
N LEU B 366 -14.48 -32.39 -14.67
CA LEU B 366 -15.25 -33.14 -15.66
C LEU B 366 -16.64 -32.55 -15.82
N ALA B 367 -17.28 -32.22 -14.69
CA ALA B 367 -18.59 -31.59 -14.74
C ALA B 367 -18.53 -30.26 -15.49
N SER B 368 -17.63 -29.38 -15.06
CA SER B 368 -17.52 -28.06 -15.67
C SER B 368 -17.18 -28.14 -17.16
N LEU B 369 -16.33 -29.09 -17.53
CA LEU B 369 -15.99 -29.27 -18.94
C LEU B 369 -17.23 -29.74 -19.73
N ARG B 370 -18.00 -30.65 -19.15
CA ARG B 370 -19.25 -31.07 -19.75
C ARG B 370 -20.16 -29.87 -20.03
N ASP B 371 -20.40 -29.06 -19.01
CA ASP B 371 -21.29 -27.92 -19.15
C ASP B 371 -20.78 -26.93 -20.19
N SER B 372 -19.54 -26.50 -20.03
CA SER B 372 -18.96 -25.51 -20.93
C SER B 372 -18.93 -25.99 -22.38
N LEU B 373 -18.75 -27.29 -22.58
CA LEU B 373 -18.79 -27.82 -23.94
C LEU B 373 -20.20 -27.84 -24.51
N PHE B 374 -21.17 -28.23 -23.70
CA PHE B 374 -22.56 -28.15 -24.12
C PHE B 374 -22.96 -26.73 -24.51
N GLU B 375 -22.52 -25.75 -23.71
CA GLU B 375 -22.75 -24.36 -24.06
C GLU B 375 -21.97 -23.93 -25.30
N LEU B 376 -20.83 -24.57 -25.54
CA LEU B 376 -20.10 -24.31 -26.78
C LEU B 376 -20.87 -24.85 -27.99
N ALA B 377 -21.71 -25.86 -27.77
CA ALA B 377 -22.54 -26.38 -28.84
C ALA B 377 -23.72 -25.46 -29.18
N GLN B 378 -24.02 -24.49 -28.31
CA GLN B 378 -25.18 -23.61 -28.48
C GLN B 378 -24.84 -22.26 -29.11
N ILE B 379 -23.82 -22.25 -29.97
CA ILE B 379 -23.44 -21.03 -30.68
C ILE B 379 -24.27 -20.92 -31.96
N ASP B 380 -24.13 -21.93 -32.82
CA ASP B 380 -24.99 -22.16 -33.98
C ASP B 380 -25.30 -20.91 -34.80
N LEU B 381 -26.40 -20.24 -34.48
CA LEU B 381 -26.93 -19.17 -35.33
C LEU B 381 -25.89 -18.08 -35.56
N SER B 382 -25.22 -17.67 -34.49
CA SER B 382 -24.15 -16.68 -34.60
C SER B 382 -22.97 -17.32 -35.33
N ALA B 383 -22.85 -17.02 -36.63
CA ALA B 383 -21.80 -17.58 -37.46
C ALA B 383 -21.67 -16.80 -38.77
N THR B 384 -21.07 -17.42 -39.78
CA THR B 384 -21.01 -16.90 -41.15
C THR B 384 -20.27 -15.57 -41.25
N GLY B 385 -19.07 -15.62 -41.82
CA GLY B 385 -18.28 -14.41 -41.99
C GLY B 385 -17.39 -14.45 -43.22
N SER B 386 -16.10 -14.74 -43.00
CA SER B 386 -15.14 -14.80 -44.09
C SER B 386 -13.92 -15.58 -43.65
N SER B 387 -13.57 -16.61 -44.41
CA SER B 387 -12.34 -17.38 -44.25
C SER B 387 -12.20 -18.02 -42.87
N LEU B 388 -11.62 -17.29 -41.93
CA LEU B 388 -11.20 -17.87 -40.66
C LEU B 388 -12.37 -18.22 -39.75
N LEU B 389 -13.34 -17.31 -39.62
CA LEU B 389 -14.46 -17.59 -38.74
C LEU B 389 -15.49 -18.50 -39.41
N GLU B 390 -15.30 -18.76 -40.69
CA GLU B 390 -15.95 -19.89 -41.33
C GLU B 390 -15.31 -21.20 -40.86
N THR B 391 -14.03 -21.15 -40.52
CA THR B 391 -13.36 -22.30 -39.91
C THR B 391 -13.79 -22.47 -38.45
N LEU B 392 -13.84 -21.36 -37.71
CA LEU B 392 -14.31 -21.41 -36.33
C LEU B 392 -15.79 -21.79 -36.25
N LYS B 393 -16.59 -21.38 -37.23
CA LYS B 393 -17.99 -21.74 -37.24
C LYS B 393 -18.18 -23.25 -37.33
N ALA B 394 -17.27 -23.92 -38.04
CA ALA B 394 -17.35 -25.36 -38.25
C ALA B 394 -16.48 -26.17 -37.29
N VAL B 395 -15.63 -25.51 -36.51
CA VAL B 395 -14.70 -26.21 -35.64
C VAL B 395 -15.40 -26.84 -34.43
N PHE B 396 -16.58 -26.36 -34.07
CA PHE B 396 -17.32 -27.03 -33.00
C PHE B 396 -18.22 -28.08 -33.62
N PRO B 397 -17.84 -29.38 -33.52
CA PRO B 397 -18.75 -30.42 -34.00
C PRO B 397 -19.69 -30.80 -32.85
N GLU B 398 -19.94 -29.82 -31.97
CA GLU B 398 -20.52 -30.01 -30.64
C GLU B 398 -19.51 -30.74 -29.74
N THR B 399 -18.51 -31.35 -30.36
CA THR B 399 -17.66 -32.37 -29.73
C THR B 399 -18.58 -33.47 -29.20
N LEU B 400 -18.53 -34.61 -29.89
CA LEU B 400 -19.49 -35.72 -29.89
C LEU B 400 -19.80 -36.34 -28.50
N PRO B 401 -19.93 -37.69 -28.35
CA PRO B 401 -19.94 -38.24 -26.97
C PRO B 401 -18.88 -37.75 -25.98
N VAL B 402 -17.95 -36.90 -26.40
CA VAL B 402 -17.12 -36.22 -25.41
C VAL B 402 -17.97 -35.25 -24.58
N ALA B 403 -18.87 -34.53 -25.24
CA ALA B 403 -19.84 -33.71 -24.54
C ALA B 403 -21.08 -34.50 -24.15
N GLU B 404 -21.49 -35.43 -24.99
CA GLU B 404 -22.71 -36.18 -24.70
C GLU B 404 -22.51 -37.16 -23.54
N THR B 405 -21.58 -38.10 -23.70
CA THR B 405 -21.36 -39.12 -22.69
C THR B 405 -20.56 -38.60 -21.50
N LEU B 406 -20.61 -37.30 -21.26
CA LEU B 406 -20.08 -36.70 -20.05
C LEU B 406 -21.17 -36.46 -19.00
N LYS B 407 -22.33 -35.94 -19.43
CA LYS B 407 -23.48 -35.89 -18.55
C LYS B 407 -24.04 -37.28 -18.29
N ALA B 408 -23.96 -38.16 -19.29
CA ALA B 408 -24.40 -39.53 -19.11
C ALA B 408 -23.51 -40.27 -18.10
N ALA B 409 -22.25 -39.87 -18.01
CA ALA B 409 -21.29 -40.54 -17.14
C ALA B 409 -21.20 -39.91 -15.75
N VAL B 410 -21.14 -38.58 -15.69
CA VAL B 410 -20.91 -37.88 -14.44
C VAL B 410 -22.19 -37.19 -13.99
N MET B 411 -22.33 -37.04 -12.67
CA MET B 411 -23.51 -36.44 -12.08
C MET B 411 -23.58 -34.94 -12.38
N PRO B 412 -24.77 -34.34 -12.21
CA PRO B 412 -24.84 -32.88 -12.37
C PRO B 412 -24.00 -32.14 -11.32
N GLU B 413 -24.07 -32.60 -10.08
CA GLU B 413 -23.26 -32.08 -8.98
C GLU B 413 -22.46 -33.24 -8.39
N PRO B 414 -21.27 -33.49 -8.93
CA PRO B 414 -20.44 -34.57 -8.43
C PRO B 414 -19.76 -34.20 -7.11
N SER B 415 -19.16 -35.19 -6.46
CA SER B 415 -18.47 -34.95 -5.21
C SER B 415 -17.16 -34.22 -5.44
N VAL B 416 -16.61 -33.65 -4.38
CA VAL B 416 -15.35 -32.93 -4.46
C VAL B 416 -14.19 -33.89 -4.70
N TRP B 417 -14.12 -34.96 -3.91
CA TRP B 417 -13.06 -35.95 -4.01
C TRP B 417 -13.59 -37.27 -4.56
N LEU B 418 -12.73 -38.02 -5.22
CA LEU B 418 -13.08 -39.35 -5.70
C LEU B 418 -13.10 -40.39 -4.58
N LYS B 419 -12.48 -40.06 -3.44
CA LYS B 419 -12.48 -40.95 -2.30
C LYS B 419 -13.63 -40.70 -1.34
N ASP B 420 -14.35 -39.60 -1.49
CA ASP B 420 -15.56 -39.37 -0.71
C ASP B 420 -16.68 -40.29 -1.17
N GLY B 421 -16.88 -40.37 -2.48
CA GLY B 421 -17.90 -41.25 -3.03
C GLY B 421 -18.89 -40.53 -3.92
N ASN B 422 -19.57 -41.29 -4.77
CA ASN B 422 -20.63 -40.78 -5.64
C ASN B 422 -20.13 -39.72 -6.61
N VAL B 423 -19.64 -40.15 -7.77
CA VAL B 423 -19.23 -39.24 -8.82
C VAL B 423 -19.91 -39.63 -10.13
N ILE B 424 -19.84 -40.90 -10.48
CA ILE B 424 -20.48 -41.39 -11.70
C ILE B 424 -22.00 -41.34 -11.55
N ASN B 425 -22.69 -40.97 -12.62
CA ASN B 425 -24.13 -40.79 -12.61
C ASN B 425 -24.86 -42.08 -12.28
N HIS B 426 -26.16 -41.95 -12.03
CA HIS B 426 -27.02 -43.12 -11.87
C HIS B 426 -27.43 -43.67 -13.23
N GLY B 427 -27.69 -44.97 -13.28
CA GLY B 427 -28.11 -45.60 -14.52
C GLY B 427 -27.07 -45.58 -15.63
N PHE B 428 -25.82 -45.32 -15.29
CA PHE B 428 -24.74 -45.37 -16.28
C PHE B 428 -24.05 -46.73 -16.31
N HIS B 429 -23.92 -47.37 -15.15
CA HIS B 429 -23.41 -48.73 -15.06
C HIS B 429 -24.35 -49.55 -14.18
N PRO B 430 -24.77 -50.73 -14.63
CA PRO B 430 -25.79 -51.50 -13.91
C PRO B 430 -25.29 -52.07 -12.58
N GLU B 431 -24.17 -52.78 -12.63
CA GLU B 431 -23.57 -53.34 -11.42
C GLU B 431 -23.37 -52.24 -10.37
N LEU B 432 -22.90 -51.07 -10.80
CA LEU B 432 -22.89 -49.90 -9.94
C LEU B 432 -24.26 -49.68 -9.30
N ASP B 433 -25.30 -49.65 -10.12
CA ASP B 433 -26.65 -49.36 -9.62
C ASP B 433 -27.06 -50.30 -8.50
N GLU B 434 -26.91 -51.60 -8.72
CA GLU B 434 -27.27 -52.56 -7.69
C GLU B 434 -26.34 -52.50 -6.48
N LEU B 435 -25.12 -51.99 -6.67
CA LEU B 435 -24.19 -51.84 -5.57
C LEU B 435 -24.40 -50.55 -4.77
N ARG B 436 -25.21 -49.61 -5.29
CA ARG B 436 -25.54 -48.43 -4.50
C ARG B 436 -26.74 -48.68 -3.59
N ARG B 437 -27.75 -49.36 -4.12
CA ARG B 437 -29.04 -49.50 -3.46
C ARG B 437 -28.97 -50.14 -2.08
N ILE B 438 -28.16 -49.56 -1.21
CA ILE B 438 -28.08 -49.94 0.19
C ILE B 438 -28.10 -48.64 1.00
N GLN B 439 -28.20 -47.51 0.29
CA GLN B 439 -28.39 -46.23 0.95
C GLN B 439 -29.75 -46.14 1.64
N ASN B 440 -30.70 -47.00 1.24
CA ASN B 440 -31.97 -47.12 1.95
C ASN B 440 -31.85 -47.98 3.20
N HIS B 441 -30.79 -48.77 3.31
CA HIS B 441 -30.55 -49.58 4.50
C HIS B 441 -30.10 -48.75 5.69
N GLY B 442 -29.76 -47.48 5.48
CA GLY B 442 -29.71 -46.55 6.59
C GLY B 442 -31.08 -46.14 7.09
N ASP B 443 -32.12 -46.67 6.43
CA ASP B 443 -33.51 -46.44 6.81
C ASP B 443 -34.32 -47.74 6.84
N GLU B 444 -33.66 -48.87 6.54
CA GLU B 444 -34.31 -50.18 6.45
C GLU B 444 -33.36 -51.22 7.06
N PHE B 445 -33.82 -52.47 7.12
CA PHE B 445 -33.04 -53.58 7.67
C PHE B 445 -32.55 -53.30 9.10
N LEU B 446 -31.75 -52.26 9.27
CA LEU B 446 -31.37 -51.86 10.63
C LEU B 446 -32.58 -51.38 11.42
N LEU B 447 -33.55 -50.77 10.75
CA LEU B 447 -34.83 -50.50 11.39
C LEU B 447 -35.59 -51.80 11.68
N ASP B 448 -35.40 -52.80 10.82
CA ASP B 448 -36.08 -54.09 11.00
C ASP B 448 -35.54 -54.83 12.21
N LEU B 449 -34.24 -55.13 12.21
CA LEU B 449 -33.61 -55.78 13.36
C LEU B 449 -33.51 -54.86 14.59
N GLU B 450 -33.73 -53.55 14.40
CA GLU B 450 -33.65 -52.60 15.50
C GLU B 450 -34.98 -52.38 16.20
N ALA B 451 -36.09 -52.57 15.48
CA ALA B 451 -37.43 -52.52 16.07
C ALA B 451 -37.93 -53.90 16.48
N LYS B 452 -37.64 -54.92 15.67
CA LYS B 452 -37.97 -56.29 16.02
C LYS B 452 -37.25 -56.74 17.30
N GLU B 453 -36.02 -56.24 17.48
CA GLU B 453 -35.29 -56.43 18.73
C GLU B 453 -35.16 -55.09 19.48
N ARG B 454 -36.23 -54.30 19.47
CA ARG B 454 -36.28 -53.08 20.26
C ARG B 454 -36.90 -53.41 21.60
N GLU B 455 -36.05 -53.49 22.63
CA GLU B 455 -36.51 -53.71 23.99
C GLU B 455 -37.18 -55.06 24.15
N ARG B 456 -36.50 -56.11 23.72
CA ARG B 456 -36.95 -57.47 23.99
C ARG B 456 -36.51 -57.87 25.40
N THR B 457 -36.41 -56.88 26.28
CA THR B 457 -36.04 -57.09 27.67
C THR B 457 -36.49 -55.93 28.56
N GLY B 458 -36.15 -54.70 28.16
CA GLY B 458 -36.54 -53.51 28.91
C GLY B 458 -35.89 -53.34 30.27
N LEU B 459 -35.71 -52.10 30.75
CA LEU B 459 -36.05 -50.86 30.04
C LEU B 459 -34.72 -50.23 29.54
N SER B 460 -34.71 -49.13 28.77
CA SER B 460 -35.84 -48.26 28.42
C SER B 460 -35.84 -47.81 26.95
N THR B 461 -35.43 -46.57 26.70
CA THR B 461 -35.37 -46.07 25.33
C THR B 461 -34.10 -46.56 24.65
N LEU B 462 -34.22 -46.96 23.39
CA LEU B 462 -33.15 -47.62 22.67
C LEU B 462 -32.67 -46.77 21.50
N LYS B 463 -31.35 -46.74 21.31
CA LYS B 463 -30.73 -46.02 20.22
C LYS B 463 -29.73 -46.92 19.52
N VAL B 464 -29.25 -46.46 18.36
CA VAL B 464 -28.29 -47.21 17.56
C VAL B 464 -26.98 -46.44 17.48
N GLU B 465 -25.95 -47.06 16.91
CA GLU B 465 -24.62 -46.49 16.88
C GLU B 465 -23.85 -46.99 15.66
N PHE B 466 -23.17 -46.06 14.98
CA PHE B 466 -22.31 -46.40 13.84
C PHE B 466 -20.90 -46.73 14.35
N ASN B 467 -20.21 -45.70 14.87
CA ASN B 467 -18.86 -45.84 15.44
C ASN B 467 -17.82 -46.18 14.37
N ARG B 468 -16.59 -45.71 14.57
CA ARG B 468 -15.50 -46.03 13.65
C ARG B 468 -14.56 -47.11 14.17
N VAL B 469 -14.33 -47.14 15.48
CA VAL B 469 -13.52 -48.20 16.09
C VAL B 469 -14.25 -49.52 15.94
N HIS B 470 -15.31 -49.72 16.72
CA HIS B 470 -16.16 -50.88 16.58
C HIS B 470 -17.05 -50.77 15.35
N GLY B 471 -17.71 -51.87 15.01
CA GLY B 471 -18.66 -51.86 13.90
C GLY B 471 -19.97 -51.23 14.29
N PHE B 472 -21.04 -51.56 13.57
CA PHE B 472 -22.37 -51.09 13.92
C PHE B 472 -22.72 -51.54 15.34
N TYR B 473 -23.42 -50.69 16.09
CA TYR B 473 -23.61 -50.95 17.49
C TYR B 473 -24.90 -50.34 18.05
N ILE B 474 -25.19 -50.67 19.31
CA ILE B 474 -26.46 -50.38 19.98
C ILE B 474 -26.18 -49.74 21.34
N GLU B 475 -27.21 -49.11 21.91
CA GLU B 475 -27.08 -48.29 23.12
C GLU B 475 -27.59 -49.02 24.38
N LEU B 476 -27.30 -48.43 25.53
CA LEU B 476 -27.73 -48.94 26.83
C LEU B 476 -27.43 -47.87 27.90
N SER B 477 -27.81 -48.16 29.15
CA SER B 477 -27.77 -47.19 30.24
C SER B 477 -26.87 -47.66 31.39
N LYS B 478 -26.98 -46.97 32.53
CA LYS B 478 -26.15 -47.24 33.71
C LYS B 478 -26.69 -48.40 34.53
N THR B 479 -27.70 -48.12 35.35
CA THR B 479 -28.31 -49.14 36.18
C THR B 479 -28.80 -50.32 35.33
N GLN B 480 -29.47 -50.03 34.22
CA GLN B 480 -29.72 -51.02 33.19
C GLN B 480 -28.37 -51.57 32.71
N ALA B 481 -28.22 -52.90 32.76
CA ALA B 481 -26.90 -53.50 32.63
C ALA B 481 -26.79 -54.64 31.61
N GLU B 482 -27.24 -55.83 32.01
CA GLU B 482 -26.89 -57.07 31.31
C GLU B 482 -28.05 -57.65 30.50
N GLN B 483 -28.98 -56.80 30.08
CA GLN B 483 -30.19 -57.25 29.44
C GLN B 483 -29.99 -57.39 27.93
N ALA B 484 -29.65 -58.61 27.50
CA ALA B 484 -29.33 -58.88 26.10
C ALA B 484 -30.00 -60.19 25.68
N PRO B 485 -30.10 -60.45 24.36
CA PRO B 485 -30.61 -61.74 23.90
C PRO B 485 -29.50 -62.75 23.63
N ALA B 486 -28.35 -62.28 23.16
CA ALA B 486 -27.18 -63.13 23.01
C ALA B 486 -26.32 -63.13 24.27
N ASP B 487 -26.20 -61.96 24.90
CA ASP B 487 -25.61 -61.82 26.24
C ASP B 487 -24.11 -62.08 26.30
N TYR B 488 -23.68 -63.23 25.77
CA TYR B 488 -22.30 -63.71 25.84
C TYR B 488 -21.27 -62.57 25.71
N GLN B 489 -20.67 -62.19 26.84
CA GLN B 489 -19.90 -60.96 27.04
C GLN B 489 -19.51 -60.14 25.80
N ARG B 490 -18.23 -60.15 25.47
CA ARG B 490 -17.65 -59.22 24.48
C ARG B 490 -18.24 -57.82 24.65
N ARG B 491 -17.73 -57.05 25.60
CA ARG B 491 -18.43 -55.86 26.08
C ARG B 491 -17.63 -54.55 26.06
N GLN B 492 -16.92 -54.31 27.16
CA GLN B 492 -16.33 -53.01 27.53
C GLN B 492 -15.24 -52.51 26.56
N THR B 493 -14.64 -51.32 26.74
CA THR B 493 -14.64 -50.43 27.93
C THR B 493 -15.35 -49.08 27.64
N LEU B 494 -15.67 -48.25 28.64
CA LEU B 494 -15.30 -48.40 30.06
C LEU B 494 -16.50 -48.48 31.01
N LYS B 495 -16.67 -47.46 31.85
CA LYS B 495 -17.78 -47.41 32.80
C LYS B 495 -18.79 -46.34 32.36
N ASN B 496 -19.76 -46.06 33.23
CA ASN B 496 -20.78 -45.05 32.97
C ASN B 496 -21.60 -45.40 31.73
N ALA B 497 -22.71 -46.13 31.95
CA ALA B 497 -23.55 -46.69 30.88
C ALA B 497 -22.76 -47.74 30.10
N GLU B 498 -23.27 -48.98 30.07
CA GLU B 498 -22.50 -50.12 29.59
C GLU B 498 -22.96 -50.64 28.25
N ARG B 499 -22.11 -51.45 27.63
CA ARG B 499 -22.25 -51.79 26.21
C ARG B 499 -21.82 -53.23 25.91
N PHE B 500 -22.71 -53.98 25.25
CA PHE B 500 -22.46 -55.36 24.82
C PHE B 500 -22.68 -55.46 23.32
N ILE B 501 -21.65 -55.91 22.59
CA ILE B 501 -21.74 -56.00 21.13
C ILE B 501 -22.61 -57.19 20.72
N THR B 502 -23.30 -57.06 19.58
CA THR B 502 -24.27 -58.07 19.13
C THR B 502 -23.70 -58.96 18.03
N PRO B 503 -24.14 -60.23 17.98
CA PRO B 503 -23.51 -61.18 17.07
C PRO B 503 -24.14 -61.32 15.68
N GLU B 504 -25.27 -60.67 15.41
CA GLU B 504 -25.95 -60.84 14.13
C GLU B 504 -25.88 -59.62 13.22
N LEU B 505 -25.68 -58.42 13.78
CA LEU B 505 -25.44 -57.26 12.93
C LEU B 505 -24.02 -57.24 12.40
N LYS B 506 -23.12 -58.00 13.00
CA LYS B 506 -21.78 -58.20 12.45
C LYS B 506 -21.81 -59.02 11.16
N ALA B 507 -23.00 -59.45 10.74
CA ALA B 507 -23.24 -59.93 9.39
C ALA B 507 -23.99 -58.89 8.55
N PHE B 508 -24.52 -57.85 9.18
CA PHE B 508 -25.19 -56.76 8.46
C PHE B 508 -24.17 -55.77 7.89
N GLU B 509 -23.24 -55.32 8.72
CA GLU B 509 -22.16 -54.47 8.23
C GLU B 509 -21.26 -55.23 7.24
N ASP B 510 -21.19 -56.54 7.39
CA ASP B 510 -20.44 -57.41 6.48
C ASP B 510 -20.86 -57.27 5.02
N LYS B 511 -22.02 -56.66 4.76
CA LYS B 511 -22.51 -56.48 3.40
C LYS B 511 -22.72 -55.02 2.99
N VAL B 512 -23.04 -54.14 3.93
CA VAL B 512 -23.18 -52.72 3.59
C VAL B 512 -21.81 -52.03 3.53
N LEU B 513 -20.94 -52.33 4.50
CA LEU B 513 -19.58 -51.78 4.46
C LEU B 513 -18.84 -52.26 3.22
N THR B 514 -18.96 -53.54 2.90
CA THR B 514 -18.38 -54.06 1.68
C THR B 514 -19.12 -53.53 0.45
N ALA B 515 -20.41 -53.22 0.61
CA ALA B 515 -21.17 -52.64 -0.50
C ALA B 515 -20.58 -51.29 -0.92
N GLN B 516 -20.31 -50.41 0.05
CA GLN B 516 -19.64 -49.17 -0.28
C GLN B 516 -18.18 -49.42 -0.67
N ASP B 517 -17.54 -50.42 -0.09
CA ASP B 517 -16.14 -50.69 -0.38
C ASP B 517 -15.91 -51.14 -1.82
N GLN B 518 -16.90 -51.79 -2.42
CA GLN B 518 -16.82 -52.12 -3.84
C GLN B 518 -17.47 -51.04 -4.71
N ALA B 519 -18.38 -50.26 -4.15
CA ALA B 519 -18.99 -49.15 -4.90
C ALA B 519 -17.96 -48.07 -5.20
N LEU B 520 -17.16 -47.71 -4.21
CA LEU B 520 -16.15 -46.66 -4.40
C LEU B 520 -14.97 -47.16 -5.23
N ALA B 521 -14.56 -48.41 -5.01
CA ALA B 521 -13.47 -48.99 -5.80
C ALA B 521 -13.88 -49.11 -7.28
N LEU B 522 -15.08 -49.65 -7.52
CA LEU B 522 -15.61 -49.70 -8.87
C LEU B 522 -15.71 -48.29 -9.45
N GLU B 523 -16.18 -47.33 -8.65
CA GLU B 523 -16.35 -45.97 -9.12
C GLU B 523 -15.02 -45.36 -9.56
N LYS B 524 -13.95 -45.66 -8.83
CA LYS B 524 -12.61 -45.26 -9.27
C LYS B 524 -12.24 -46.00 -10.57
N GLN B 525 -12.61 -47.27 -10.67
CA GLN B 525 -12.26 -48.06 -11.84
C GLN B 525 -12.84 -47.45 -13.12
N LEU B 526 -14.16 -47.24 -13.15
CA LEU B 526 -14.77 -46.66 -14.35
C LEU B 526 -14.58 -45.16 -14.46
N PHE B 527 -14.27 -44.48 -13.36
CA PHE B 527 -13.84 -43.08 -13.46
C PHE B 527 -12.53 -42.99 -14.24
N ASP B 528 -11.59 -43.88 -13.95
CA ASP B 528 -10.40 -44.00 -14.77
C ASP B 528 -10.77 -44.45 -16.19
N GLY B 529 -11.80 -45.29 -16.30
CA GLY B 529 -12.27 -45.78 -17.59
C GLY B 529 -12.68 -44.68 -18.55
N VAL B 530 -13.72 -43.93 -18.19
CA VAL B 530 -14.13 -42.77 -18.97
C VAL B 530 -13.21 -41.58 -18.78
N LEU B 531 -12.16 -41.74 -17.98
CA LEU B 531 -11.04 -40.80 -17.94
C LEU B 531 -9.99 -41.15 -19.00
N LYS B 532 -10.05 -42.36 -19.56
CA LYS B 532 -9.14 -42.79 -20.60
C LYS B 532 -9.53 -42.25 -21.98
N ASN B 533 -10.80 -41.93 -22.21
CA ASN B 533 -11.26 -41.46 -23.52
C ASN B 533 -10.44 -40.27 -24.03
N LEU B 534 -9.18 -40.55 -24.34
CA LEU B 534 -8.24 -39.57 -24.87
C LEU B 534 -7.57 -40.03 -26.16
N ARG B 535 -7.76 -41.30 -26.54
CA ARG B 535 -7.14 -41.85 -27.75
C ARG B 535 -7.50 -41.03 -28.99
N THR B 536 -8.73 -40.48 -29.01
CA THR B 536 -9.21 -39.65 -30.09
C THR B 536 -9.75 -38.29 -29.63
N ALA B 537 -10.08 -38.15 -28.35
CA ALA B 537 -10.85 -37.01 -27.85
C ALA B 537 -10.04 -35.85 -27.33
N LEU B 538 -8.76 -36.06 -27.05
CA LEU B 538 -7.96 -34.97 -26.47
C LEU B 538 -7.64 -33.85 -27.47
N PRO B 539 -7.22 -34.19 -28.71
CA PRO B 539 -7.10 -33.12 -29.71
C PRO B 539 -8.41 -32.35 -29.97
N GLN B 540 -9.54 -33.05 -29.94
CA GLN B 540 -10.82 -32.38 -30.01
C GLN B 540 -10.93 -31.30 -28.93
N LEU B 541 -10.51 -31.63 -27.71
CA LEU B 541 -10.54 -30.67 -26.61
C LEU B 541 -9.63 -29.49 -26.86
N GLN B 542 -8.40 -29.76 -27.28
CA GLN B 542 -7.45 -28.68 -27.56
C GLN B 542 -8.00 -27.73 -28.64
N LYS B 543 -8.55 -28.30 -29.70
CA LYS B 543 -9.10 -27.49 -30.78
C LYS B 543 -10.29 -26.67 -30.31
N ALA B 544 -11.12 -27.27 -29.46
CA ALA B 544 -12.29 -26.56 -28.91
C ALA B 544 -11.84 -25.35 -28.09
N ALA B 545 -10.89 -25.56 -27.17
CA ALA B 545 -10.42 -24.47 -26.33
C ALA B 545 -9.78 -23.38 -27.19
N LYS B 546 -8.94 -23.79 -28.14
CA LYS B 546 -8.27 -22.82 -29.01
C LYS B 546 -9.26 -21.94 -29.75
N ALA B 547 -10.21 -22.56 -30.44
CA ALA B 547 -11.16 -21.79 -31.25
C ALA B 547 -12.09 -20.95 -30.39
N ALA B 548 -12.48 -21.46 -29.23
CA ALA B 548 -13.30 -20.68 -28.32
C ALA B 548 -12.55 -19.41 -27.86
N ALA B 549 -11.29 -19.57 -27.48
CA ALA B 549 -10.47 -18.42 -27.08
C ALA B 549 -10.32 -17.42 -28.23
N ALA B 550 -10.02 -17.92 -29.42
CA ALA B 550 -9.85 -17.04 -30.58
C ALA B 550 -11.13 -16.24 -30.87
N LEU B 551 -12.28 -16.91 -30.84
CA LEU B 551 -13.54 -16.22 -31.04
C LEU B 551 -13.77 -15.19 -29.95
N ASP B 552 -13.37 -15.51 -28.72
CA ASP B 552 -13.57 -14.57 -27.62
C ASP B 552 -12.75 -13.29 -27.83
N VAL B 553 -11.48 -13.44 -28.16
CA VAL B 553 -10.63 -12.26 -28.31
C VAL B 553 -10.98 -11.48 -29.58
N LEU B 554 -11.47 -12.16 -30.61
CA LEU B 554 -11.86 -11.47 -31.83
C LEU B 554 -13.18 -10.70 -31.62
N SER B 555 -14.16 -11.33 -30.97
CA SER B 555 -15.40 -10.64 -30.65
C SER B 555 -15.14 -9.46 -29.72
N THR B 556 -14.21 -9.63 -28.78
CA THR B 556 -13.76 -8.51 -27.97
C THR B 556 -13.16 -7.42 -28.85
N PHE B 557 -12.40 -7.82 -29.88
CA PHE B 557 -11.87 -6.84 -30.82
C PHE B 557 -12.99 -6.12 -31.57
N SER B 558 -14.15 -6.76 -31.70
CA SER B 558 -15.29 -6.12 -32.37
C SER B 558 -16.06 -5.20 -31.45
N ALA B 559 -16.07 -5.50 -30.15
CA ALA B 559 -16.69 -4.60 -29.18
C ALA B 559 -15.93 -3.29 -29.08
N LEU B 560 -14.61 -3.35 -29.10
CA LEU B 560 -13.78 -2.16 -28.95
C LEU B 560 -13.79 -1.26 -30.19
N ALA B 561 -14.16 -1.82 -31.34
CA ALA B 561 -14.21 -1.06 -32.59
C ALA B 561 -15.61 -0.50 -32.86
N LYS B 562 -16.42 -0.33 -31.81
CA LYS B 562 -17.78 0.17 -31.95
C LYS B 562 -18.16 0.98 -30.71
N GLU B 563 -17.70 0.51 -29.55
CA GLU B 563 -17.81 1.30 -28.32
C GLU B 563 -16.76 2.40 -28.26
N ARG B 564 -15.66 2.22 -28.99
CA ARG B 564 -14.63 3.24 -29.13
C ARG B 564 -14.26 3.37 -30.61
N ASN B 565 -13.92 4.58 -31.03
CA ASN B 565 -13.72 4.84 -32.45
C ASN B 565 -12.45 4.18 -32.98
N PHE B 566 -12.59 2.96 -33.51
CA PHE B 566 -11.49 2.19 -34.07
C PHE B 566 -11.77 1.87 -35.53
N VAL B 567 -10.74 1.94 -36.37
CA VAL B 567 -10.88 1.79 -37.82
C VAL B 567 -9.87 0.78 -38.35
N ARG B 568 -10.28 0.02 -39.36
CA ARG B 568 -9.43 -1.01 -39.99
C ARG B 568 -8.14 -0.39 -40.52
N PRO B 569 -6.98 -0.91 -40.09
CA PRO B 569 -5.72 -0.40 -40.64
C PRO B 569 -5.46 -0.98 -42.04
N GLU B 570 -5.10 -0.10 -42.96
CA GLU B 570 -4.70 -0.51 -44.30
C GLU B 570 -3.20 -0.71 -44.35
N PHE B 571 -2.74 -1.46 -45.34
CA PHE B 571 -1.33 -1.81 -45.47
C PHE B 571 -0.76 -1.27 -46.78
N ALA B 572 0.53 -1.48 -46.99
CA ALA B 572 1.21 -0.97 -48.19
C ALA B 572 2.52 -1.70 -48.38
N ASP B 573 2.99 -1.75 -49.63
CA ASP B 573 4.29 -2.32 -49.95
C ASP B 573 5.43 -1.35 -49.73
N TYR B 574 5.14 -0.05 -49.88
CA TYR B 574 6.11 1.03 -49.69
C TYR B 574 6.13 1.47 -48.23
N PRO B 575 7.32 1.78 -47.70
CA PRO B 575 7.42 2.17 -46.29
C PRO B 575 6.68 3.48 -46.00
N VAL B 576 5.53 3.37 -45.33
CA VAL B 576 4.70 4.53 -45.05
C VAL B 576 4.08 4.40 -43.67
N VAL B 577 3.95 5.53 -42.97
CA VAL B 577 3.26 5.60 -41.70
C VAL B 577 2.38 6.85 -41.68
N HIS B 578 1.08 6.67 -41.88
CA HIS B 578 0.13 7.78 -41.85
C HIS B 578 -1.13 7.36 -41.10
N ILE B 579 -1.68 8.28 -40.30
CA ILE B 579 -2.89 8.02 -39.54
C ILE B 579 -3.55 9.34 -39.15
N GLU B 580 -4.86 9.42 -39.33
CA GLU B 580 -5.61 10.65 -39.06
C GLU B 580 -6.40 10.52 -37.77
N ASN B 581 -6.32 11.56 -36.93
CA ASN B 581 -6.97 11.58 -35.64
C ASN B 581 -6.59 10.37 -34.78
N GLY B 582 -5.30 10.11 -34.74
CA GLY B 582 -4.78 9.03 -33.92
C GLY B 582 -4.83 9.38 -32.44
N ARG B 583 -5.12 8.37 -31.62
CA ARG B 583 -5.31 8.57 -30.18
C ARG B 583 -4.53 7.52 -29.41
N HIS B 584 -4.16 7.83 -28.18
CA HIS B 584 -3.42 6.88 -27.34
C HIS B 584 -4.40 5.94 -26.66
N PRO B 585 -4.18 4.61 -26.77
CA PRO B 585 -5.21 3.68 -26.28
C PRO B 585 -5.42 3.70 -24.76
N VAL B 586 -4.35 3.73 -23.98
CA VAL B 586 -4.51 3.69 -22.52
C VAL B 586 -4.71 5.08 -21.91
N VAL B 587 -4.19 6.11 -22.55
CA VAL B 587 -4.37 7.47 -22.03
C VAL B 587 -5.78 7.99 -22.35
N GLU B 588 -6.39 7.48 -23.42
CA GLU B 588 -7.74 7.90 -23.80
C GLU B 588 -8.76 7.63 -22.70
N GLN B 589 -8.50 6.62 -21.88
CA GLN B 589 -9.38 6.29 -20.76
C GLN B 589 -9.01 7.00 -19.47
N GLN B 590 -7.89 7.72 -19.45
CA GLN B 590 -7.41 8.34 -18.22
C GLN B 590 -7.82 9.80 -18.04
N VAL B 591 -8.25 10.45 -19.12
CA VAL B 591 -8.49 11.89 -19.07
C VAL B 591 -9.94 12.25 -19.38
N ARG B 592 -10.59 11.41 -20.18
CA ARG B 592 -11.95 11.66 -20.67
C ARG B 592 -12.05 12.93 -21.50
N HIS B 593 -10.91 13.42 -21.99
CA HIS B 593 -10.88 14.54 -22.91
C HIS B 593 -9.56 14.56 -23.65
N PHE B 594 -9.39 13.58 -24.53
CA PHE B 594 -8.14 13.40 -25.27
C PHE B 594 -8.21 14.12 -26.62
N THR B 595 -7.06 14.63 -27.06
CA THR B 595 -6.96 15.36 -28.32
C THR B 595 -6.33 14.46 -29.38
N ALA B 596 -7.11 14.11 -30.39
CA ALA B 596 -6.62 13.25 -31.47
C ALA B 596 -5.63 14.00 -32.36
N ASN B 597 -4.59 13.28 -32.81
CA ASN B 597 -3.54 13.86 -33.63
C ASN B 597 -3.26 12.96 -34.83
N HIS B 598 -2.31 13.38 -35.66
CA HIS B 598 -1.98 12.66 -36.89
C HIS B 598 -0.48 12.40 -36.96
N THR B 599 -0.13 11.39 -37.76
CA THR B 599 1.26 11.14 -38.11
C THR B 599 1.39 11.15 -39.63
N ASP B 600 2.55 11.61 -40.12
CA ASP B 600 2.76 11.90 -41.53
C ASP B 600 4.20 11.54 -41.91
N LEU B 601 4.42 10.26 -42.19
CA LEU B 601 5.76 9.77 -42.47
C LEU B 601 5.77 8.92 -43.74
N ASP B 602 6.79 9.15 -44.57
CA ASP B 602 6.97 8.41 -45.81
C ASP B 602 8.46 8.30 -46.11
N HIS B 603 8.79 7.89 -47.34
CA HIS B 603 10.18 7.72 -47.72
C HIS B 603 10.95 9.04 -47.78
N LYS B 604 10.24 10.16 -47.98
CA LYS B 604 10.85 11.49 -47.94
C LYS B 604 10.42 12.30 -46.71
N HIS B 605 9.78 11.65 -45.75
CA HIS B 605 9.34 12.30 -44.51
C HIS B 605 9.45 11.31 -43.35
N ARG B 606 10.60 10.69 -43.21
CA ARG B 606 10.74 9.51 -42.35
C ARG B 606 11.09 9.81 -40.89
N LEU B 607 11.84 10.87 -40.63
CA LEU B 607 12.23 11.21 -39.25
C LEU B 607 11.51 12.48 -38.79
N MET B 608 10.87 12.39 -37.64
CA MET B 608 10.20 13.52 -37.03
C MET B 608 10.97 13.95 -35.79
N LEU B 609 11.38 15.22 -35.75
CA LEU B 609 12.09 15.78 -34.60
C LEU B 609 11.09 16.55 -33.77
N LEU B 610 10.71 15.99 -32.63
CA LEU B 610 9.69 16.58 -31.77
C LEU B 610 10.30 17.57 -30.78
N THR B 611 9.58 18.67 -30.56
CA THR B 611 9.98 19.69 -29.60
C THR B 611 8.75 20.21 -28.87
N GLY B 612 8.96 20.93 -27.79
CA GLY B 612 7.87 21.48 -27.01
C GLY B 612 8.11 21.43 -25.51
N PRO B 613 7.35 22.23 -24.76
CA PRO B 613 7.49 22.20 -23.30
C PRO B 613 7.04 20.88 -22.70
N ASN B 614 7.26 20.75 -21.40
CA ASN B 614 7.05 19.50 -20.69
C ASN B 614 5.62 18.95 -20.80
N MET B 615 4.72 19.42 -19.95
CA MET B 615 3.39 18.84 -19.88
C MET B 615 2.58 19.02 -21.17
N GLY B 616 3.28 19.22 -22.29
CA GLY B 616 2.63 19.41 -23.60
C GLY B 616 2.12 18.13 -24.21
N GLY B 617 2.93 17.09 -24.12
CA GLY B 617 2.47 15.73 -24.41
C GLY B 617 3.11 15.13 -25.63
N LYS B 618 4.44 15.08 -25.67
CA LYS B 618 5.12 14.44 -26.80
C LYS B 618 5.39 12.96 -26.56
N SER B 619 5.74 12.59 -25.34
CA SER B 619 5.86 11.18 -24.99
C SER B 619 4.56 10.43 -25.25
N THR B 620 3.45 11.01 -24.84
CA THR B 620 2.14 10.39 -25.05
C THR B 620 1.84 10.20 -26.55
N TYR B 621 2.30 11.13 -27.36
CA TYR B 621 2.10 11.02 -28.81
C TYR B 621 2.99 9.92 -29.40
N MET B 622 4.25 9.84 -28.95
CA MET B 622 5.15 8.82 -29.45
C MET B 622 4.63 7.42 -29.10
N ARG B 623 4.38 7.19 -27.81
CA ARG B 623 3.77 5.94 -27.40
C ARG B 623 2.45 5.70 -28.12
N GLN B 624 1.75 6.78 -28.45
CA GLN B 624 0.48 6.67 -29.18
C GLN B 624 0.68 6.01 -30.55
N VAL B 625 1.60 6.54 -31.34
CA VAL B 625 1.81 5.99 -32.67
C VAL B 625 2.44 4.59 -32.61
N ALA B 626 3.33 4.37 -31.64
CA ALA B 626 3.94 3.06 -31.50
C ALA B 626 2.89 1.99 -31.17
N LEU B 627 2.09 2.25 -30.14
CA LEU B 627 1.01 1.34 -29.79
C LEU B 627 0.00 1.19 -30.94
N ILE B 628 -0.16 2.24 -31.74
CA ILE B 628 -1.08 2.16 -32.86
C ILE B 628 -0.57 1.18 -33.93
N VAL B 629 0.71 1.25 -34.24
CA VAL B 629 1.29 0.28 -35.17
C VAL B 629 1.19 -1.13 -34.60
N LEU B 630 1.52 -1.28 -33.32
CA LEU B 630 1.43 -2.59 -32.67
C LEU B 630 0.03 -3.18 -32.83
N LEU B 631 -0.99 -2.41 -32.46
CA LEU B 631 -2.37 -2.88 -32.57
C LEU B 631 -2.76 -3.15 -34.02
N ALA B 632 -2.24 -2.35 -34.94
CA ALA B 632 -2.52 -2.55 -36.36
C ALA B 632 -1.99 -3.90 -36.86
N HIS B 633 -0.86 -4.34 -36.30
CA HIS B 633 -0.29 -5.63 -36.67
C HIS B 633 -0.79 -6.78 -35.80
N THR B 634 -1.80 -6.55 -34.97
CA THR B 634 -2.41 -7.62 -34.20
C THR B 634 -3.66 -8.18 -34.86
N GLY B 635 -4.42 -7.32 -35.53
CA GLY B 635 -5.69 -7.72 -36.10
C GLY B 635 -6.79 -6.79 -35.66
N CYS B 636 -6.72 -6.34 -34.41
CA CYS B 636 -7.64 -5.34 -33.90
C CYS B 636 -7.45 -4.03 -34.64
N PHE B 637 -8.44 -3.16 -34.53
CA PHE B 637 -8.35 -1.86 -35.18
C PHE B 637 -7.53 -0.90 -34.32
N VAL B 638 -7.39 0.33 -34.78
CA VAL B 638 -6.58 1.32 -34.09
C VAL B 638 -7.44 2.54 -33.77
N PRO B 639 -7.19 3.20 -32.63
CA PRO B 639 -7.96 4.40 -32.30
C PRO B 639 -7.66 5.56 -33.24
N ALA B 640 -8.46 5.70 -34.29
CA ALA B 640 -8.22 6.68 -35.33
C ALA B 640 -9.45 6.81 -36.22
N ASP B 641 -9.33 7.63 -37.25
CA ASP B 641 -10.30 7.68 -38.33
C ASP B 641 -9.88 6.81 -39.51
N ALA B 642 -8.57 6.69 -39.71
CA ALA B 642 -7.97 5.83 -40.74
C ALA B 642 -6.47 5.79 -40.51
N ALA B 643 -5.85 4.67 -40.86
CA ALA B 643 -4.42 4.49 -40.66
C ALA B 643 -3.84 3.57 -41.74
N THR B 644 -2.68 3.96 -42.26
CA THR B 644 -1.99 3.19 -43.29
C THR B 644 -0.55 2.94 -42.83
N ILE B 645 -0.16 1.67 -42.85
CA ILE B 645 1.18 1.25 -42.42
C ILE B 645 1.78 0.37 -43.49
N GLY B 646 3.02 0.67 -43.88
CA GLY B 646 3.73 -0.16 -44.83
C GLY B 646 4.29 -1.40 -44.17
N PRO B 647 5.38 -1.94 -44.72
CA PRO B 647 6.08 -3.01 -44.05
C PRO B 647 6.93 -2.49 -42.88
N VAL B 648 7.08 -3.33 -41.87
CA VAL B 648 7.88 -3.00 -40.70
C VAL B 648 8.26 -4.30 -40.01
N ASP B 649 9.49 -4.34 -39.50
CA ASP B 649 10.06 -5.55 -38.92
C ASP B 649 10.28 -5.46 -37.41
N GLN B 650 10.61 -4.28 -36.88
CA GLN B 650 10.89 -4.13 -35.46
C GLN B 650 10.38 -2.80 -34.95
N ILE B 651 10.17 -2.73 -33.64
CA ILE B 651 9.77 -1.50 -32.95
C ILE B 651 10.71 -1.28 -31.76
N PHE B 652 11.32 -0.10 -31.71
CA PHE B 652 12.26 0.26 -30.65
C PHE B 652 11.74 1.49 -29.90
N THR B 653 11.96 1.52 -28.59
CA THR B 653 11.55 2.65 -27.76
C THR B 653 12.64 2.93 -26.72
N ARG B 654 12.74 4.21 -26.32
CA ARG B 654 13.75 4.64 -25.35
C ARG B 654 13.26 5.81 -24.54
N VAL B 670 22.68 4.83 -14.62
CA VAL B 670 21.54 4.74 -15.53
C VAL B 670 21.78 5.58 -16.79
N GLU B 671 22.80 5.21 -17.55
CA GLU B 671 22.97 5.67 -18.93
C GLU B 671 22.76 4.47 -19.86
N MET B 672 21.50 4.02 -19.93
CA MET B 672 21.06 3.00 -20.84
C MET B 672 21.54 3.31 -22.27
N SER B 673 22.78 2.88 -22.53
CA SER B 673 23.22 2.64 -23.90
C SER B 673 22.75 1.23 -24.24
N GLU B 674 21.94 1.18 -25.29
CA GLU B 674 20.89 0.21 -25.55
C GLU B 674 20.15 0.95 -26.65
N THR B 675 20.41 2.25 -26.70
CA THR B 675 20.45 2.98 -27.95
C THR B 675 21.39 2.27 -28.93
N ALA B 676 22.53 1.77 -28.42
CA ALA B 676 23.45 0.97 -29.22
C ALA B 676 22.77 -0.28 -29.78
N TYR B 677 21.73 -0.76 -29.11
CA TYR B 677 20.99 -1.92 -29.60
C TYR B 677 20.17 -1.60 -30.85
N ILE B 678 19.95 -0.32 -31.13
CA ILE B 678 19.17 0.12 -32.28
C ILE B 678 19.74 -0.40 -33.61
N LEU B 679 20.98 -0.92 -33.57
CA LEU B 679 21.60 -1.69 -34.65
C LEU B 679 20.77 -2.91 -35.10
N HIS B 680 21.46 -4.03 -35.24
CA HIS B 680 20.87 -5.36 -35.27
C HIS B 680 20.19 -5.76 -36.58
N HIS B 681 19.91 -7.06 -36.70
CA HIS B 681 19.61 -7.69 -37.98
C HIS B 681 18.36 -7.09 -38.64
N ALA B 682 18.52 -6.74 -39.92
CA ALA B 682 17.46 -6.13 -40.72
C ALA B 682 16.95 -4.84 -40.10
N THR B 683 17.43 -3.70 -40.61
CA THR B 683 17.06 -2.40 -40.06
C THR B 683 16.24 -1.55 -41.05
N GLU B 684 15.53 -2.22 -41.97
CA GLU B 684 14.59 -1.51 -42.82
C GLU B 684 13.29 -1.29 -42.04
N GLN B 685 13.41 -0.72 -40.84
CA GLN B 685 12.29 -0.63 -39.92
C GLN B 685 11.27 0.39 -40.39
N SER B 686 10.31 0.66 -39.52
CA SER B 686 9.41 1.79 -39.75
C SER B 686 9.04 2.53 -38.47
N ILE B 687 9.47 2.04 -37.30
CA ILE B 687 9.14 2.69 -36.04
C ILE B 687 10.32 2.63 -35.08
N VAL B 688 10.80 3.79 -34.64
CA VAL B 688 11.82 3.90 -33.60
C VAL B 688 11.50 5.14 -32.74
N LEU B 689 11.44 4.96 -31.43
CA LEU B 689 11.10 6.03 -30.51
C LEU B 689 12.31 6.38 -29.64
N MET B 690 12.59 7.68 -29.52
CA MET B 690 13.68 8.17 -28.69
C MET B 690 13.17 9.39 -27.93
N ASP B 691 13.02 9.25 -26.61
CA ASP B 691 12.43 10.28 -25.77
C ASP B 691 13.53 10.96 -24.96
N GLU B 692 13.94 12.15 -25.40
CA GLU B 692 14.87 13.01 -24.68
C GLU B 692 16.16 12.28 -24.31
N VAL B 693 16.86 11.82 -25.33
CA VAL B 693 18.15 11.19 -25.16
C VAL B 693 19.21 12.29 -25.00
N GLY B 694 19.85 12.32 -23.84
CA GLY B 694 20.86 13.32 -23.55
C GLY B 694 20.88 13.77 -22.10
N ARG B 695 19.83 13.46 -21.35
CA ARG B 695 19.76 13.81 -19.93
C ARG B 695 20.94 13.21 -19.17
N GLY B 696 21.79 14.07 -18.65
CA GLY B 696 23.00 13.62 -17.96
C GLY B 696 24.23 14.26 -18.59
N THR B 697 25.36 13.98 -17.96
CA THR B 697 26.67 14.49 -18.38
C THR B 697 26.69 16.01 -18.55
N SER B 698 26.29 16.49 -19.72
CA SER B 698 26.24 17.93 -19.98
C SER B 698 25.44 18.17 -21.25
N THR B 699 25.30 19.44 -21.61
CA THR B 699 24.62 19.81 -22.84
C THR B 699 25.53 19.66 -24.08
N PHE B 700 26.84 19.77 -23.87
CA PHE B 700 27.79 19.64 -24.96
C PHE B 700 27.86 18.21 -25.48
N ASP B 701 28.41 17.31 -24.65
CA ASP B 701 28.51 15.91 -25.05
C ASP B 701 27.14 15.28 -25.28
N GLY B 702 26.14 15.69 -24.50
CA GLY B 702 24.79 15.20 -24.71
C GLY B 702 24.23 15.62 -26.06
N LEU B 703 24.43 16.88 -26.43
CA LEU B 703 23.99 17.36 -27.74
C LEU B 703 24.72 16.64 -28.87
N ALA B 704 26.03 16.42 -28.69
CA ALA B 704 26.81 15.69 -29.68
C ALA B 704 26.25 14.28 -29.89
N LEU B 705 26.04 13.56 -28.80
CA LEU B 705 25.51 12.20 -28.89
C LEU B 705 24.12 12.17 -29.51
N ALA B 706 23.25 13.06 -29.08
CA ALA B 706 21.92 13.15 -29.68
C ALA B 706 22.00 13.45 -31.19
N HIS B 707 23.00 14.24 -31.59
CA HIS B 707 23.16 14.57 -33.00
C HIS B 707 23.59 13.35 -33.82
N ALA B 708 24.64 12.66 -33.38
CA ALA B 708 25.11 11.48 -34.09
C ALA B 708 24.02 10.39 -34.12
N ILE B 709 23.41 10.14 -32.97
CA ILE B 709 22.34 9.15 -32.89
C ILE B 709 21.21 9.51 -33.87
N ALA B 710 20.85 10.79 -33.89
CA ALA B 710 19.81 11.23 -34.82
C ALA B 710 20.23 11.04 -36.27
N GLU B 711 21.52 11.13 -36.56
CA GLU B 711 21.99 10.99 -37.93
C GLU B 711 22.08 9.54 -38.37
N HIS B 712 22.30 8.61 -37.44
CA HIS B 712 22.27 7.20 -37.81
C HIS B 712 20.89 6.77 -38.27
N LEU B 713 19.84 7.38 -37.71
CA LEU B 713 18.47 7.03 -38.02
C LEU B 713 18.00 7.46 -39.40
N LEU B 714 18.87 8.05 -40.23
CA LEU B 714 18.49 8.42 -41.58
C LEU B 714 19.66 8.15 -42.52
N GLN B 715 19.51 7.14 -43.37
CA GLN B 715 20.46 6.78 -44.41
C GLN B 715 21.78 6.23 -43.87
N LYS B 716 22.27 6.79 -42.77
CA LYS B 716 23.55 6.35 -42.20
C LYS B 716 23.54 4.87 -41.83
N ASN B 717 22.35 4.31 -41.56
CA ASN B 717 22.18 2.87 -41.39
C ASN B 717 20.70 2.48 -41.32
N LYS B 718 19.90 3.30 -40.65
CA LYS B 718 18.52 2.92 -40.34
C LYS B 718 17.50 3.83 -41.03
N SER B 719 16.26 3.82 -40.52
CA SER B 719 15.19 4.64 -41.08
C SER B 719 14.02 4.73 -40.10
N PHE B 720 13.24 5.80 -40.26
CA PHE B 720 11.95 5.97 -39.58
C PHE B 720 12.08 6.09 -38.07
N SER B 721 11.85 7.29 -37.54
CA SER B 721 12.03 7.53 -36.12
C SER B 721 11.12 8.65 -35.65
N LEU B 722 10.82 8.62 -34.35
CA LEU B 722 10.24 9.77 -33.64
C LEU B 722 11.28 10.21 -32.62
N PHE B 723 11.81 11.41 -32.81
CA PHE B 723 12.92 11.91 -32.00
C PHE B 723 12.45 13.12 -31.19
N ALA B 724 12.18 12.89 -29.90
CA ALA B 724 11.82 13.96 -28.99
C ALA B 724 13.05 14.38 -28.21
N THR B 725 13.25 15.69 -28.09
CA THR B 725 14.37 16.23 -27.35
C THR B 725 14.09 17.68 -26.99
N HIS B 726 14.77 18.15 -25.95
CA HIS B 726 14.73 19.56 -25.61
C HIS B 726 15.84 20.36 -26.28
N TYR B 727 16.76 19.67 -26.95
CA TYR B 727 17.87 20.32 -27.65
C TYR B 727 17.33 21.15 -28.81
N PHE B 728 17.25 22.46 -28.63
CA PHE B 728 16.81 23.33 -29.72
C PHE B 728 17.88 23.43 -30.79
N GLU B 729 19.15 23.51 -30.39
CA GLU B 729 20.26 23.56 -31.33
C GLU B 729 20.40 22.23 -32.06
N LEU B 730 19.30 21.79 -32.66
CA LEU B 730 19.19 20.49 -33.31
C LEU B 730 17.91 20.49 -34.13
N THR B 731 17.10 21.53 -33.94
CA THR B 731 15.90 21.71 -34.73
C THR B 731 16.22 22.19 -36.15
N TYR B 732 17.48 22.52 -36.41
CA TYR B 732 17.93 22.93 -37.73
C TYR B 732 18.21 21.76 -38.67
N LEU B 733 18.11 20.53 -38.18
CA LEU B 733 18.43 19.37 -39.00
C LEU B 733 17.60 19.20 -40.27
N PRO B 734 16.31 19.59 -40.29
CA PRO B 734 15.60 19.57 -41.57
C PRO B 734 16.22 20.45 -42.66
N GLU B 735 17.04 21.42 -42.28
CA GLU B 735 17.77 22.23 -43.26
C GLU B 735 18.89 21.46 -43.94
N ALA B 736 19.26 20.30 -43.41
CA ALA B 736 20.34 19.48 -43.94
C ALA B 736 19.83 18.24 -44.70
N HIS B 737 18.88 17.51 -44.11
CA HIS B 737 18.37 16.27 -44.70
C HIS B 737 16.87 16.41 -44.93
N ALA B 738 16.45 16.33 -46.19
CA ALA B 738 15.05 16.57 -46.54
C ALA B 738 14.12 15.51 -45.99
N ALA B 739 14.64 14.29 -45.81
CA ALA B 739 13.81 13.19 -45.31
C ALA B 739 13.50 13.31 -43.81
N ALA B 740 14.16 14.22 -43.11
CA ALA B 740 13.97 14.41 -41.67
C ALA B 740 13.28 15.74 -41.41
N VAL B 741 11.97 15.70 -41.14
CA VAL B 741 11.16 16.88 -40.91
C VAL B 741 11.05 17.16 -39.41
N ASN B 742 10.67 18.38 -39.08
CA ASN B 742 10.64 18.83 -37.69
C ASN B 742 9.28 19.41 -37.34
N MET B 743 8.68 18.89 -36.28
CA MET B 743 7.40 19.39 -35.77
C MET B 743 7.49 19.64 -34.27
N HIS B 744 6.37 19.96 -33.63
CA HIS B 744 6.36 20.27 -32.21
C HIS B 744 4.95 20.19 -31.65
N LEU B 745 4.84 20.45 -30.35
CA LEU B 745 3.57 20.69 -29.67
C LEU B 745 3.71 21.98 -28.87
N SER B 746 2.66 22.80 -28.91
CA SER B 746 2.73 24.14 -28.35
C SER B 746 1.85 24.26 -27.12
N ALA B 747 1.94 25.41 -26.48
CA ALA B 747 1.10 25.77 -25.33
C ALA B 747 0.55 27.18 -25.52
N LEU B 748 -0.61 27.43 -24.92
CA LEU B 748 -1.20 28.76 -24.91
C LEU B 748 -1.88 28.98 -23.57
N GLU B 749 -2.71 30.02 -23.48
CA GLU B 749 -3.24 30.43 -22.17
C GLU B 749 -4.68 30.93 -22.25
N GLN B 750 -4.91 31.93 -23.10
CA GLN B 750 -6.17 32.69 -23.11
C GLN B 750 -6.51 33.16 -21.70
N GLY B 751 -5.49 33.58 -20.97
CA GLY B 751 -5.65 34.01 -19.59
C GLY B 751 -4.30 34.16 -18.94
N ARG B 752 -4.32 34.23 -17.61
CA ARG B 752 -3.10 34.43 -16.82
C ARG B 752 -2.43 33.13 -16.41
N ASP B 753 -2.69 32.04 -17.13
CA ASP B 753 -2.11 30.74 -16.82
C ASP B 753 -2.04 29.90 -18.08
N ILE B 754 -0.89 29.25 -18.28
CA ILE B 754 -0.64 28.50 -19.51
C ILE B 754 -1.22 27.10 -19.40
N VAL B 755 -1.95 26.68 -20.44
CA VAL B 755 -2.58 25.37 -20.50
C VAL B 755 -2.21 24.71 -21.83
N PHE B 756 -2.17 23.38 -21.84
CA PHE B 756 -1.92 22.61 -23.05
C PHE B 756 -3.19 21.87 -23.46
N LEU B 757 -3.64 22.12 -24.68
CA LEU B 757 -4.72 21.32 -25.25
C LEU B 757 -4.18 20.16 -26.09
N HIS B 758 -2.85 20.07 -26.20
CA HIS B 758 -2.17 18.91 -26.79
C HIS B 758 -2.49 18.73 -28.28
N GLN B 759 -2.12 19.75 -29.06
CA GLN B 759 -2.24 19.69 -30.52
C GLN B 759 -0.86 19.64 -31.15
N ILE B 760 -0.71 18.75 -32.14
CA ILE B 760 0.53 18.65 -32.87
C ILE B 760 0.60 19.80 -33.88
N GLN B 761 1.72 20.52 -33.87
CA GLN B 761 1.87 21.70 -34.70
C GLN B 761 3.21 21.63 -35.42
N PRO B 762 3.23 21.87 -36.74
CA PRO B 762 4.50 21.83 -37.46
C PRO B 762 5.43 22.97 -37.06
N GLY B 763 6.72 22.77 -37.29
CA GLY B 763 7.72 23.76 -36.93
C GLY B 763 8.30 23.51 -35.53
N PRO B 764 9.32 24.29 -35.16
CA PRO B 764 9.98 24.06 -33.87
C PRO B 764 9.24 24.67 -32.67
N ALA B 765 10.02 24.98 -31.63
CA ALA B 765 9.56 25.62 -30.38
C ALA B 765 9.19 27.10 -30.67
N GLY B 766 9.12 28.07 -29.73
CA GLY B 766 9.33 28.03 -28.27
C GLY B 766 9.41 29.48 -27.82
N LYS B 767 8.89 29.79 -26.63
CA LYS B 767 8.59 31.20 -26.31
C LYS B 767 9.60 32.01 -25.43
N SER B 768 9.99 31.59 -24.21
CA SER B 768 9.48 30.46 -23.45
C SER B 768 9.46 30.61 -21.90
N TYR B 769 8.95 31.70 -21.32
CA TYR B 769 8.65 32.99 -21.97
C TYR B 769 9.07 34.17 -21.08
N GLY B 770 8.45 34.42 -19.91
CA GLY B 770 7.32 33.69 -19.31
C GLY B 770 7.68 32.49 -18.45
N ILE B 771 7.89 32.60 -17.14
CA ILE B 771 7.97 33.84 -16.32
C ILE B 771 6.62 34.51 -16.07
N ALA B 772 6.21 34.46 -14.81
CA ALA B 772 5.06 35.19 -14.31
C ALA B 772 5.45 36.07 -13.14
N VAL B 773 6.74 36.10 -12.74
CA VAL B 773 7.24 37.08 -11.77
C VAL B 773 8.72 36.99 -11.49
N ALA B 774 9.57 36.96 -12.52
CA ALA B 774 10.98 36.59 -12.30
C ALA B 774 11.89 37.81 -12.22
N LYS B 775 11.52 38.79 -11.39
CA LYS B 775 12.27 40.03 -11.27
C LYS B 775 12.49 40.73 -12.63
N LEU B 776 13.41 41.67 -12.68
CA LEU B 776 13.64 42.48 -13.90
C LEU B 776 15.11 42.74 -14.12
N ALA B 777 15.99 42.02 -13.41
CA ALA B 777 17.43 42.09 -13.65
C ALA B 777 17.98 40.81 -14.29
N GLY B 778 17.21 39.72 -14.27
CA GLY B 778 17.55 38.50 -14.98
C GLY B 778 16.70 38.34 -16.24
N LEU B 779 15.72 39.22 -16.40
CA LEU B 779 14.87 39.20 -17.58
C LEU B 779 15.57 39.81 -18.81
N PRO B 780 16.19 40.99 -18.69
CA PRO B 780 16.90 41.54 -19.85
C PRO B 780 18.17 40.77 -20.21
N VAL B 781 18.47 39.68 -19.50
CA VAL B 781 19.44 38.71 -19.98
C VAL B 781 18.77 37.42 -20.46
N ARG B 782 17.62 37.08 -19.89
CA ARG B 782 16.83 35.96 -20.41
C ARG B 782 16.37 36.24 -21.84
N ALA B 783 16.04 37.49 -22.12
CA ALA B 783 15.74 37.90 -23.51
C ALA B 783 17.02 38.18 -24.28
N LEU B 784 18.09 38.58 -23.60
CA LEU B 784 19.39 38.80 -24.26
C LEU B 784 20.01 37.48 -24.70
N LYS B 785 20.26 36.58 -23.75
CA LYS B 785 20.90 35.32 -24.08
C LYS B 785 20.04 34.47 -25.02
N ALA B 786 18.72 34.65 -24.96
CA ALA B 786 17.82 34.05 -25.94
C ALA B 786 17.62 34.95 -27.15
N ALA B 787 18.56 35.87 -27.38
CA ALA B 787 18.71 36.57 -28.67
C ALA B 787 20.10 36.41 -29.24
N GLN B 788 21.08 36.07 -28.40
CA GLN B 788 22.37 35.52 -28.81
C GLN B 788 22.24 34.06 -29.35
N LYS B 789 21.03 33.66 -29.71
CA LYS B 789 20.82 32.48 -30.53
C LYS B 789 21.61 32.62 -31.82
N HIS B 790 22.93 32.47 -31.71
CA HIS B 790 23.89 32.81 -32.78
C HIS B 790 23.41 32.41 -34.16
#